data_1EOW
# 
_entry.id   1EOW 
# 
_audit_conform.dict_name       mmcif_pdbx.dic 
_audit_conform.dict_version    5.397 
_audit_conform.dict_location   http://mmcif.pdb.org/dictionaries/ascii/mmcif_pdbx.dic 
# 
loop_
_database_2.database_id 
_database_2.database_code 
_database_2.pdbx_database_accession 
_database_2.pdbx_DOI 
PDB   1EOW         pdb_00001eow 10.2210/pdb1eow/pdb 
RCSB  RCSB010782   ?            ?                   
WWPDB D_1000010782 ?            ?                   
# 
loop_
_pdbx_audit_revision_history.ordinal 
_pdbx_audit_revision_history.data_content_type 
_pdbx_audit_revision_history.major_revision 
_pdbx_audit_revision_history.minor_revision 
_pdbx_audit_revision_history.revision_date 
1 'Structure model' 1 0 2000-11-17 
2 'Structure model' 1 1 2008-04-27 
3 'Structure model' 1 2 2011-07-13 
4 'Structure model' 1 3 2024-10-30 
# 
_pdbx_audit_revision_details.ordinal             1 
_pdbx_audit_revision_details.revision_ordinal    1 
_pdbx_audit_revision_details.data_content_type   'Structure model' 
_pdbx_audit_revision_details.provider            repository 
_pdbx_audit_revision_details.type                'Initial release' 
_pdbx_audit_revision_details.description         ? 
_pdbx_audit_revision_details.details             ? 
# 
loop_
_pdbx_audit_revision_group.ordinal 
_pdbx_audit_revision_group.revision_ordinal 
_pdbx_audit_revision_group.data_content_type 
_pdbx_audit_revision_group.group 
1 2 'Structure model' 'Version format compliance' 
2 3 'Structure model' 'Version format compliance' 
3 4 'Structure model' 'Data collection'           
4 4 'Structure model' 'Database references'       
5 4 'Structure model' 'Derived calculations'      
6 4 'Structure model' 'Structure summary'         
# 
loop_
_pdbx_audit_revision_category.ordinal 
_pdbx_audit_revision_category.revision_ordinal 
_pdbx_audit_revision_category.data_content_type 
_pdbx_audit_revision_category.category 
1 4 'Structure model' chem_comp_atom            
2 4 'Structure model' chem_comp_bond            
3 4 'Structure model' database_2                
4 4 'Structure model' pdbx_entry_details        
5 4 'Structure model' pdbx_modification_feature 
6 4 'Structure model' struct_site               
# 
loop_
_pdbx_audit_revision_item.ordinal 
_pdbx_audit_revision_item.revision_ordinal 
_pdbx_audit_revision_item.data_content_type 
_pdbx_audit_revision_item.item 
1 4 'Structure model' '_database_2.pdbx_DOI'                
2 4 'Structure model' '_database_2.pdbx_database_accession' 
3 4 'Structure model' '_struct_site.pdbx_auth_asym_id'      
4 4 'Structure model' '_struct_site.pdbx_auth_comp_id'      
5 4 'Structure model' '_struct_site.pdbx_auth_seq_id'       
# 
_pdbx_database_status.status_code                     REL 
_pdbx_database_status.entry_id                        1EOW 
_pdbx_database_status.recvd_initial_deposition_date   2000-03-24 
_pdbx_database_status.deposit_site                    RCSB 
_pdbx_database_status.process_site                    RCSB 
_pdbx_database_status.SG_entry                        . 
_pdbx_database_status.pdb_format_compatible           Y 
_pdbx_database_status.status_code_mr                  ? 
_pdbx_database_status.status_code_sf                  ? 
_pdbx_database_status.status_code_cs                  ? 
_pdbx_database_status.status_code_nmr_data            ? 
_pdbx_database_status.methods_development_category    ? 
# 
_pdbx_database_related.db_name        PDB 
_pdbx_database_related.db_id          1eos 
_pdbx_database_related.details        '1EOS contains the same complex with productive binding' 
_pdbx_database_related.content_type   unspecified 
# 
loop_
_audit_author.name 
_audit_author.pdbx_ordinal 
'Vitagliano, L.' 1 
'Merlino, A.'    2 
'Zagari, A.'     3 
'Mazzarella, L.' 4 
# 
loop_
_citation.id 
_citation.title 
_citation.journal_abbrev 
_citation.journal_volume 
_citation.page_first 
_citation.page_last 
_citation.year 
_citation.journal_id_ASTM 
_citation.country 
_citation.journal_id_ISSN 
_citation.journal_id_CSD 
_citation.book_publisher 
_citation.pdbx_database_id_PubMed 
_citation.pdbx_database_id_DOI 
primary 
;Productive and nonproductive binding to ribonuclease A: X-ray structure of two complexes with uridylyl(2',5')guanosine.
;
'Protein Sci.' 9   1217 1225 2000 PRCIEI US 0961-8368 0795 ? 10892814 ?                      
1       'A Potential Allosteric Subsite Generated by Domain Swapping in Bovine Seminal Ribonuclease'                              
J.Mol.Biol.    293 569  577  1999 JMOBAK UK 0022-2836 0070 ? ?        10.1006/jmbi.1999.3158 
# 
loop_
_citation_author.citation_id 
_citation_author.name 
_citation_author.ordinal 
_citation_author.identifier_ORCID 
primary 'Vitagliano, L.' 1  ? 
primary 'Merlino, A.'    2  ? 
primary 'Zagari, A.'     3  ? 
primary 'Mazzarella, L.' 4  ? 
1       'Vitagliano, L.' 5  ? 
1       'Adinolfi, S.'   6  ? 
1       'Sica, F.'       7  ? 
1       'Merlino, A.'    8  ? 
1       'Zagari, A.'     9  ? 
1       'Mazzarella, L.' 10 ? 
# 
loop_
_entity.id 
_entity.type 
_entity.src_method 
_entity.pdbx_description 
_entity.formula_weight 
_entity.pdbx_number_of_molecules 
_entity.pdbx_ec 
_entity.pdbx_mutation 
_entity.pdbx_fragment 
_entity.details 
1 polymer     nat 'RIBONUCLEASE PANCREATIC'          13708.326 1  3.1.27.5 ? ? ? 
2 non-polymer syn 'SULFATE ION'                      96.063    1  ?        ? ? ? 
3 non-polymer syn "URIDYLYL-2'-5'-PHOSPHO-GUANOSINE" 589.407   1  ?        ? ? ? 
4 water       nat water                              18.015    72 ?        ? ? ? 
# 
_entity_poly.entity_id                      1 
_entity_poly.type                           'polypeptide(L)' 
_entity_poly.nstd_linkage                   no 
_entity_poly.nstd_monomer                   no 
_entity_poly.pdbx_seq_one_letter_code       
;KETAAAKFERQHMDSSTSAASSSNYCNQMMKSRNLTKDRCKPVNTFVHESLADVQAVCSQKNVACKNGQTNCYQSYSTMS
ITDCRETGSSKYPNCAYKTTQANKHIIVACEGNPYVPVHFDASV
;
_entity_poly.pdbx_seq_one_letter_code_can   
;KETAAAKFERQHMDSSTSAASSSNYCNQMMKSRNLTKDRCKPVNTFVHESLADVQAVCSQKNVACKNGQTNCYQSYSTMS
ITDCRETGSSKYPNCAYKTTQANKHIIVACEGNPYVPVHFDASV
;
_entity_poly.pdbx_strand_id                 A 
_entity_poly.pdbx_target_identifier         ? 
# 
loop_
_pdbx_entity_nonpoly.entity_id 
_pdbx_entity_nonpoly.name 
_pdbx_entity_nonpoly.comp_id 
2 'SULFATE ION'                      SO4 
3 "URIDYLYL-2'-5'-PHOSPHO-GUANOSINE" U2G 
4 water                              HOH 
# 
loop_
_entity_poly_seq.entity_id 
_entity_poly_seq.num 
_entity_poly_seq.mon_id 
_entity_poly_seq.hetero 
1 1   LYS n 
1 2   GLU n 
1 3   THR n 
1 4   ALA n 
1 5   ALA n 
1 6   ALA n 
1 7   LYS n 
1 8   PHE n 
1 9   GLU n 
1 10  ARG n 
1 11  GLN n 
1 12  HIS n 
1 13  MET n 
1 14  ASP n 
1 15  SER n 
1 16  SER n 
1 17  THR n 
1 18  SER n 
1 19  ALA n 
1 20  ALA n 
1 21  SER n 
1 22  SER n 
1 23  SER n 
1 24  ASN n 
1 25  TYR n 
1 26  CYS n 
1 27  ASN n 
1 28  GLN n 
1 29  MET n 
1 30  MET n 
1 31  LYS n 
1 32  SER n 
1 33  ARG n 
1 34  ASN n 
1 35  LEU n 
1 36  THR n 
1 37  LYS n 
1 38  ASP n 
1 39  ARG n 
1 40  CYS n 
1 41  LYS n 
1 42  PRO n 
1 43  VAL n 
1 44  ASN n 
1 45  THR n 
1 46  PHE n 
1 47  VAL n 
1 48  HIS n 
1 49  GLU n 
1 50  SER n 
1 51  LEU n 
1 52  ALA n 
1 53  ASP n 
1 54  VAL n 
1 55  GLN n 
1 56  ALA n 
1 57  VAL n 
1 58  CYS n 
1 59  SER n 
1 60  GLN n 
1 61  LYS n 
1 62  ASN n 
1 63  VAL n 
1 64  ALA n 
1 65  CYS n 
1 66  LYS n 
1 67  ASN n 
1 68  GLY n 
1 69  GLN n 
1 70  THR n 
1 71  ASN n 
1 72  CYS n 
1 73  TYR n 
1 74  GLN n 
1 75  SER n 
1 76  TYR n 
1 77  SER n 
1 78  THR n 
1 79  MET n 
1 80  SER n 
1 81  ILE n 
1 82  THR n 
1 83  ASP n 
1 84  CYS n 
1 85  ARG n 
1 86  GLU n 
1 87  THR n 
1 88  GLY n 
1 89  SER n 
1 90  SER n 
1 91  LYS n 
1 92  TYR n 
1 93  PRO n 
1 94  ASN n 
1 95  CYS n 
1 96  ALA n 
1 97  TYR n 
1 98  LYS n 
1 99  THR n 
1 100 THR n 
1 101 GLN n 
1 102 ALA n 
1 103 ASN n 
1 104 LYS n 
1 105 HIS n 
1 106 ILE n 
1 107 ILE n 
1 108 VAL n 
1 109 ALA n 
1 110 CYS n 
1 111 GLU n 
1 112 GLY n 
1 113 ASN n 
1 114 PRO n 
1 115 TYR n 
1 116 VAL n 
1 117 PRO n 
1 118 VAL n 
1 119 HIS n 
1 120 PHE n 
1 121 ASP n 
1 122 ALA n 
1 123 SER n 
1 124 VAL n 
# 
_entity_src_nat.entity_id                  1 
_entity_src_nat.pdbx_src_id                1 
_entity_src_nat.pdbx_alt_source_flag       sample 
_entity_src_nat.pdbx_beg_seq_num           ? 
_entity_src_nat.pdbx_end_seq_num           ? 
_entity_src_nat.common_name                cattle 
_entity_src_nat.pdbx_organism_scientific   'Bos taurus' 
_entity_src_nat.pdbx_ncbi_taxonomy_id      9913 
_entity_src_nat.genus                      Bos 
_entity_src_nat.species                    ? 
_entity_src_nat.strain                     ? 
_entity_src_nat.tissue                     ? 
_entity_src_nat.tissue_fraction            ? 
_entity_src_nat.pdbx_secretion             ? 
_entity_src_nat.pdbx_fragment              ? 
_entity_src_nat.pdbx_variant               ? 
_entity_src_nat.pdbx_cell_line             ? 
_entity_src_nat.pdbx_atcc                  ? 
_entity_src_nat.pdbx_cellular_location     ? 
_entity_src_nat.pdbx_organ                 PANCREAS 
_entity_src_nat.pdbx_organelle             ? 
_entity_src_nat.pdbx_cell                  ? 
_entity_src_nat.pdbx_plasmid_name          ? 
_entity_src_nat.pdbx_plasmid_details       ? 
_entity_src_nat.details                    ? 
# 
loop_
_chem_comp.id 
_chem_comp.type 
_chem_comp.mon_nstd_flag 
_chem_comp.name 
_chem_comp.pdbx_synonyms 
_chem_comp.formula 
_chem_comp.formula_weight 
ALA 'L-peptide linking' y ALANINE                            ?                                                               
'C3 H7 N O2'       89.093  
ARG 'L-peptide linking' y ARGININE                           ?                                                               
'C6 H15 N4 O2 1'   175.209 
ASN 'L-peptide linking' y ASPARAGINE                         ?                                                               
'C4 H8 N2 O3'      132.118 
ASP 'L-peptide linking' y 'ASPARTIC ACID'                    ?                                                               
'C4 H7 N O4'       133.103 
CYS 'L-peptide linking' y CYSTEINE                           ?                                                               
'C3 H7 N O2 S'     121.158 
GLN 'L-peptide linking' y GLUTAMINE                          ?                                                               
'C5 H10 N2 O3'     146.144 
GLU 'L-peptide linking' y 'GLUTAMIC ACID'                    ?                                                               
'C5 H9 N O4'       147.129 
GLY 'peptide linking'   y GLYCINE                            ?                                                               
'C2 H5 N O2'       75.067  
HIS 'L-peptide linking' y HISTIDINE                          ?                                                               
'C6 H10 N3 O2 1'   156.162 
HOH non-polymer         . WATER                              ?                                                               
'H2 O'             18.015  
ILE 'L-peptide linking' y ISOLEUCINE                         ?                                                               
'C6 H13 N O2'      131.173 
LEU 'L-peptide linking' y LEUCINE                            ?                                                               
'C6 H13 N O2'      131.173 
LYS 'L-peptide linking' y LYSINE                             ?                                                               
'C6 H15 N2 O2 1'   147.195 
MET 'L-peptide linking' y METHIONINE                         ?                                                               
'C5 H11 N O2 S'    149.211 
PHE 'L-peptide linking' y PHENYLALANINE                      ?                                                               
'C9 H11 N O2'      165.189 
PRO 'L-peptide linking' y PROLINE                            ?                                                               
'C5 H9 N O2'       115.130 
SER 'L-peptide linking' y SERINE                             ?                                                               
'C3 H7 N O3'       105.093 
SO4 non-polymer         . 'SULFATE ION'                      ?                                                               
'O4 S -2'          96.063  
THR 'L-peptide linking' y THREONINE                          ?                                                               
'C4 H9 N O3'       119.119 
TYR 'L-peptide linking' y TYROSINE                           ?                                                               
'C9 H11 N O3'      181.189 
U2G non-polymer         . "URIDYLYL-2'-5'-PHOSPHO-GUANOSINE" 
;PHOSPHORIC ACID-2'-[2'-DEOXY-URIDINE]ESTER-5'-GUANOSINE ESTER
;
'C19 H24 N7 O13 P' 589.407 
VAL 'L-peptide linking' y VALINE                             ?                                                               
'C5 H11 N O2'      117.146 
# 
loop_
_pdbx_poly_seq_scheme.asym_id 
_pdbx_poly_seq_scheme.entity_id 
_pdbx_poly_seq_scheme.seq_id 
_pdbx_poly_seq_scheme.mon_id 
_pdbx_poly_seq_scheme.ndb_seq_num 
_pdbx_poly_seq_scheme.pdb_seq_num 
_pdbx_poly_seq_scheme.auth_seq_num 
_pdbx_poly_seq_scheme.pdb_mon_id 
_pdbx_poly_seq_scheme.auth_mon_id 
_pdbx_poly_seq_scheme.pdb_strand_id 
_pdbx_poly_seq_scheme.pdb_ins_code 
_pdbx_poly_seq_scheme.hetero 
A 1 1   LYS 1   1   1   LYS LYS A . n 
A 1 2   GLU 2   2   2   GLU GLU A . n 
A 1 3   THR 3   3   3   THR THR A . n 
A 1 4   ALA 4   4   4   ALA ALA A . n 
A 1 5   ALA 5   5   5   ALA ALA A . n 
A 1 6   ALA 6   6   6   ALA ALA A . n 
A 1 7   LYS 7   7   7   LYS LYS A . n 
A 1 8   PHE 8   8   8   PHE PHE A . n 
A 1 9   GLU 9   9   9   GLU GLU A . n 
A 1 10  ARG 10  10  10  ARG ARG A . n 
A 1 11  GLN 11  11  11  GLN GLN A . n 
A 1 12  HIS 12  12  12  HIS HIS A . n 
A 1 13  MET 13  13  13  MET MET A . n 
A 1 14  ASP 14  14  14  ASP ASP A . n 
A 1 15  SER 15  15  15  SER SER A . n 
A 1 16  SER 16  16  16  SER SER A . n 
A 1 17  THR 17  17  17  THR THR A . n 
A 1 18  SER 18  18  18  SER SER A . n 
A 1 19  ALA 19  19  19  ALA ALA A . n 
A 1 20  ALA 20  20  20  ALA ALA A . n 
A 1 21  SER 21  21  21  SER SER A . n 
A 1 22  SER 22  22  22  SER SER A . n 
A 1 23  SER 23  23  23  SER SER A . n 
A 1 24  ASN 24  24  24  ASN ASN A . n 
A 1 25  TYR 25  25  25  TYR TYR A . n 
A 1 26  CYS 26  26  26  CYS CYS A . n 
A 1 27  ASN 27  27  27  ASN ASN A . n 
A 1 28  GLN 28  28  28  GLN GLN A . n 
A 1 29  MET 29  29  29  MET MET A . n 
A 1 30  MET 30  30  30  MET MET A . n 
A 1 31  LYS 31  31  31  LYS LYS A . n 
A 1 32  SER 32  32  32  SER SER A . n 
A 1 33  ARG 33  33  33  ARG ARG A . n 
A 1 34  ASN 34  34  34  ASN ASN A . n 
A 1 35  LEU 35  35  35  LEU LEU A . n 
A 1 36  THR 36  36  36  THR THR A . n 
A 1 37  LYS 37  37  37  LYS LYS A . n 
A 1 38  ASP 38  38  38  ASP ASP A . n 
A 1 39  ARG 39  39  39  ARG ARG A . n 
A 1 40  CYS 40  40  40  CYS CYS A . n 
A 1 41  LYS 41  41  41  LYS LYS A . n 
A 1 42  PRO 42  42  42  PRO PRO A . n 
A 1 43  VAL 43  43  43  VAL VAL A . n 
A 1 44  ASN 44  44  44  ASN ASN A . n 
A 1 45  THR 45  45  45  THR THR A . n 
A 1 46  PHE 46  46  46  PHE PHE A . n 
A 1 47  VAL 47  47  47  VAL VAL A . n 
A 1 48  HIS 48  48  48  HIS HIS A . n 
A 1 49  GLU 49  49  49  GLU GLU A . n 
A 1 50  SER 50  50  50  SER SER A . n 
A 1 51  LEU 51  51  51  LEU LEU A . n 
A 1 52  ALA 52  52  52  ALA ALA A . n 
A 1 53  ASP 53  53  53  ASP ASP A . n 
A 1 54  VAL 54  54  54  VAL VAL A . n 
A 1 55  GLN 55  55  55  GLN GLN A . n 
A 1 56  ALA 56  56  56  ALA ALA A . n 
A 1 57  VAL 57  57  57  VAL VAL A . n 
A 1 58  CYS 58  58  58  CYS CYS A . n 
A 1 59  SER 59  59  59  SER SER A . n 
A 1 60  GLN 60  60  60  GLN GLN A . n 
A 1 61  LYS 61  61  61  LYS LYS A . n 
A 1 62  ASN 62  62  62  ASN ASN A . n 
A 1 63  VAL 63  63  63  VAL VAL A . n 
A 1 64  ALA 64  64  64  ALA ALA A . n 
A 1 65  CYS 65  65  65  CYS CYS A . n 
A 1 66  LYS 66  66  66  LYS LYS A . n 
A 1 67  ASN 67  67  67  ASN ASN A . n 
A 1 68  GLY 68  68  68  GLY GLY A . n 
A 1 69  GLN 69  69  69  GLN GLN A . n 
A 1 70  THR 70  70  70  THR THR A . n 
A 1 71  ASN 71  71  71  ASN ASN A . n 
A 1 72  CYS 72  72  72  CYS CYS A . n 
A 1 73  TYR 73  73  73  TYR TYR A . n 
A 1 74  GLN 74  74  74  GLN GLN A . n 
A 1 75  SER 75  75  75  SER SER A . n 
A 1 76  TYR 76  76  76  TYR TYR A . n 
A 1 77  SER 77  77  77  SER SER A . n 
A 1 78  THR 78  78  78  THR THR A . n 
A 1 79  MET 79  79  79  MET MET A . n 
A 1 80  SER 80  80  80  SER SER A . n 
A 1 81  ILE 81  81  81  ILE ILE A . n 
A 1 82  THR 82  82  82  THR THR A . n 
A 1 83  ASP 83  83  83  ASP ASP A . n 
A 1 84  CYS 84  84  84  CYS CYS A . n 
A 1 85  ARG 85  85  85  ARG ARG A . n 
A 1 86  GLU 86  86  86  GLU GLU A . n 
A 1 87  THR 87  87  87  THR THR A . n 
A 1 88  GLY 88  88  88  GLY GLY A . n 
A 1 89  SER 89  89  89  SER SER A . n 
A 1 90  SER 90  90  90  SER SER A . n 
A 1 91  LYS 91  91  91  LYS LYS A . n 
A 1 92  TYR 92  92  92  TYR TYR A . n 
A 1 93  PRO 93  93  93  PRO PRO A . n 
A 1 94  ASN 94  94  94  ASN ASN A . n 
A 1 95  CYS 95  95  95  CYS CYS A . n 
A 1 96  ALA 96  96  96  ALA ALA A . n 
A 1 97  TYR 97  97  97  TYR TYR A . n 
A 1 98  LYS 98  98  98  LYS LYS A . n 
A 1 99  THR 99  99  99  THR THR A . n 
A 1 100 THR 100 100 100 THR THR A . n 
A 1 101 GLN 101 101 101 GLN GLN A . n 
A 1 102 ALA 102 102 102 ALA ALA A . n 
A 1 103 ASN 103 103 103 ASN ASN A . n 
A 1 104 LYS 104 104 104 LYS LYS A . n 
A 1 105 HIS 105 105 105 HIS HIS A . n 
A 1 106 ILE 106 106 106 ILE ILE A . n 
A 1 107 ILE 107 107 107 ILE ILE A . n 
A 1 108 VAL 108 108 108 VAL VAL A . n 
A 1 109 ALA 109 109 109 ALA ALA A . n 
A 1 110 CYS 110 110 110 CYS CYS A . n 
A 1 111 GLU 111 111 111 GLU GLU A . n 
A 1 112 GLY 112 112 112 GLY GLY A . n 
A 1 113 ASN 113 113 113 ASN ASN A . n 
A 1 114 PRO 114 114 114 PRO PRO A . n 
A 1 115 TYR 115 115 115 TYR TYR A . n 
A 1 116 VAL 116 116 116 VAL VAL A . n 
A 1 117 PRO 117 117 117 PRO PRO A . n 
A 1 118 VAL 118 118 118 VAL VAL A . n 
A 1 119 HIS 119 119 119 HIS HIS A . n 
A 1 120 PHE 120 120 120 PHE PHE A . n 
A 1 121 ASP 121 121 121 ASP ASP A . n 
A 1 122 ALA 122 122 122 ALA ALA A . n 
A 1 123 SER 123 123 123 SER SER A . n 
A 1 124 VAL 124 124 124 VAL VAL A . n 
# 
loop_
_pdbx_nonpoly_scheme.asym_id 
_pdbx_nonpoly_scheme.entity_id 
_pdbx_nonpoly_scheme.mon_id 
_pdbx_nonpoly_scheme.ndb_seq_num 
_pdbx_nonpoly_scheme.pdb_seq_num 
_pdbx_nonpoly_scheme.auth_seq_num 
_pdbx_nonpoly_scheme.pdb_mon_id 
_pdbx_nonpoly_scheme.auth_mon_id 
_pdbx_nonpoly_scheme.pdb_strand_id 
_pdbx_nonpoly_scheme.pdb_ins_code 
B 2 SO4 1  125 125 SO4 SO4 A . 
C 3 U2G 1  130 130 U2G U2G A . 
D 4 HOH 1  201 201 HOH HOH A . 
D 4 HOH 2  202 202 HOH HOH A . 
D 4 HOH 3  204 204 HOH HOH A . 
D 4 HOH 4  205 205 HOH HOH A . 
D 4 HOH 5  206 206 HOH HOH A . 
D 4 HOH 6  209 209 HOH HOH A . 
D 4 HOH 7  210 210 HOH HOH A . 
D 4 HOH 8  211 211 HOH HOH A . 
D 4 HOH 9  212 212 HOH HOH A . 
D 4 HOH 10 213 213 HOH HOH A . 
D 4 HOH 11 214 214 HOH HOH A . 
D 4 HOH 12 215 215 HOH HOH A . 
D 4 HOH 13 216 216 HOH HOH A . 
D 4 HOH 14 217 217 HOH HOH A . 
D 4 HOH 15 218 218 HOH HOH A . 
D 4 HOH 16 219 219 HOH HOH A . 
D 4 HOH 17 220 220 HOH HOH A . 
D 4 HOH 18 221 221 HOH HOH A . 
D 4 HOH 19 222 222 HOH HOH A . 
D 4 HOH 20 223 223 HOH HOH A . 
D 4 HOH 21 224 224 HOH HOH A . 
D 4 HOH 22 229 229 HOH HOH A . 
D 4 HOH 23 231 231 HOH HOH A . 
D 4 HOH 24 233 233 HOH HOH A . 
D 4 HOH 25 238 238 HOH HOH A . 
D 4 HOH 26 242 242 HOH HOH A . 
D 4 HOH 27 246 246 HOH HOH A . 
D 4 HOH 28 247 247 HOH HOH A . 
D 4 HOH 29 248 248 HOH HOH A . 
D 4 HOH 30 252 252 HOH HOH A . 
D 4 HOH 31 253 253 HOH HOH A . 
D 4 HOH 32 256 256 HOH HOH A . 
D 4 HOH 33 276 276 HOH HOH A . 
D 4 HOH 34 277 277 HOH HOH A . 
D 4 HOH 35 280 280 HOH HOH A . 
D 4 HOH 36 284 284 HOH HOH A . 
D 4 HOH 37 293 293 HOH HOH A . 
D 4 HOH 38 295 295 HOH HOH A . 
D 4 HOH 39 296 296 HOH HOH A . 
D 4 HOH 40 297 297 HOH HOH A . 
D 4 HOH 41 305 305 HOH HOH A . 
D 4 HOH 42 306 306 HOH HOH A . 
D 4 HOH 43 312 312 HOH HOH A . 
D 4 HOH 44 326 326 HOH HOH A . 
D 4 HOH 45 327 327 HOH HOH A . 
D 4 HOH 46 337 337 HOH HOH A . 
D 4 HOH 47 344 344 HOH HOH A . 
D 4 HOH 48 346 346 HOH HOH A . 
D 4 HOH 49 348 348 HOH HOH A . 
D 4 HOH 50 358 358 HOH HOH A . 
D 4 HOH 51 361 361 HOH HOH A . 
D 4 HOH 52 362 362 HOH HOH A . 
D 4 HOH 53 363 363 HOH HOH A . 
D 4 HOH 54 365 365 HOH HOH A . 
D 4 HOH 55 366 366 HOH HOH A . 
D 4 HOH 56 367 367 HOH HOH A . 
D 4 HOH 57 368 368 HOH HOH A . 
D 4 HOH 58 369 369 HOH HOH A . 
D 4 HOH 59 370 370 HOH HOH A . 
D 4 HOH 60 371 371 HOH HOH A . 
D 4 HOH 61 372 372 HOH HOH A . 
D 4 HOH 62 373 373 HOH HOH A . 
D 4 HOH 63 374 374 HOH HOH A . 
D 4 HOH 64 375 375 HOH HOH A . 
D 4 HOH 65 376 376 HOH HOH A . 
D 4 HOH 66 377 377 HOH HOH A . 
D 4 HOH 67 378 378 HOH HOH A . 
D 4 HOH 68 379 379 HOH HOH A . 
D 4 HOH 69 380 380 HOH HOH A . 
D 4 HOH 70 381 381 HOH HOH A . 
D 4 HOH 71 382 382 HOH HOH A . 
D 4 HOH 72 383 383 HOH HOH A . 
# 
loop_
_pdbx_unobs_or_zero_occ_atoms.id 
_pdbx_unobs_or_zero_occ_atoms.PDB_model_num 
_pdbx_unobs_or_zero_occ_atoms.polymer_flag 
_pdbx_unobs_or_zero_occ_atoms.occupancy_flag 
_pdbx_unobs_or_zero_occ_atoms.auth_asym_id 
_pdbx_unobs_or_zero_occ_atoms.auth_comp_id 
_pdbx_unobs_or_zero_occ_atoms.auth_seq_id 
_pdbx_unobs_or_zero_occ_atoms.PDB_ins_code 
_pdbx_unobs_or_zero_occ_atoms.auth_atom_id 
_pdbx_unobs_or_zero_occ_atoms.label_alt_id 
_pdbx_unobs_or_zero_occ_atoms.label_asym_id 
_pdbx_unobs_or_zero_occ_atoms.label_comp_id 
_pdbx_unobs_or_zero_occ_atoms.label_seq_id 
_pdbx_unobs_or_zero_occ_atoms.label_atom_id 
1  1 N 1 A U2G 130 ? P   ? C U2G 1 P   
2  1 N 1 A U2G 130 ? O1P ? C U2G 1 O1P 
3  1 N 1 A U2G 130 ? O2P ? C U2G 1 O2P 
4  1 N 1 A U2G 130 ? O5D ? C U2G 1 O5D 
5  1 N 1 A U2G 130 ? C5D ? C U2G 1 C5D 
6  1 N 1 A U2G 130 ? C4D ? C U2G 1 C4D 
7  1 N 1 A U2G 130 ? O4D ? C U2G 1 O4D 
8  1 N 1 A U2G 130 ? C3D ? C U2G 1 C3D 
9  1 N 1 A U2G 130 ? O3D ? C U2G 1 O3D 
10 1 N 1 A U2G 130 ? C2D ? C U2G 1 C2D 
11 1 N 1 A U2G 130 ? O2D ? C U2G 1 O2D 
12 1 N 1 A U2G 130 ? C1D ? C U2G 1 C1D 
13 1 N 1 A U2G 130 ? N1U ? C U2G 1 N1U 
14 1 N 1 A U2G 130 ? C2U ? C U2G 1 C2U 
15 1 N 1 A U2G 130 ? O2U ? C U2G 1 O2U 
16 1 N 1 A U2G 130 ? N3U ? C U2G 1 N3U 
17 1 N 1 A U2G 130 ? C4U ? C U2G 1 C4U 
18 1 N 1 A U2G 130 ? O4U ? C U2G 1 O4U 
19 1 N 1 A U2G 130 ? C5U ? C U2G 1 C5U 
20 1 N 1 A U2G 130 ? C6U ? C U2G 1 C6U 
# 
loop_
_software.name 
_software.classification 
_software.version 
_software.citation_id 
_software.pdbx_ordinal 
DENZO     'data reduction' .   ? 1 
SCALEPACK 'data scaling'   .   ? 2 
X-PLOR    'model building' .   ? 3 
X-PLOR    refinement       3.1 ? 4 
X-PLOR    phasing          .   ? 5 
# 
_cell.entry_id           1EOW 
_cell.length_a           30.340 
_cell.length_b           38.350 
_cell.length_c           53.850 
_cell.angle_alpha        90.00 
_cell.angle_beta         106.80 
_cell.angle_gamma        90.00 
_cell.Z_PDB              2 
_cell.pdbx_unique_axis   ? 
# 
_symmetry.entry_id                         1EOW 
_symmetry.space_group_name_H-M             'P 1 21 1' 
_symmetry.pdbx_full_space_group_name_H-M   ? 
_symmetry.cell_setting                     ? 
_symmetry.Int_Tables_number                4 
# 
_exptl.entry_id          1EOW 
_exptl.method            'X-RAY DIFFRACTION' 
_exptl.crystals_number   1 
# 
_exptl_crystal.id                    1 
_exptl_crystal.density_meas          ? 
_exptl_crystal.density_percent_sol   43.76 
_exptl_crystal.density_Matthews      2.19 
_exptl_crystal.description           ? 
# 
_exptl_crystal_grow.crystal_id      1 
_exptl_crystal_grow.method          'FREE INTERFACE DIFFUSION' 
_exptl_crystal_grow.pH              5.5 
_exptl_crystal_grow.temp            298.0 
_exptl_crystal_grow.temp_details    ? 
_exptl_crystal_grow.pdbx_details    '2-METHYL-2-PROPANOL, pH 5.5, FREE INTERFACE DIFFUSION, temperature 298.0K' 
_exptl_crystal_grow.pdbx_pH_range   ? 
# 
_diffrn.id                     1 
_diffrn.ambient_temp           298.0 
_diffrn.ambient_temp_details   ? 
_diffrn.crystal_id             1 
# 
_diffrn_detector.diffrn_id              1 
_diffrn_detector.detector               'IMAGE PLATE' 
_diffrn_detector.type                   'MAC Science DIP-2030B' 
_diffrn_detector.pdbx_collection_date   1998-04-20 
_diffrn_detector.details                ? 
# 
_diffrn_radiation.diffrn_id                        1 
_diffrn_radiation.wavelength_id                    1 
_diffrn_radiation.monochromator                    ? 
_diffrn_radiation.pdbx_monochromatic_or_laue_m_l   M 
_diffrn_radiation.pdbx_diffrn_protocol             'SINGLE WAVELENGTH' 
_diffrn_radiation.pdbx_scattering_type             x-ray 
# 
_diffrn_radiation_wavelength.id           1 
_diffrn_radiation_wavelength.wavelength   1.5418 
_diffrn_radiation_wavelength.wt           1.0 
# 
_diffrn_source.diffrn_id                   1 
_diffrn_source.source                      'ROTATING ANODE' 
_diffrn_source.type                        'ENRAF-NONIUS FR591' 
_diffrn_source.pdbx_wavelength             1.5418 
_diffrn_source.pdbx_synchrotron_site       ? 
_diffrn_source.pdbx_synchrotron_beamline   ? 
_diffrn_source.pdbx_wavelength_list        ? 
# 
_reflns.entry_id                     1EOW 
_reflns.observed_criterion_sigma_I   0.0 
_reflns.observed_criterion_sigma_F   ? 
_reflns.d_resolution_low             15.0 
_reflns.d_resolution_high            1.8 
_reflns.number_obs                   10866 
_reflns.number_all                   10866 
_reflns.percent_possible_obs         96.4 
_reflns.pdbx_Rmerge_I_obs            0.068 
_reflns.pdbx_Rsym_value              ? 
_reflns.pdbx_netI_over_sigmaI        14.1 
_reflns.B_iso_Wilson_estimate        ? 
_reflns.pdbx_redundancy              5.6 
_reflns.R_free_details               ? 
_reflns.limit_h_max                  ? 
_reflns.limit_h_min                  ? 
_reflns.limit_k_max                  ? 
_reflns.limit_k_min                  ? 
_reflns.limit_l_max                  ? 
_reflns.limit_l_min                  ? 
_reflns.observed_criterion_F_max     ? 
_reflns.observed_criterion_F_min     ? 
_reflns.pdbx_diffrn_id               1 
_reflns.pdbx_ordinal                 1 
# 
_reflns_shell.d_res_high             1.80 
_reflns_shell.d_res_low              1.86 
_reflns_shell.percent_possible_obs   ? 
_reflns_shell.percent_possible_all   92.7 
_reflns_shell.Rmerge_I_obs           0.112 
_reflns_shell.meanI_over_sigI_obs    ? 
_reflns_shell.pdbx_Rsym_value        ? 
_reflns_shell.pdbx_redundancy        2.3 
_reflns_shell.number_unique_all      1011 
_reflns_shell.pdbx_diffrn_id         ? 
_reflns_shell.pdbx_ordinal           1 
# 
_refine.entry_id                                 1EOW 
_refine.ls_number_reflns_obs                     10305 
_refine.ls_number_reflns_all                     10708 
_refine.pdbx_ls_sigma_I                          ? 
_refine.pdbx_ls_sigma_F                          2.0 
_refine.pdbx_data_cutoff_high_absF               ? 
_refine.pdbx_data_cutoff_low_absF                ? 
_refine.ls_d_res_low                             8.0 
_refine.ls_d_res_high                            2.0 
_refine.ls_percent_reflns_obs                    ? 
_refine.ls_R_factor_obs                          0.187 
_refine.ls_R_factor_all                          ? 
_refine.ls_R_factor_R_work                       0.187 
_refine.ls_R_factor_R_free                       ? 
_refine.ls_R_factor_R_free_error                 ? 
_refine.ls_R_factor_R_free_error_details         ? 
_refine.ls_percent_reflns_R_free                 ? 
_refine.ls_number_reflns_R_free                  ? 
_refine.ls_number_parameters                     ? 
_refine.ls_number_restraints                     ? 
_refine.occupancy_min                            ? 
_refine.occupancy_max                            ? 
_refine.B_iso_mean                               ? 
_refine.aniso_B[1][1]                            ? 
_refine.aniso_B[2][2]                            ? 
_refine.aniso_B[3][3]                            ? 
_refine.aniso_B[1][2]                            ? 
_refine.aniso_B[1][3]                            ? 
_refine.aniso_B[2][3]                            ? 
_refine.solvent_model_details                    ? 
_refine.solvent_model_param_ksol                 ? 
_refine.solvent_model_param_bsol                 ? 
_refine.pdbx_ls_cross_valid_method               ? 
_refine.details                                  ? 
_refine.pdbx_starting_model                      ? 
_refine.pdbx_method_to_determine_struct          ? 
_refine.pdbx_isotropic_thermal_model             ? 
_refine.pdbx_stereochemistry_target_values       'Engh & Huber' 
_refine.pdbx_stereochem_target_val_spec_case     ? 
_refine.pdbx_R_Free_selection_details            ? 
_refine.pdbx_overall_ESU_R_Free                  ? 
_refine.overall_SU_B                             ? 
_refine.ls_redundancy_reflns_obs                 ? 
_refine.B_iso_min                                ? 
_refine.B_iso_max                                ? 
_refine.overall_SU_ML                            ? 
_refine.pdbx_overall_ESU_R                       ? 
_refine.pdbx_data_cutoff_high_rms_absF           ? 
_refine.pdbx_refine_id                           'X-RAY DIFFRACTION' 
_refine.pdbx_diffrn_id                           1 
_refine.pdbx_TLS_residual_ADP_flag               ? 
_refine.correlation_coeff_Fo_to_Fc               ? 
_refine.correlation_coeff_Fo_to_Fc_free          ? 
_refine.pdbx_solvent_vdw_probe_radii             ? 
_refine.pdbx_solvent_ion_probe_radii             ? 
_refine.pdbx_solvent_shrinkage_radii             ? 
_refine.pdbx_overall_phase_error                 ? 
_refine.overall_SU_R_Cruickshank_DPI             ? 
_refine.pdbx_overall_SU_R_free_Cruickshank_DPI   ? 
_refine.pdbx_overall_SU_R_Blow_DPI               ? 
_refine.pdbx_overall_SU_R_free_Blow_DPI          ? 
# 
_refine_hist.pdbx_refine_id                   'X-RAY DIFFRACTION' 
_refine_hist.cycle_id                         LAST 
_refine_hist.pdbx_number_atoms_protein        951 
_refine_hist.pdbx_number_atoms_nucleic_acid   0 
_refine_hist.pdbx_number_atoms_ligand         25 
_refine_hist.number_atoms_solvent             72 
_refine_hist.number_atoms_total               1048 
_refine_hist.d_res_high                       2.0 
_refine_hist.d_res_low                        8.0 
# 
loop_
_refine_ls_restr.type 
_refine_ls_restr.dev_ideal 
_refine_ls_restr.dev_ideal_target 
_refine_ls_restr.weight 
_refine_ls_restr.number 
_refine_ls_restr.pdbx_refine_id 
_refine_ls_restr.pdbx_restraint_function 
x_bond_d           0.013 ? ? ? 'X-RAY DIFFRACTION' ? 
x_angle_deg        1.85  ? ? ? 'X-RAY DIFFRACTION' ? 
x_dihedral_angle_d 24.0  ? ? ? 'X-RAY DIFFRACTION' ? 
# 
_refine_ls_shell.R_factor_R_free                  ? 
_refine_ls_shell.R_factor_R_free_error            ? 
_refine_ls_shell.R_factor_R_work                  0.259 
_refine_ls_shell.d_res_high                       1.80 
_refine_ls_shell.d_res_low                        1.88 
_refine_ls_shell.pdbx_total_number_of_bins_used   8 
_refine_ls_shell.number_reflns_R_free             ? 
_refine_ls_shell.number_reflns_R_work             1216 
_refine_ls_shell.percent_reflns_R_free            ? 
_refine_ls_shell.percent_reflns_obs               90 
_refine_ls_shell.redundancy_reflns_obs            ? 
_refine_ls_shell.number_reflns_all                ? 
_refine_ls_shell.number_reflns_obs                ? 
_refine_ls_shell.pdbx_refine_id                   'X-RAY DIFFRACTION' 
_refine_ls_shell.R_factor_all                     ? 
# 
_struct.entry_id                  1EOW 
_struct.title                     
;CRYSTAL STRUCTURE OF RIBONUCLEASE A COMPLEXED WITH URIDYLYL(2',5')GUANOSINE (NON-PRODUCTIVE BINDING)
;
_struct.pdbx_model_details        ? 
_struct.pdbx_CASP_flag            ? 
_struct.pdbx_model_type_details   ? 
# 
_struct_keywords.entry_id        1EOW 
_struct_keywords.pdbx_keywords   HYDROLASE 
_struct_keywords.text            'NON-PRODUCTIVE BINDING, PROTEIN-NUCLEOTIDE INTERACTIONS, HYDROLASE' 
# 
loop_
_struct_asym.id 
_struct_asym.pdbx_blank_PDB_chainid_flag 
_struct_asym.pdbx_modified 
_struct_asym.entity_id 
_struct_asym.details 
A N N 1 ? 
B N N 2 ? 
C N N 3 ? 
D N N 4 ? 
# 
_struct_ref.id                         1 
_struct_ref.db_code                    RNAS1_BOVIN 
_struct_ref.db_name                    UNP 
_struct_ref.entity_id                  1 
_struct_ref.pdbx_db_accession          P61823 
_struct_ref.pdbx_align_begin           ? 
_struct_ref.pdbx_seq_one_letter_code   ? 
_struct_ref.pdbx_db_isoform            ? 
# 
_struct_ref_seq.align_id                      1 
_struct_ref_seq.ref_id                        1 
_struct_ref_seq.pdbx_PDB_id_code              1EOW 
_struct_ref_seq.pdbx_strand_id                A 
_struct_ref_seq.seq_align_beg                 1 
_struct_ref_seq.pdbx_seq_align_beg_ins_code   ? 
_struct_ref_seq.seq_align_end                 124 
_struct_ref_seq.pdbx_seq_align_end_ins_code   ? 
_struct_ref_seq.pdbx_db_accession             P61823 
_struct_ref_seq.db_align_beg                  27 
_struct_ref_seq.pdbx_db_align_beg_ins_code    ? 
_struct_ref_seq.db_align_end                  150 
_struct_ref_seq.pdbx_db_align_end_ins_code    ? 
_struct_ref_seq.pdbx_auth_seq_align_beg       1 
_struct_ref_seq.pdbx_auth_seq_align_end       124 
# 
_pdbx_struct_assembly.id                   1 
_pdbx_struct_assembly.details              author_defined_assembly 
_pdbx_struct_assembly.method_details       ? 
_pdbx_struct_assembly.oligomeric_details   monomeric 
_pdbx_struct_assembly.oligomeric_count     1 
# 
_pdbx_struct_assembly_gen.assembly_id       1 
_pdbx_struct_assembly_gen.oper_expression   1 
_pdbx_struct_assembly_gen.asym_id_list      A,B,C,D 
# 
_pdbx_struct_oper_list.id                   1 
_pdbx_struct_oper_list.type                 'identity operation' 
_pdbx_struct_oper_list.name                 1_555 
_pdbx_struct_oper_list.symmetry_operation   x,y,z 
_pdbx_struct_oper_list.matrix[1][1]         1.0000000000 
_pdbx_struct_oper_list.matrix[1][2]         0.0000000000 
_pdbx_struct_oper_list.matrix[1][3]         0.0000000000 
_pdbx_struct_oper_list.vector[1]            0.0000000000 
_pdbx_struct_oper_list.matrix[2][1]         0.0000000000 
_pdbx_struct_oper_list.matrix[2][2]         1.0000000000 
_pdbx_struct_oper_list.matrix[2][3]         0.0000000000 
_pdbx_struct_oper_list.vector[2]            0.0000000000 
_pdbx_struct_oper_list.matrix[3][1]         0.0000000000 
_pdbx_struct_oper_list.matrix[3][2]         0.0000000000 
_pdbx_struct_oper_list.matrix[3][3]         1.0000000000 
_pdbx_struct_oper_list.vector[3]            0.0000000000 
# 
_struct_biol.id                    1 
_struct_biol.details               ? 
_struct_biol.pdbx_parent_biol_id   ? 
# 
loop_
_struct_conf.conf_type_id 
_struct_conf.id 
_struct_conf.pdbx_PDB_helix_id 
_struct_conf.beg_label_comp_id 
_struct_conf.beg_label_asym_id 
_struct_conf.beg_label_seq_id 
_struct_conf.pdbx_beg_PDB_ins_code 
_struct_conf.end_label_comp_id 
_struct_conf.end_label_asym_id 
_struct_conf.end_label_seq_id 
_struct_conf.pdbx_end_PDB_ins_code 
_struct_conf.beg_auth_comp_id 
_struct_conf.beg_auth_asym_id 
_struct_conf.beg_auth_seq_id 
_struct_conf.end_auth_comp_id 
_struct_conf.end_auth_asym_id 
_struct_conf.end_auth_seq_id 
_struct_conf.pdbx_PDB_helix_class 
_struct_conf.details 
_struct_conf.pdbx_PDB_helix_length 
HELX_P HELX_P1 1 THR A 3  ? MET A 13 ? THR A 3  MET A 13 1 ? 11 
HELX_P HELX_P2 2 ASN A 24 ? ARG A 33 ? ASN A 24 ARG A 33 1 ? 10 
HELX_P HELX_P3 3 SER A 50 ? ALA A 56 ? SER A 50 ALA A 56 1 ? 7  
HELX_P HELX_P4 4 VAL A 57 ? GLN A 60 ? VAL A 57 GLN A 60 5 ? 4  
# 
_struct_conf_type.id          HELX_P 
_struct_conf_type.criteria    ? 
_struct_conf_type.reference   ? 
# 
loop_
_struct_conn.id 
_struct_conn.conn_type_id 
_struct_conn.pdbx_leaving_atom_flag 
_struct_conn.pdbx_PDB_id 
_struct_conn.ptnr1_label_asym_id 
_struct_conn.ptnr1_label_comp_id 
_struct_conn.ptnr1_label_seq_id 
_struct_conn.ptnr1_label_atom_id 
_struct_conn.pdbx_ptnr1_label_alt_id 
_struct_conn.pdbx_ptnr1_PDB_ins_code 
_struct_conn.pdbx_ptnr1_standard_comp_id 
_struct_conn.ptnr1_symmetry 
_struct_conn.ptnr2_label_asym_id 
_struct_conn.ptnr2_label_comp_id 
_struct_conn.ptnr2_label_seq_id 
_struct_conn.ptnr2_label_atom_id 
_struct_conn.pdbx_ptnr2_label_alt_id 
_struct_conn.pdbx_ptnr2_PDB_ins_code 
_struct_conn.ptnr1_auth_asym_id 
_struct_conn.ptnr1_auth_comp_id 
_struct_conn.ptnr1_auth_seq_id 
_struct_conn.ptnr2_auth_asym_id 
_struct_conn.ptnr2_auth_comp_id 
_struct_conn.ptnr2_auth_seq_id 
_struct_conn.ptnr2_symmetry 
_struct_conn.pdbx_ptnr3_label_atom_id 
_struct_conn.pdbx_ptnr3_label_seq_id 
_struct_conn.pdbx_ptnr3_label_comp_id 
_struct_conn.pdbx_ptnr3_label_asym_id 
_struct_conn.pdbx_ptnr3_label_alt_id 
_struct_conn.pdbx_ptnr3_PDB_ins_code 
_struct_conn.details 
_struct_conn.pdbx_dist_value 
_struct_conn.pdbx_value_order 
_struct_conn.pdbx_role 
disulf1 disulf ? ? A CYS 26 SG ? ? ? 1_555 A CYS 84  SG ? ? A CYS 26 A CYS 84  1_555 ? ? ? ? ? ? ? 2.043 ? ? 
disulf2 disulf ? ? A CYS 40 SG ? ? ? 1_555 A CYS 95  SG ? ? A CYS 40 A CYS 95  1_555 ? ? ? ? ? ? ? 2.016 ? ? 
disulf3 disulf ? ? A CYS 58 SG ? ? ? 1_555 A CYS 110 SG ? ? A CYS 58 A CYS 110 1_555 ? ? ? ? ? ? ? 2.018 ? ? 
disulf4 disulf ? ? A CYS 65 SG ? ? ? 1_555 A CYS 72  SG ? ? A CYS 65 A CYS 72  1_555 ? ? ? ? ? ? ? 2.005 ? ? 
# 
_struct_conn_type.id          disulf 
_struct_conn_type.criteria    ? 
_struct_conn_type.reference   ? 
# 
loop_
_pdbx_modification_feature.ordinal 
_pdbx_modification_feature.label_comp_id 
_pdbx_modification_feature.label_asym_id 
_pdbx_modification_feature.label_seq_id 
_pdbx_modification_feature.label_alt_id 
_pdbx_modification_feature.modified_residue_label_comp_id 
_pdbx_modification_feature.modified_residue_label_asym_id 
_pdbx_modification_feature.modified_residue_label_seq_id 
_pdbx_modification_feature.modified_residue_label_alt_id 
_pdbx_modification_feature.auth_comp_id 
_pdbx_modification_feature.auth_asym_id 
_pdbx_modification_feature.auth_seq_id 
_pdbx_modification_feature.PDB_ins_code 
_pdbx_modification_feature.symmetry 
_pdbx_modification_feature.modified_residue_auth_comp_id 
_pdbx_modification_feature.modified_residue_auth_asym_id 
_pdbx_modification_feature.modified_residue_auth_seq_id 
_pdbx_modification_feature.modified_residue_PDB_ins_code 
_pdbx_modification_feature.modified_residue_symmetry 
_pdbx_modification_feature.comp_id_linking_atom 
_pdbx_modification_feature.modified_residue_id_linking_atom 
_pdbx_modification_feature.modified_residue_id 
_pdbx_modification_feature.ref_pcm_id 
_pdbx_modification_feature.ref_comp_id 
_pdbx_modification_feature.type 
_pdbx_modification_feature.category 
1 CYS A 26 ? CYS A 84  ? CYS A 26 ? 1_555 CYS A 84  ? 1_555 SG SG . . . None 'Disulfide bridge' 
2 CYS A 40 ? CYS A 95  ? CYS A 40 ? 1_555 CYS A 95  ? 1_555 SG SG . . . None 'Disulfide bridge' 
3 CYS A 58 ? CYS A 110 ? CYS A 58 ? 1_555 CYS A 110 ? 1_555 SG SG . . . None 'Disulfide bridge' 
4 CYS A 65 ? CYS A 72  ? CYS A 65 ? 1_555 CYS A 72  ? 1_555 SG SG . . . None 'Disulfide bridge' 
# 
loop_
_struct_mon_prot_cis.pdbx_id 
_struct_mon_prot_cis.label_comp_id 
_struct_mon_prot_cis.label_seq_id 
_struct_mon_prot_cis.label_asym_id 
_struct_mon_prot_cis.label_alt_id 
_struct_mon_prot_cis.pdbx_PDB_ins_code 
_struct_mon_prot_cis.auth_comp_id 
_struct_mon_prot_cis.auth_seq_id 
_struct_mon_prot_cis.auth_asym_id 
_struct_mon_prot_cis.pdbx_label_comp_id_2 
_struct_mon_prot_cis.pdbx_label_seq_id_2 
_struct_mon_prot_cis.pdbx_label_asym_id_2 
_struct_mon_prot_cis.pdbx_PDB_ins_code_2 
_struct_mon_prot_cis.pdbx_auth_comp_id_2 
_struct_mon_prot_cis.pdbx_auth_seq_id_2 
_struct_mon_prot_cis.pdbx_auth_asym_id_2 
_struct_mon_prot_cis.pdbx_PDB_model_num 
_struct_mon_prot_cis.pdbx_omega_angle 
1 TYR 92  A . ? TYR 92  A PRO 93  A ? PRO 93  A 1 0.77 
2 ASN 113 A . ? ASN 113 A PRO 114 A ? PRO 114 A 1 0.07 
# 
loop_
_struct_sheet.id 
_struct_sheet.type 
_struct_sheet.number_strands 
_struct_sheet.details 
A ? 3 ? 
B ? 4 ? 
# 
loop_
_struct_sheet_order.sheet_id 
_struct_sheet_order.range_id_1 
_struct_sheet_order.range_id_2 
_struct_sheet_order.offset 
_struct_sheet_order.sense 
A 1 2 ? anti-parallel 
A 2 3 ? anti-parallel 
B 1 2 ? anti-parallel 
B 2 3 ? anti-parallel 
B 3 4 ? anti-parallel 
# 
loop_
_struct_sheet_range.sheet_id 
_struct_sheet_range.id 
_struct_sheet_range.beg_label_comp_id 
_struct_sheet_range.beg_label_asym_id 
_struct_sheet_range.beg_label_seq_id 
_struct_sheet_range.pdbx_beg_PDB_ins_code 
_struct_sheet_range.end_label_comp_id 
_struct_sheet_range.end_label_asym_id 
_struct_sheet_range.end_label_seq_id 
_struct_sheet_range.pdbx_end_PDB_ins_code 
_struct_sheet_range.beg_auth_comp_id 
_struct_sheet_range.beg_auth_asym_id 
_struct_sheet_range.beg_auth_seq_id 
_struct_sheet_range.end_auth_comp_id 
_struct_sheet_range.end_auth_asym_id 
_struct_sheet_range.end_auth_seq_id 
A 1 VAL A 43  ? VAL A 47  ? VAL A 43  VAL A 47  
A 2 MET A 79  ? GLU A 86  ? MET A 79  GLU A 86  
A 3 TYR A 97  ? LYS A 104 ? TYR A 97  LYS A 104 
B 1 LYS A 61  ? VAL A 63  ? LYS A 61  VAL A 63  
B 2 CYS A 72  ? GLN A 74  ? CYS A 72  GLN A 74  
B 3 ILE A 106 ? GLU A 111 ? ILE A 106 GLU A 111 
B 4 VAL A 116 ? SER A 123 ? VAL A 116 SER A 123 
# 
loop_
_pdbx_struct_sheet_hbond.sheet_id 
_pdbx_struct_sheet_hbond.range_id_1 
_pdbx_struct_sheet_hbond.range_id_2 
_pdbx_struct_sheet_hbond.range_1_label_atom_id 
_pdbx_struct_sheet_hbond.range_1_label_comp_id 
_pdbx_struct_sheet_hbond.range_1_label_asym_id 
_pdbx_struct_sheet_hbond.range_1_label_seq_id 
_pdbx_struct_sheet_hbond.range_1_PDB_ins_code 
_pdbx_struct_sheet_hbond.range_1_auth_atom_id 
_pdbx_struct_sheet_hbond.range_1_auth_comp_id 
_pdbx_struct_sheet_hbond.range_1_auth_asym_id 
_pdbx_struct_sheet_hbond.range_1_auth_seq_id 
_pdbx_struct_sheet_hbond.range_2_label_atom_id 
_pdbx_struct_sheet_hbond.range_2_label_comp_id 
_pdbx_struct_sheet_hbond.range_2_label_asym_id 
_pdbx_struct_sheet_hbond.range_2_label_seq_id 
_pdbx_struct_sheet_hbond.range_2_PDB_ins_code 
_pdbx_struct_sheet_hbond.range_2_auth_atom_id 
_pdbx_struct_sheet_hbond.range_2_auth_comp_id 
_pdbx_struct_sheet_hbond.range_2_auth_asym_id 
_pdbx_struct_sheet_hbond.range_2_auth_seq_id 
A 1 2 N PHE A 46  ? N PHE A 46  O THR A 82  ? O THR A 82  
A 2 3 O ARG A 85  ? O ARG A 85  N LYS A 98  ? N LYS A 98  
B 1 2 N VAL A 63  ? N VAL A 63  O CYS A 72  ? O CYS A 72  
B 2 3 N TYR A 73  ? N TYR A 73  O VAL A 108 ? O VAL A 108 
B 3 4 N GLU A 111 ? N GLU A 111 O VAL A 116 ? O VAL A 116 
# 
loop_
_struct_site.id 
_struct_site.pdbx_evidence_code 
_struct_site.pdbx_auth_asym_id 
_struct_site.pdbx_auth_comp_id 
_struct_site.pdbx_auth_seq_id 
_struct_site.pdbx_auth_ins_code 
_struct_site.pdbx_num_residues 
_struct_site.details 
AC1 Software A SO4 125 ? 7 'BINDING SITE FOR RESIDUE SO4 A 125' 
AC2 Software A U2G 130 ? 9 'BINDING SITE FOR RESIDUE U2G A 130' 
# 
loop_
_struct_site_gen.id 
_struct_site_gen.site_id 
_struct_site_gen.pdbx_num_res 
_struct_site_gen.label_comp_id 
_struct_site_gen.label_asym_id 
_struct_site_gen.label_seq_id 
_struct_site_gen.pdbx_auth_ins_code 
_struct_site_gen.auth_comp_id 
_struct_site_gen.auth_asym_id 
_struct_site_gen.auth_seq_id 
_struct_site_gen.label_atom_id 
_struct_site_gen.label_alt_id 
_struct_site_gen.symmetry 
_struct_site_gen.details 
1  AC1 7 GLN A 11  ? GLN A 11  . ? 1_555 ? 
2  AC1 7 HIS A 12  ? HIS A 12  . ? 1_555 ? 
3  AC1 7 LYS A 41  ? LYS A 41  . ? 1_555 ? 
4  AC1 7 HIS A 119 ? HIS A 119 . ? 1_555 ? 
5  AC1 7 PHE A 120 ? PHE A 120 . ? 1_555 ? 
6  AC1 7 U2G C .   ? U2G A 130 . ? 1_555 ? 
7  AC1 7 HOH D .   ? HOH A 229 . ? 1_555 ? 
8  AC2 9 HIS A 12  ? HIS A 12  . ? 1_555 ? 
9  AC2 9 ASN A 44  ? ASN A 44  . ? 1_555 ? 
10 AC2 9 THR A 45  ? THR A 45  . ? 1_555 ? 
11 AC2 9 LYS A 66  ? LYS A 66  . ? 1_555 ? 
12 AC2 9 PHE A 120 ? PHE A 120 . ? 1_555 ? 
13 AC2 9 ASP A 121 ? ASP A 121 . ? 1_555 ? 
14 AC2 9 ALA A 122 ? ALA A 122 . ? 1_555 ? 
15 AC2 9 SER A 123 ? SER A 123 . ? 1_555 ? 
16 AC2 9 SO4 B .   ? SO4 A 125 . ? 1_555 ? 
# 
_pdbx_entry_details.entry_id                   1EOW 
_pdbx_entry_details.compound_details           ? 
_pdbx_entry_details.source_details             ? 
_pdbx_entry_details.nonpolymer_details         ? 
_pdbx_entry_details.sequence_details           ? 
_pdbx_entry_details.has_ligand_of_interest     ? 
_pdbx_entry_details.has_protein_modification   Y 
# 
loop_
_pdbx_validate_torsion.id 
_pdbx_validate_torsion.PDB_model_num 
_pdbx_validate_torsion.auth_comp_id 
_pdbx_validate_torsion.auth_asym_id 
_pdbx_validate_torsion.auth_seq_id 
_pdbx_validate_torsion.PDB_ins_code 
_pdbx_validate_torsion.label_alt_id 
_pdbx_validate_torsion.phi 
_pdbx_validate_torsion.psi 
1 1 HIS A 48 ? ? -101.51 65.19   
2 1 GLN A 60 ? ? -104.82 -138.42 
3 1 ASN A 71 ? ? -97.56  31.59   
# 
loop_
_chem_comp_atom.comp_id 
_chem_comp_atom.atom_id 
_chem_comp_atom.type_symbol 
_chem_comp_atom.pdbx_aromatic_flag 
_chem_comp_atom.pdbx_stereo_config 
_chem_comp_atom.pdbx_ordinal 
ALA N      N N N 1   
ALA CA     C N S 2   
ALA C      C N N 3   
ALA O      O N N 4   
ALA CB     C N N 5   
ALA OXT    O N N 6   
ALA H      H N N 7   
ALA H2     H N N 8   
ALA HA     H N N 9   
ALA HB1    H N N 10  
ALA HB2    H N N 11  
ALA HB3    H N N 12  
ALA HXT    H N N 13  
ARG N      N N N 14  
ARG CA     C N S 15  
ARG C      C N N 16  
ARG O      O N N 17  
ARG CB     C N N 18  
ARG CG     C N N 19  
ARG CD     C N N 20  
ARG NE     N N N 21  
ARG CZ     C N N 22  
ARG NH1    N N N 23  
ARG NH2    N N N 24  
ARG OXT    O N N 25  
ARG H      H N N 26  
ARG H2     H N N 27  
ARG HA     H N N 28  
ARG HB2    H N N 29  
ARG HB3    H N N 30  
ARG HG2    H N N 31  
ARG HG3    H N N 32  
ARG HD2    H N N 33  
ARG HD3    H N N 34  
ARG HE     H N N 35  
ARG HH11   H N N 36  
ARG HH12   H N N 37  
ARG HH21   H N N 38  
ARG HH22   H N N 39  
ARG HXT    H N N 40  
ASN N      N N N 41  
ASN CA     C N S 42  
ASN C      C N N 43  
ASN O      O N N 44  
ASN CB     C N N 45  
ASN CG     C N N 46  
ASN OD1    O N N 47  
ASN ND2    N N N 48  
ASN OXT    O N N 49  
ASN H      H N N 50  
ASN H2     H N N 51  
ASN HA     H N N 52  
ASN HB2    H N N 53  
ASN HB3    H N N 54  
ASN HD21   H N N 55  
ASN HD22   H N N 56  
ASN HXT    H N N 57  
ASP N      N N N 58  
ASP CA     C N S 59  
ASP C      C N N 60  
ASP O      O N N 61  
ASP CB     C N N 62  
ASP CG     C N N 63  
ASP OD1    O N N 64  
ASP OD2    O N N 65  
ASP OXT    O N N 66  
ASP H      H N N 67  
ASP H2     H N N 68  
ASP HA     H N N 69  
ASP HB2    H N N 70  
ASP HB3    H N N 71  
ASP HD2    H N N 72  
ASP HXT    H N N 73  
CYS N      N N N 74  
CYS CA     C N R 75  
CYS C      C N N 76  
CYS O      O N N 77  
CYS CB     C N N 78  
CYS SG     S N N 79  
CYS OXT    O N N 80  
CYS H      H N N 81  
CYS H2     H N N 82  
CYS HA     H N N 83  
CYS HB2    H N N 84  
CYS HB3    H N N 85  
CYS HG     H N N 86  
CYS HXT    H N N 87  
GLN N      N N N 88  
GLN CA     C N S 89  
GLN C      C N N 90  
GLN O      O N N 91  
GLN CB     C N N 92  
GLN CG     C N N 93  
GLN CD     C N N 94  
GLN OE1    O N N 95  
GLN NE2    N N N 96  
GLN OXT    O N N 97  
GLN H      H N N 98  
GLN H2     H N N 99  
GLN HA     H N N 100 
GLN HB2    H N N 101 
GLN HB3    H N N 102 
GLN HG2    H N N 103 
GLN HG3    H N N 104 
GLN HE21   H N N 105 
GLN HE22   H N N 106 
GLN HXT    H N N 107 
GLU N      N N N 108 
GLU CA     C N S 109 
GLU C      C N N 110 
GLU O      O N N 111 
GLU CB     C N N 112 
GLU CG     C N N 113 
GLU CD     C N N 114 
GLU OE1    O N N 115 
GLU OE2    O N N 116 
GLU OXT    O N N 117 
GLU H      H N N 118 
GLU H2     H N N 119 
GLU HA     H N N 120 
GLU HB2    H N N 121 
GLU HB3    H N N 122 
GLU HG2    H N N 123 
GLU HG3    H N N 124 
GLU HE2    H N N 125 
GLU HXT    H N N 126 
GLY N      N N N 127 
GLY CA     C N N 128 
GLY C      C N N 129 
GLY O      O N N 130 
GLY OXT    O N N 131 
GLY H      H N N 132 
GLY H2     H N N 133 
GLY HA2    H N N 134 
GLY HA3    H N N 135 
GLY HXT    H N N 136 
HIS N      N N N 137 
HIS CA     C N S 138 
HIS C      C N N 139 
HIS O      O N N 140 
HIS CB     C N N 141 
HIS CG     C Y N 142 
HIS ND1    N Y N 143 
HIS CD2    C Y N 144 
HIS CE1    C Y N 145 
HIS NE2    N Y N 146 
HIS OXT    O N N 147 
HIS H      H N N 148 
HIS H2     H N N 149 
HIS HA     H N N 150 
HIS HB2    H N N 151 
HIS HB3    H N N 152 
HIS HD1    H N N 153 
HIS HD2    H N N 154 
HIS HE1    H N N 155 
HIS HE2    H N N 156 
HIS HXT    H N N 157 
HOH O      O N N 158 
HOH H1     H N N 159 
HOH H2     H N N 160 
ILE N      N N N 161 
ILE CA     C N S 162 
ILE C      C N N 163 
ILE O      O N N 164 
ILE CB     C N S 165 
ILE CG1    C N N 166 
ILE CG2    C N N 167 
ILE CD1    C N N 168 
ILE OXT    O N N 169 
ILE H      H N N 170 
ILE H2     H N N 171 
ILE HA     H N N 172 
ILE HB     H N N 173 
ILE HG12   H N N 174 
ILE HG13   H N N 175 
ILE HG21   H N N 176 
ILE HG22   H N N 177 
ILE HG23   H N N 178 
ILE HD11   H N N 179 
ILE HD12   H N N 180 
ILE HD13   H N N 181 
ILE HXT    H N N 182 
LEU N      N N N 183 
LEU CA     C N S 184 
LEU C      C N N 185 
LEU O      O N N 186 
LEU CB     C N N 187 
LEU CG     C N N 188 
LEU CD1    C N N 189 
LEU CD2    C N N 190 
LEU OXT    O N N 191 
LEU H      H N N 192 
LEU H2     H N N 193 
LEU HA     H N N 194 
LEU HB2    H N N 195 
LEU HB3    H N N 196 
LEU HG     H N N 197 
LEU HD11   H N N 198 
LEU HD12   H N N 199 
LEU HD13   H N N 200 
LEU HD21   H N N 201 
LEU HD22   H N N 202 
LEU HD23   H N N 203 
LEU HXT    H N N 204 
LYS N      N N N 205 
LYS CA     C N S 206 
LYS C      C N N 207 
LYS O      O N N 208 
LYS CB     C N N 209 
LYS CG     C N N 210 
LYS CD     C N N 211 
LYS CE     C N N 212 
LYS NZ     N N N 213 
LYS OXT    O N N 214 
LYS H      H N N 215 
LYS H2     H N N 216 
LYS HA     H N N 217 
LYS HB2    H N N 218 
LYS HB3    H N N 219 
LYS HG2    H N N 220 
LYS HG3    H N N 221 
LYS HD2    H N N 222 
LYS HD3    H N N 223 
LYS HE2    H N N 224 
LYS HE3    H N N 225 
LYS HZ1    H N N 226 
LYS HZ2    H N N 227 
LYS HZ3    H N N 228 
LYS HXT    H N N 229 
MET N      N N N 230 
MET CA     C N S 231 
MET C      C N N 232 
MET O      O N N 233 
MET CB     C N N 234 
MET CG     C N N 235 
MET SD     S N N 236 
MET CE     C N N 237 
MET OXT    O N N 238 
MET H      H N N 239 
MET H2     H N N 240 
MET HA     H N N 241 
MET HB2    H N N 242 
MET HB3    H N N 243 
MET HG2    H N N 244 
MET HG3    H N N 245 
MET HE1    H N N 246 
MET HE2    H N N 247 
MET HE3    H N N 248 
MET HXT    H N N 249 
PHE N      N N N 250 
PHE CA     C N S 251 
PHE C      C N N 252 
PHE O      O N N 253 
PHE CB     C N N 254 
PHE CG     C Y N 255 
PHE CD1    C Y N 256 
PHE CD2    C Y N 257 
PHE CE1    C Y N 258 
PHE CE2    C Y N 259 
PHE CZ     C Y N 260 
PHE OXT    O N N 261 
PHE H      H N N 262 
PHE H2     H N N 263 
PHE HA     H N N 264 
PHE HB2    H N N 265 
PHE HB3    H N N 266 
PHE HD1    H N N 267 
PHE HD2    H N N 268 
PHE HE1    H N N 269 
PHE HE2    H N N 270 
PHE HZ     H N N 271 
PHE HXT    H N N 272 
PRO N      N N N 273 
PRO CA     C N S 274 
PRO C      C N N 275 
PRO O      O N N 276 
PRO CB     C N N 277 
PRO CG     C N N 278 
PRO CD     C N N 279 
PRO OXT    O N N 280 
PRO H      H N N 281 
PRO HA     H N N 282 
PRO HB2    H N N 283 
PRO HB3    H N N 284 
PRO HG2    H N N 285 
PRO HG3    H N N 286 
PRO HD2    H N N 287 
PRO HD3    H N N 288 
PRO HXT    H N N 289 
SER N      N N N 290 
SER CA     C N S 291 
SER C      C N N 292 
SER O      O N N 293 
SER CB     C N N 294 
SER OG     O N N 295 
SER OXT    O N N 296 
SER H      H N N 297 
SER H2     H N N 298 
SER HA     H N N 299 
SER HB2    H N N 300 
SER HB3    H N N 301 
SER HG     H N N 302 
SER HXT    H N N 303 
SO4 S      S N N 304 
SO4 O1     O N N 305 
SO4 O2     O N N 306 
SO4 O3     O N N 307 
SO4 O4     O N N 308 
THR N      N N N 309 
THR CA     C N S 310 
THR C      C N N 311 
THR O      O N N 312 
THR CB     C N R 313 
THR OG1    O N N 314 
THR CG2    C N N 315 
THR OXT    O N N 316 
THR H      H N N 317 
THR H2     H N N 318 
THR HA     H N N 319 
THR HB     H N N 320 
THR HG1    H N N 321 
THR HG21   H N N 322 
THR HG22   H N N 323 
THR HG23   H N N 324 
THR HXT    H N N 325 
TYR N      N N N 326 
TYR CA     C N S 327 
TYR C      C N N 328 
TYR O      O N N 329 
TYR CB     C N N 330 
TYR CG     C Y N 331 
TYR CD1    C Y N 332 
TYR CD2    C Y N 333 
TYR CE1    C Y N 334 
TYR CE2    C Y N 335 
TYR CZ     C Y N 336 
TYR OH     O N N 337 
TYR OXT    O N N 338 
TYR H      H N N 339 
TYR H2     H N N 340 
TYR HA     H N N 341 
TYR HB2    H N N 342 
TYR HB3    H N N 343 
TYR HD1    H N N 344 
TYR HD2    H N N 345 
TYR HE1    H N N 346 
TYR HE2    H N N 347 
TYR HH     H N N 348 
TYR HXT    H N N 349 
U2G N1G    N N N 350 
U2G C2G    C N N 351 
U2G N2G    N N N 352 
U2G N3G    N N N 353 
U2G C4G    C Y N 354 
U2G C5G    C Y N 355 
U2G C6G    C N N 356 
U2G O6G    O N N 357 
U2G N7G    N Y N 358 
U2G C8G    C Y N 359 
U2G N9G    N Y N 360 
U2G C1B    C N R 361 
U2G C2B    C N R 362 
U2G O2B    O N N 363 
U2G C3B    C N S 364 
U2G O3B    O N N 365 
U2G C4B    C N R 366 
U2G O4B    O N N 367 
U2G C5B    C N N 368 
U2G O5B    O N N 369 
U2G P      P N S 370 
U2G O1P    O N N 371 
U2G O2P    O N N 372 
U2G O5D    O N N 373 
U2G C5D    C N N 374 
U2G C4D    C N R 375 
U2G O4D    O N N 376 
U2G C3D    C N R 377 
U2G O3D    O N N 378 
U2G C2D    C N R 379 
U2G O2D    O N N 380 
U2G C1D    C N R 381 
U2G N1U    N N N 382 
U2G C2U    C N N 383 
U2G O2U    O N N 384 
U2G N3U    N N N 385 
U2G C4U    C N N 386 
U2G O4U    O N N 387 
U2G C5U    C N N 388 
U2G C6U    C N N 389 
U2G H1G    H N N 390 
U2G H2G1   H N N 391 
U2G H2G2   H N N 392 
U2G H8G    H N N 393 
U2G "H1G'" H N N 394 
U2G "H2G'" H N N 395 
U2G HOG2   H N N 396 
U2G "H3G'" H N N 397 
U2G HOG3   H N N 398 
U2G "H4G'" H N N 399 
U2G H5G1   H N N 400 
U2G H5G2   H N N 401 
U2G HOP2   H N N 402 
U2G HOU5   H N N 403 
U2G H5U1   H N N 404 
U2G H5U2   H N N 405 
U2G "H4U'" H N N 406 
U2G "H3U'" H N N 407 
U2G HOU3   H N N 408 
U2G "H2U'" H N N 409 
U2G "H1U'" H N N 410 
U2G H3U    H N N 411 
U2G H5U    H N N 412 
U2G H6U    H N N 413 
VAL N      N N N 414 
VAL CA     C N S 415 
VAL C      C N N 416 
VAL O      O N N 417 
VAL CB     C N N 418 
VAL CG1    C N N 419 
VAL CG2    C N N 420 
VAL OXT    O N N 421 
VAL H      H N N 422 
VAL H2     H N N 423 
VAL HA     H N N 424 
VAL HB     H N N 425 
VAL HG11   H N N 426 
VAL HG12   H N N 427 
VAL HG13   H N N 428 
VAL HG21   H N N 429 
VAL HG22   H N N 430 
VAL HG23   H N N 431 
VAL HXT    H N N 432 
# 
loop_
_chem_comp_bond.comp_id 
_chem_comp_bond.atom_id_1 
_chem_comp_bond.atom_id_2 
_chem_comp_bond.value_order 
_chem_comp_bond.pdbx_aromatic_flag 
_chem_comp_bond.pdbx_stereo_config 
_chem_comp_bond.pdbx_ordinal 
ALA N   CA     sing N N 1   
ALA N   H      sing N N 2   
ALA N   H2     sing N N 3   
ALA CA  C      sing N N 4   
ALA CA  CB     sing N N 5   
ALA CA  HA     sing N N 6   
ALA C   O      doub N N 7   
ALA C   OXT    sing N N 8   
ALA CB  HB1    sing N N 9   
ALA CB  HB2    sing N N 10  
ALA CB  HB3    sing N N 11  
ALA OXT HXT    sing N N 12  
ARG N   CA     sing N N 13  
ARG N   H      sing N N 14  
ARG N   H2     sing N N 15  
ARG CA  C      sing N N 16  
ARG CA  CB     sing N N 17  
ARG CA  HA     sing N N 18  
ARG C   O      doub N N 19  
ARG C   OXT    sing N N 20  
ARG CB  CG     sing N N 21  
ARG CB  HB2    sing N N 22  
ARG CB  HB3    sing N N 23  
ARG CG  CD     sing N N 24  
ARG CG  HG2    sing N N 25  
ARG CG  HG3    sing N N 26  
ARG CD  NE     sing N N 27  
ARG CD  HD2    sing N N 28  
ARG CD  HD3    sing N N 29  
ARG NE  CZ     sing N N 30  
ARG NE  HE     sing N N 31  
ARG CZ  NH1    sing N N 32  
ARG CZ  NH2    doub N N 33  
ARG NH1 HH11   sing N N 34  
ARG NH1 HH12   sing N N 35  
ARG NH2 HH21   sing N N 36  
ARG NH2 HH22   sing N N 37  
ARG OXT HXT    sing N N 38  
ASN N   CA     sing N N 39  
ASN N   H      sing N N 40  
ASN N   H2     sing N N 41  
ASN CA  C      sing N N 42  
ASN CA  CB     sing N N 43  
ASN CA  HA     sing N N 44  
ASN C   O      doub N N 45  
ASN C   OXT    sing N N 46  
ASN CB  CG     sing N N 47  
ASN CB  HB2    sing N N 48  
ASN CB  HB3    sing N N 49  
ASN CG  OD1    doub N N 50  
ASN CG  ND2    sing N N 51  
ASN ND2 HD21   sing N N 52  
ASN ND2 HD22   sing N N 53  
ASN OXT HXT    sing N N 54  
ASP N   CA     sing N N 55  
ASP N   H      sing N N 56  
ASP N   H2     sing N N 57  
ASP CA  C      sing N N 58  
ASP CA  CB     sing N N 59  
ASP CA  HA     sing N N 60  
ASP C   O      doub N N 61  
ASP C   OXT    sing N N 62  
ASP CB  CG     sing N N 63  
ASP CB  HB2    sing N N 64  
ASP CB  HB3    sing N N 65  
ASP CG  OD1    doub N N 66  
ASP CG  OD2    sing N N 67  
ASP OD2 HD2    sing N N 68  
ASP OXT HXT    sing N N 69  
CYS N   CA     sing N N 70  
CYS N   H      sing N N 71  
CYS N   H2     sing N N 72  
CYS CA  C      sing N N 73  
CYS CA  CB     sing N N 74  
CYS CA  HA     sing N N 75  
CYS C   O      doub N N 76  
CYS C   OXT    sing N N 77  
CYS CB  SG     sing N N 78  
CYS CB  HB2    sing N N 79  
CYS CB  HB3    sing N N 80  
CYS SG  HG     sing N N 81  
CYS OXT HXT    sing N N 82  
GLN N   CA     sing N N 83  
GLN N   H      sing N N 84  
GLN N   H2     sing N N 85  
GLN CA  C      sing N N 86  
GLN CA  CB     sing N N 87  
GLN CA  HA     sing N N 88  
GLN C   O      doub N N 89  
GLN C   OXT    sing N N 90  
GLN CB  CG     sing N N 91  
GLN CB  HB2    sing N N 92  
GLN CB  HB3    sing N N 93  
GLN CG  CD     sing N N 94  
GLN CG  HG2    sing N N 95  
GLN CG  HG3    sing N N 96  
GLN CD  OE1    doub N N 97  
GLN CD  NE2    sing N N 98  
GLN NE2 HE21   sing N N 99  
GLN NE2 HE22   sing N N 100 
GLN OXT HXT    sing N N 101 
GLU N   CA     sing N N 102 
GLU N   H      sing N N 103 
GLU N   H2     sing N N 104 
GLU CA  C      sing N N 105 
GLU CA  CB     sing N N 106 
GLU CA  HA     sing N N 107 
GLU C   O      doub N N 108 
GLU C   OXT    sing N N 109 
GLU CB  CG     sing N N 110 
GLU CB  HB2    sing N N 111 
GLU CB  HB3    sing N N 112 
GLU CG  CD     sing N N 113 
GLU CG  HG2    sing N N 114 
GLU CG  HG3    sing N N 115 
GLU CD  OE1    doub N N 116 
GLU CD  OE2    sing N N 117 
GLU OE2 HE2    sing N N 118 
GLU OXT HXT    sing N N 119 
GLY N   CA     sing N N 120 
GLY N   H      sing N N 121 
GLY N   H2     sing N N 122 
GLY CA  C      sing N N 123 
GLY CA  HA2    sing N N 124 
GLY CA  HA3    sing N N 125 
GLY C   O      doub N N 126 
GLY C   OXT    sing N N 127 
GLY OXT HXT    sing N N 128 
HIS N   CA     sing N N 129 
HIS N   H      sing N N 130 
HIS N   H2     sing N N 131 
HIS CA  C      sing N N 132 
HIS CA  CB     sing N N 133 
HIS CA  HA     sing N N 134 
HIS C   O      doub N N 135 
HIS C   OXT    sing N N 136 
HIS CB  CG     sing N N 137 
HIS CB  HB2    sing N N 138 
HIS CB  HB3    sing N N 139 
HIS CG  ND1    sing Y N 140 
HIS CG  CD2    doub Y N 141 
HIS ND1 CE1    doub Y N 142 
HIS ND1 HD1    sing N N 143 
HIS CD2 NE2    sing Y N 144 
HIS CD2 HD2    sing N N 145 
HIS CE1 NE2    sing Y N 146 
HIS CE1 HE1    sing N N 147 
HIS NE2 HE2    sing N N 148 
HIS OXT HXT    sing N N 149 
HOH O   H1     sing N N 150 
HOH O   H2     sing N N 151 
ILE N   CA     sing N N 152 
ILE N   H      sing N N 153 
ILE N   H2     sing N N 154 
ILE CA  C      sing N N 155 
ILE CA  CB     sing N N 156 
ILE CA  HA     sing N N 157 
ILE C   O      doub N N 158 
ILE C   OXT    sing N N 159 
ILE CB  CG1    sing N N 160 
ILE CB  CG2    sing N N 161 
ILE CB  HB     sing N N 162 
ILE CG1 CD1    sing N N 163 
ILE CG1 HG12   sing N N 164 
ILE CG1 HG13   sing N N 165 
ILE CG2 HG21   sing N N 166 
ILE CG2 HG22   sing N N 167 
ILE CG2 HG23   sing N N 168 
ILE CD1 HD11   sing N N 169 
ILE CD1 HD12   sing N N 170 
ILE CD1 HD13   sing N N 171 
ILE OXT HXT    sing N N 172 
LEU N   CA     sing N N 173 
LEU N   H      sing N N 174 
LEU N   H2     sing N N 175 
LEU CA  C      sing N N 176 
LEU CA  CB     sing N N 177 
LEU CA  HA     sing N N 178 
LEU C   O      doub N N 179 
LEU C   OXT    sing N N 180 
LEU CB  CG     sing N N 181 
LEU CB  HB2    sing N N 182 
LEU CB  HB3    sing N N 183 
LEU CG  CD1    sing N N 184 
LEU CG  CD2    sing N N 185 
LEU CG  HG     sing N N 186 
LEU CD1 HD11   sing N N 187 
LEU CD1 HD12   sing N N 188 
LEU CD1 HD13   sing N N 189 
LEU CD2 HD21   sing N N 190 
LEU CD2 HD22   sing N N 191 
LEU CD2 HD23   sing N N 192 
LEU OXT HXT    sing N N 193 
LYS N   CA     sing N N 194 
LYS N   H      sing N N 195 
LYS N   H2     sing N N 196 
LYS CA  C      sing N N 197 
LYS CA  CB     sing N N 198 
LYS CA  HA     sing N N 199 
LYS C   O      doub N N 200 
LYS C   OXT    sing N N 201 
LYS CB  CG     sing N N 202 
LYS CB  HB2    sing N N 203 
LYS CB  HB3    sing N N 204 
LYS CG  CD     sing N N 205 
LYS CG  HG2    sing N N 206 
LYS CG  HG3    sing N N 207 
LYS CD  CE     sing N N 208 
LYS CD  HD2    sing N N 209 
LYS CD  HD3    sing N N 210 
LYS CE  NZ     sing N N 211 
LYS CE  HE2    sing N N 212 
LYS CE  HE3    sing N N 213 
LYS NZ  HZ1    sing N N 214 
LYS NZ  HZ2    sing N N 215 
LYS NZ  HZ3    sing N N 216 
LYS OXT HXT    sing N N 217 
MET N   CA     sing N N 218 
MET N   H      sing N N 219 
MET N   H2     sing N N 220 
MET CA  C      sing N N 221 
MET CA  CB     sing N N 222 
MET CA  HA     sing N N 223 
MET C   O      doub N N 224 
MET C   OXT    sing N N 225 
MET CB  CG     sing N N 226 
MET CB  HB2    sing N N 227 
MET CB  HB3    sing N N 228 
MET CG  SD     sing N N 229 
MET CG  HG2    sing N N 230 
MET CG  HG3    sing N N 231 
MET SD  CE     sing N N 232 
MET CE  HE1    sing N N 233 
MET CE  HE2    sing N N 234 
MET CE  HE3    sing N N 235 
MET OXT HXT    sing N N 236 
PHE N   CA     sing N N 237 
PHE N   H      sing N N 238 
PHE N   H2     sing N N 239 
PHE CA  C      sing N N 240 
PHE CA  CB     sing N N 241 
PHE CA  HA     sing N N 242 
PHE C   O      doub N N 243 
PHE C   OXT    sing N N 244 
PHE CB  CG     sing N N 245 
PHE CB  HB2    sing N N 246 
PHE CB  HB3    sing N N 247 
PHE CG  CD1    doub Y N 248 
PHE CG  CD2    sing Y N 249 
PHE CD1 CE1    sing Y N 250 
PHE CD1 HD1    sing N N 251 
PHE CD2 CE2    doub Y N 252 
PHE CD2 HD2    sing N N 253 
PHE CE1 CZ     doub Y N 254 
PHE CE1 HE1    sing N N 255 
PHE CE2 CZ     sing Y N 256 
PHE CE2 HE2    sing N N 257 
PHE CZ  HZ     sing N N 258 
PHE OXT HXT    sing N N 259 
PRO N   CA     sing N N 260 
PRO N   CD     sing N N 261 
PRO N   H      sing N N 262 
PRO CA  C      sing N N 263 
PRO CA  CB     sing N N 264 
PRO CA  HA     sing N N 265 
PRO C   O      doub N N 266 
PRO C   OXT    sing N N 267 
PRO CB  CG     sing N N 268 
PRO CB  HB2    sing N N 269 
PRO CB  HB3    sing N N 270 
PRO CG  CD     sing N N 271 
PRO CG  HG2    sing N N 272 
PRO CG  HG3    sing N N 273 
PRO CD  HD2    sing N N 274 
PRO CD  HD3    sing N N 275 
PRO OXT HXT    sing N N 276 
SER N   CA     sing N N 277 
SER N   H      sing N N 278 
SER N   H2     sing N N 279 
SER CA  C      sing N N 280 
SER CA  CB     sing N N 281 
SER CA  HA     sing N N 282 
SER C   O      doub N N 283 
SER C   OXT    sing N N 284 
SER CB  OG     sing N N 285 
SER CB  HB2    sing N N 286 
SER CB  HB3    sing N N 287 
SER OG  HG     sing N N 288 
SER OXT HXT    sing N N 289 
SO4 S   O1     doub N N 290 
SO4 S   O2     doub N N 291 
SO4 S   O3     sing N N 292 
SO4 S   O4     sing N N 293 
THR N   CA     sing N N 294 
THR N   H      sing N N 295 
THR N   H2     sing N N 296 
THR CA  C      sing N N 297 
THR CA  CB     sing N N 298 
THR CA  HA     sing N N 299 
THR C   O      doub N N 300 
THR C   OXT    sing N N 301 
THR CB  OG1    sing N N 302 
THR CB  CG2    sing N N 303 
THR CB  HB     sing N N 304 
THR OG1 HG1    sing N N 305 
THR CG2 HG21   sing N N 306 
THR CG2 HG22   sing N N 307 
THR CG2 HG23   sing N N 308 
THR OXT HXT    sing N N 309 
TYR N   CA     sing N N 310 
TYR N   H      sing N N 311 
TYR N   H2     sing N N 312 
TYR CA  C      sing N N 313 
TYR CA  CB     sing N N 314 
TYR CA  HA     sing N N 315 
TYR C   O      doub N N 316 
TYR C   OXT    sing N N 317 
TYR CB  CG     sing N N 318 
TYR CB  HB2    sing N N 319 
TYR CB  HB3    sing N N 320 
TYR CG  CD1    doub Y N 321 
TYR CG  CD2    sing Y N 322 
TYR CD1 CE1    sing Y N 323 
TYR CD1 HD1    sing N N 324 
TYR CD2 CE2    doub Y N 325 
TYR CD2 HD2    sing N N 326 
TYR CE1 CZ     doub Y N 327 
TYR CE1 HE1    sing N N 328 
TYR CE2 CZ     sing Y N 329 
TYR CE2 HE2    sing N N 330 
TYR CZ  OH     sing N N 331 
TYR OH  HH     sing N N 332 
TYR OXT HXT    sing N N 333 
U2G N1G C2G    sing N N 334 
U2G N1G C6G    sing N N 335 
U2G N1G H1G    sing N N 336 
U2G C2G N2G    sing N N 337 
U2G C2G N3G    doub N N 338 
U2G N2G H2G1   sing N N 339 
U2G N2G H2G2   sing N N 340 
U2G N3G C4G    sing N N 341 
U2G C4G C5G    doub Y N 342 
U2G C4G N9G    sing Y N 343 
U2G C5G C6G    sing N N 344 
U2G C5G N7G    sing Y N 345 
U2G C6G O6G    doub N N 346 
U2G N7G C8G    doub Y N 347 
U2G C8G N9G    sing Y N 348 
U2G C8G H8G    sing N N 349 
U2G N9G C1B    sing N N 350 
U2G C1B C2B    sing N N 351 
U2G C1B O4B    sing N N 352 
U2G C1B "H1G'" sing N N 353 
U2G C2B O2B    sing N N 354 
U2G C2B C3B    sing N N 355 
U2G C2B "H2G'" sing N N 356 
U2G O2B HOG2   sing N N 357 
U2G C3B O3B    sing N N 358 
U2G C3B C4B    sing N N 359 
U2G C3B "H3G'" sing N N 360 
U2G O3B HOG3   sing N N 361 
U2G C4B O4B    sing N N 362 
U2G C4B C5B    sing N N 363 
U2G C4B "H4G'" sing N N 364 
U2G C5B O5B    sing N N 365 
U2G C5B H5G1   sing N N 366 
U2G C5B H5G2   sing N N 367 
U2G O5B P      sing N N 368 
U2G P   O1P    doub N N 369 
U2G P   O2P    sing N N 370 
U2G P   O2D    sing N N 371 
U2G O2P HOP2   sing N N 372 
U2G O5D C5D    sing N N 373 
U2G O5D HOU5   sing N N 374 
U2G C5D C4D    sing N N 375 
U2G C5D H5U1   sing N N 376 
U2G C5D H5U2   sing N N 377 
U2G C4D O4D    sing N N 378 
U2G C4D C3D    sing N N 379 
U2G C4D "H4U'" sing N N 380 
U2G O4D C1D    sing N N 381 
U2G C3D O3D    sing N N 382 
U2G C3D C2D    sing N N 383 
U2G C3D "H3U'" sing N N 384 
U2G O3D HOU3   sing N N 385 
U2G C2D O2D    sing N N 386 
U2G C2D C1D    sing N N 387 
U2G C2D "H2U'" sing N N 388 
U2G C1D N1U    sing N N 389 
U2G C1D "H1U'" sing N N 390 
U2G N1U C2U    sing N N 391 
U2G N1U C6U    sing N N 392 
U2G C2U O2U    doub N N 393 
U2G C2U N3U    sing N N 394 
U2G N3U C4U    sing N N 395 
U2G N3U H3U    sing N N 396 
U2G C4U O4U    doub N N 397 
U2G C4U C5U    sing N N 398 
U2G C5U C6U    doub N N 399 
U2G C5U H5U    sing N N 400 
U2G C6U H6U    sing N N 401 
VAL N   CA     sing N N 402 
VAL N   H      sing N N 403 
VAL N   H2     sing N N 404 
VAL CA  C      sing N N 405 
VAL CA  CB     sing N N 406 
VAL CA  HA     sing N N 407 
VAL C   O      doub N N 408 
VAL C   OXT    sing N N 409 
VAL CB  CG1    sing N N 410 
VAL CB  CG2    sing N N 411 
VAL CB  HB     sing N N 412 
VAL CG1 HG11   sing N N 413 
VAL CG1 HG12   sing N N 414 
VAL CG1 HG13   sing N N 415 
VAL CG2 HG21   sing N N 416 
VAL CG2 HG22   sing N N 417 
VAL CG2 HG23   sing N N 418 
VAL OXT HXT    sing N N 419 
# 
_atom_sites.entry_id                    1EOW 
_atom_sites.fract_transf_matrix[1][1]   -0.01538089 
_atom_sites.fract_transf_matrix[1][2]   -0.01673011 
_atom_sites.fract_transf_matrix[1][3]   0.02586302 
_atom_sites.fract_transf_matrix[2][1]   -0.01149340 
_atom_sites.fract_transf_matrix[2][2]   -0.01593976 
_atom_sites.fract_transf_matrix[2][3]   -0.01714620 
_atom_sites.fract_transf_matrix[3][1]   0.01195549 
_atom_sites.fract_transf_matrix[3][2]   -0.01432754 
_atom_sites.fract_transf_matrix[3][3]   0.00530545 
_atom_sites.fract_transf_vector[1]      0.336488 
_atom_sites.fract_transf_vector[2]      -0.000915 
_atom_sites.fract_transf_vector[3]      0.244713 
# 
loop_
_atom_type.symbol 
C 
N 
O 
S 
# 
loop_
_atom_site.group_PDB 
_atom_site.id 
_atom_site.type_symbol 
_atom_site.label_atom_id 
_atom_site.label_alt_id 
_atom_site.label_comp_id 
_atom_site.label_asym_id 
_atom_site.label_entity_id 
_atom_site.label_seq_id 
_atom_site.pdbx_PDB_ins_code 
_atom_site.Cartn_x 
_atom_site.Cartn_y 
_atom_site.Cartn_z 
_atom_site.occupancy 
_atom_site.B_iso_or_equiv 
_atom_site.pdbx_formal_charge 
_atom_site.auth_seq_id 
_atom_site.auth_comp_id 
_atom_site.auth_asym_id 
_atom_site.auth_atom_id 
_atom_site.pdbx_PDB_model_num 
ATOM   1    N N   . LYS A 1 1   ? 21.431  -1.644  1.077   1.00 32.78 ? 1   LYS A N   1 
ATOM   2    C CA  . LYS A 1 1   ? 20.253  -2.400  0.569   1.00 31.48 ? 1   LYS A CA  1 
ATOM   3    C C   . LYS A 1 1   ? 19.034  -1.605  1.016   1.00 26.92 ? 1   LYS A C   1 
ATOM   4    O O   . LYS A 1 1   ? 19.087  -0.944  2.041   1.00 26.09 ? 1   LYS A O   1 
ATOM   5    C CB  . LYS A 1 1   ? 20.241  -3.811  1.160   1.00 35.74 ? 1   LYS A CB  1 
ATOM   6    C CG  . LYS A 1 1   ? 19.277  -4.800  0.494   1.00 41.85 ? 1   LYS A CG  1 
ATOM   7    C CD  . LYS A 1 1   ? 19.709  -6.265  0.735   1.00 46.34 ? 1   LYS A CD  1 
ATOM   8    C CE  . LYS A 1 1   ? 18.681  -7.292  0.224   1.00 49.67 ? 1   LYS A CE  1 
ATOM   9    N NZ  . LYS A 1 1   ? 18.453  -7.289  -1.266  1.00 53.18 ? 1   LYS A NZ  1 
ATOM   10   N N   . GLU A 1 2   ? 17.963  -1.629  0.226   1.00 22.06 ? 2   GLU A N   1 
ATOM   11   C CA  . GLU A 1 2   ? 16.747  -0.873  0.557   1.00 19.47 ? 2   GLU A CA  1 
ATOM   12   C C   . GLU A 1 2   ? 16.193  -1.162  1.937   1.00 17.14 ? 2   GLU A C   1 
ATOM   13   O O   . GLU A 1 2   ? 15.959  -2.318  2.282   1.00 17.37 ? 2   GLU A O   1 
ATOM   14   C CB  . GLU A 1 2   ? 15.645  -1.169  -0.457  1.00 19.57 ? 2   GLU A CB  1 
ATOM   15   C CG  . GLU A 1 2   ? 14.432  -0.205  -0.412  1.00 16.63 ? 2   GLU A CG  1 
ATOM   16   C CD  . GLU A 1 2   ? 13.396  -0.595  -1.437  1.00 16.65 ? 2   GLU A CD  1 
ATOM   17   O OE1 . GLU A 1 2   ? 13.281  -1.809  -1.699  1.00 15.21 ? 2   GLU A OE1 1 
ATOM   18   O OE2 . GLU A 1 2   ? 12.682  0.291   -1.977  1.00 16.80 ? 2   GLU A OE2 1 
ATOM   19   N N   . THR A 1 3   ? 15.939  -0.108  2.698   1.00 15.88 ? 3   THR A N   1 
ATOM   20   C CA  . THR A 1 3   ? 15.368  -0.281  4.020   1.00 18.59 ? 3   THR A CA  1 
ATOM   21   C C   . THR A 1 3   ? 13.875  -0.640  3.944   1.00 17.92 ? 3   THR A C   1 
ATOM   22   O O   . THR A 1 3   ? 13.208  -0.424  2.915   1.00 15.91 ? 3   THR A O   1 
ATOM   23   C CB  . THR A 1 3   ? 15.567  0.975   4.909   1.00 20.63 ? 3   THR A CB  1 
ATOM   24   O OG1 . THR A 1 3   ? 14.708  2.032   4.463   1.00 22.97 ? 3   THR A OG1 1 
ATOM   25   C CG2 . THR A 1 3   ? 17.026  1.453   4.847   1.00 20.40 ? 3   THR A CG2 1 
ATOM   26   N N   . ALA A 1 4   ? 13.352  -1.158  5.054   1.00 16.31 ? 4   ALA A N   1 
ATOM   27   C CA  . ALA A 1 4   ? 11.949  -1.529  5.138   1.00 16.08 ? 4   ALA A CA  1 
ATOM   28   C C   . ALA A 1 4   ? 11.063  -0.296  4.979   1.00 16.75 ? 4   ALA A C   1 
ATOM   29   O O   . ALA A 1 4   ? 9.971   -0.371  4.409   1.00 17.70 ? 4   ALA A O   1 
ATOM   30   C CB  . ALA A 1 4   ? 11.661  -2.178  6.471   1.00 15.40 ? 4   ALA A CB  1 
ATOM   31   N N   . ALA A 1 5   ? 11.520  0.829   5.519   1.00 15.85 ? 5   ALA A N   1 
ATOM   32   C CA  . ALA A 1 5   ? 10.768  2.079   5.441   1.00 17.47 ? 5   ALA A CA  1 
ATOM   33   C C   . ALA A 1 5   ? 10.685  2.609   3.998   1.00 15.64 ? 5   ALA A C   1 
ATOM   34   O O   . ALA A 1 5   ? 9.626   3.047   3.558   1.00 15.39 ? 5   ALA A O   1 
ATOM   35   C CB  . ALA A 1 5   ? 11.405  3.117   6.348   1.00 16.98 ? 5   ALA A CB  1 
ATOM   36   N N   . ALA A 1 6   ? 11.801  2.546   3.273   1.00 13.95 ? 6   ALA A N   1 
ATOM   37   C CA  . ALA A 1 6   ? 11.878  3.005   1.890   1.00 12.38 ? 6   ALA A CA  1 
ATOM   38   C C   . ALA A 1 6   ? 11.046  2.068   1.007   1.00 14.01 ? 6   ALA A C   1 
ATOM   39   O O   . ALA A 1 6   ? 10.394  2.512   0.062   1.00 13.38 ? 6   ALA A O   1 
ATOM   40   C CB  . ALA A 1 6   ? 13.329  2.995   1.440   1.00 13.09 ? 6   ALA A CB  1 
ATOM   41   N N   . LYS A 1 7   ? 11.074  0.768   1.311   1.00 12.89 ? 7   LYS A N   1 
ATOM   42   C CA  . LYS A 1 7   ? 10.307  -0.221  0.566   1.00 12.84 ? 7   LYS A CA  1 
ATOM   43   C C   . LYS A 1 7   ? 8.808   0.067   0.722   1.00 11.27 ? 7   LYS A C   1 
ATOM   44   O O   . LYS A 1 7   ? 8.045   -0.063  -0.243  1.00 10.22 ? 7   LYS A O   1 
ATOM   45   C CB  . LYS A 1 7   ? 10.645  -1.620  1.062   1.00 15.57 ? 7   LYS A CB  1 
ATOM   46   C CG  . LYS A 1 7   ? 9.946   -2.715  0.305   1.00 22.26 ? 7   LYS A CG  1 
ATOM   47   C CD  . LYS A 1 7   ? 10.436  -4.080  0.762   1.00 27.57 ? 7   LYS A CD  1 
ATOM   48   C CE  . LYS A 1 7   ? 9.551   -5.210  0.210   1.00 33.22 ? 7   LYS A CE  1 
ATOM   49   N NZ  . LYS A 1 7   ? 9.983   -6.606  0.620   1.00 35.27 ? 7   LYS A NZ  1 
ATOM   50   N N   . PHE A 1 8   ? 8.374   0.450   1.918   1.00 8.89  ? 8   PHE A N   1 
ATOM   51   C CA  . PHE A 1 8   ? 6.961   0.778   2.122   1.00 8.43  ? 8   PHE A CA  1 
ATOM   52   C C   . PHE A 1 8   ? 6.543   1.983   1.226   1.00 10.52 ? 8   PHE A C   1 
ATOM   53   O O   . PHE A 1 8   ? 5.467   1.999   0.640   1.00 9.29  ? 8   PHE A O   1 
ATOM   54   C CB  . PHE A 1 8   ? 6.673   1.136   3.582   1.00 9.25  ? 8   PHE A CB  1 
ATOM   55   C CG  . PHE A 1 8   ? 5.236   1.515   3.848   1.00 9.20  ? 8   PHE A CG  1 
ATOM   56   C CD1 . PHE A 1 8   ? 4.306   0.562   4.235   1.00 9.35  ? 8   PHE A CD1 1 
ATOM   57   C CD2 . PHE A 1 8   ? 4.804   2.830   3.677   1.00 10.79 ? 8   PHE A CD2 1 
ATOM   58   C CE1 . PHE A 1 8   ? 2.969   0.901   4.455   1.00 9.62  ? 8   PHE A CE1 1 
ATOM   59   C CE2 . PHE A 1 8   ? 3.471   3.183   3.886   1.00 9.63  ? 8   PHE A CE2 1 
ATOM   60   C CZ  . PHE A 1 8   ? 2.554   2.222   4.272   1.00 8.84  ? 8   PHE A CZ  1 
ATOM   61   N N   . GLU A 1 9   ? 7.370   3.010   1.167   1.00 11.06 ? 9   GLU A N   1 
ATOM   62   C CA  . GLU A 1 9   ? 7.031   4.160   0.342   1.00 11.88 ? 9   GLU A CA  1 
ATOM   63   C C   . GLU A 1 9   ? 6.950   3.780   -1.110  1.00 9.41  ? 9   GLU A C   1 
ATOM   64   O O   . GLU A 1 9   ? 6.049   4.237   -1.819  1.00 9.88  ? 9   GLU A O   1 
ATOM   65   C CB  . GLU A 1 9   ? 8.058   5.264   0.503   1.00 14.06 ? 9   GLU A CB  1 
ATOM   66   C CG  . GLU A 1 9   ? 8.035   5.917   1.851   1.00 19.85 ? 9   GLU A CG  1 
ATOM   67   C CD  . GLU A 1 9   ? 9.077   7.013   1.938   1.00 25.76 ? 9   GLU A CD  1 
ATOM   68   O OE1 . GLU A 1 9   ? 9.614   7.232   3.065   1.00 26.52 ? 9   GLU A OE1 1 
ATOM   69   O OE2 . GLU A 1 9   ? 9.365   7.625   0.860   1.00 26.55 ? 9   GLU A OE2 1 
ATOM   70   N N   . ARG A 1 10  ? 7.936   3.003   -1.568  1.00 7.05  ? 10  ARG A N   1 
ATOM   71   C CA  . ARG A 1 10  ? 7.987   2.544   -2.961  1.00 9.78  ? 10  ARG A CA  1 
ATOM   72   C C   . ARG A 1 10  ? 6.788   1.676   -3.356  1.00 10.40 ? 10  ARG A C   1 
ATOM   73   O O   . ARG A 1 10  ? 6.237   1.825   -4.435  1.00 10.64 ? 10  ARG A O   1 
ATOM   74   C CB  . ARG A 1 10  ? 9.280   1.776   -3.248  1.00 9.03  ? 10  ARG A CB  1 
ATOM   75   C CG  . ARG A 1 10  ? 9.323   1.188   -4.642  1.00 10.04 ? 10  ARG A CG  1 
ATOM   76   C CD  . ARG A 1 10  ? 10.703  0.581   -5.001  1.00 13.16 ? 10  ARG A CD  1 
ATOM   77   N NE  . ARG A 1 10  ? 11.079  -0.540  -4.138  1.00 13.96 ? 10  ARG A NE  1 
ATOM   78   C CZ  . ARG A 1 10  ? 10.668  -1.799  -4.292  1.00 17.97 ? 10  ARG A CZ  1 
ATOM   79   N NH1 . ARG A 1 10  ? 9.853   -2.146  -5.291  1.00 17.73 ? 10  ARG A NH1 1 
ATOM   80   N NH2 . ARG A 1 10  ? 11.024  -2.718  -3.403  1.00 17.37 ? 10  ARG A NH2 1 
ATOM   81   N N   . GLN A 1 11  ? 6.359   0.782   -2.478  1.00 10.52 ? 11  GLN A N   1 
ATOM   82   C CA  . GLN A 1 11  ? 5.259   -0.079  -2.812  1.00 9.56  ? 11  GLN A CA  1 
ATOM   83   C C   . GLN A 1 11  ? 3.917   0.529   -2.564  1.00 9.45  ? 11  GLN A C   1 
ATOM   84   O O   . GLN A 1 11  ? 2.951   0.129   -3.196  1.00 11.57 ? 11  GLN A O   1 
ATOM   85   C CB  . GLN A 1 11  ? 5.295   -1.346  -1.959  1.00 11.22 ? 11  GLN A CB  1 
ATOM   86   C CG  . GLN A 1 11  ? 6.495   -2.195  -2.077  1.00 12.47 ? 11  GLN A CG  1 
ATOM   87   C CD  . GLN A 1 11  ? 6.219   -3.586  -1.469  1.00 16.79 ? 11  GLN A CD  1 
ATOM   88   O OE1 . GLN A 1 11  ? 6.138   -4.572  -2.187  1.00 19.14 ? 11  GLN A OE1 1 
ATOM   89   N NE2 . GLN A 1 11  ? 6.015   -3.643  -0.158  1.00 18.25 ? 11  GLN A NE2 1 
ATOM   90   N N   . HIS A 1 12  ? 3.825   1.481   -1.647  1.00 7.67  ? 12  HIS A N   1 
ATOM   91   C CA  . HIS A 1 12  ? 2.496   1.933   -1.245  1.00 8.09  ? 12  HIS A CA  1 
ATOM   92   C C   . HIS A 1 12  ? 2.105   3.397   -1.289  1.00 9.75  ? 12  HIS A C   1 
ATOM   93   O O   . HIS A 1 12  ? 0.924   3.704   -1.068  1.00 12.49 ? 12  HIS A O   1 
ATOM   94   C CB  . HIS A 1 12  ? 2.191   1.454   0.210   1.00 8.58  ? 12  HIS A CB  1 
ATOM   95   C CG  . HIS A 1 12  ? 2.346   -0.039  0.435   1.00 10.39 ? 12  HIS A CG  1 
ATOM   96   N ND1 . HIS A 1 12  ? 1.513   -0.977  -0.143  1.00 11.27 ? 12  HIS A ND1 1 
ATOM   97   C CD2 . HIS A 1 12  ? 3.265   -0.748  1.139   1.00 9.79  ? 12  HIS A CD2 1 
ATOM   98   C CE1 . HIS A 1 12  ? 1.919   -2.192  0.190   1.00 11.56 ? 12  HIS A CE1 1 
ATOM   99   N NE2 . HIS A 1 12  ? 2.980   -2.078  0.964   1.00 8.95  ? 12  HIS A NE2 1 
ATOM   100  N N   . MET A 1 13  ? 3.060   4.294   -1.497  1.00 9.42  ? 13  MET A N   1 
ATOM   101  C CA  . MET A 1 13  ? 2.736   5.716   -1.440  1.00 9.76  ? 13  MET A CA  1 
ATOM   102  C C   . MET A 1 13  ? 2.591   6.370   -2.785  1.00 10.00 ? 13  MET A C   1 
ATOM   103  O O   . MET A 1 13  ? 3.467   6.210   -3.627  1.00 12.10 ? 13  MET A O   1 
ATOM   104  C CB  . MET A 1 13  ? 3.819   6.497   -0.652  1.00 8.88  ? 13  MET A CB  1 
ATOM   105  C CG  . MET A 1 13  ? 3.839   6.325   0.884   1.00 8.63  ? 13  MET A CG  1 
ATOM   106  S SD  . MET A 1 13  ? 2.261   6.547   1.678   1.00 14.01 ? 13  MET A SD  1 
ATOM   107  C CE  . MET A 1 13  ? 1.873   8.265   1.116   1.00 11.62 ? 13  MET A CE  1 
ATOM   108  N N   . ASP A 1 14  ? 1.475   7.066   -3.012  1.00 11.61 ? 14  ASP A N   1 
ATOM   109  C CA  . ASP A 1 14  ? 1.348   7.853   -4.253  1.00 12.74 ? 14  ASP A CA  1 
ATOM   110  C C   . ASP A 1 14  ? 0.695   9.200   -3.920  1.00 13.24 ? 14  ASP A C   1 
ATOM   111  O O   . ASP A 1 14  ? -0.508  9.422   -4.160  1.00 12.11 ? 14  ASP A O   1 
ATOM   112  C CB  . ASP A 1 14  ? 0.587   7.158   -5.390  1.00 12.68 ? 14  ASP A CB  1 
ATOM   113  C CG  . ASP A 1 14  ? 0.620   7.985   -6.680  1.00 13.88 ? 14  ASP A CG  1 
ATOM   114  O OD1 . ASP A 1 14  ? 1.399   8.962   -6.740  1.00 13.83 ? 14  ASP A OD1 1 
ATOM   115  O OD2 . ASP A 1 14  ? -0.112  7.668   -7.630  1.00 15.79 ? 14  ASP A OD2 1 
ATOM   116  N N   . SER A 1 15  ? 1.502   10.069  -3.321  1.00 13.01 ? 15  SER A N   1 
ATOM   117  C CA  . SER A 1 15  ? 1.054   11.383  -2.902  1.00 15.77 ? 15  SER A CA  1 
ATOM   118  C C   . SER A 1 15  ? 0.823   12.327  -4.056  1.00 14.99 ? 15  SER A C   1 
ATOM   119  O O   . SER A 1 15  ? 0.321   13.425  -3.860  1.00 18.15 ? 15  SER A O   1 
ATOM   120  C CB  . SER A 1 15  ? 2.119   11.994  -1.985  1.00 17.37 ? 15  SER A CB  1 
ATOM   121  O OG  . SER A 1 15  ? 2.294   11.198  -0.812  1.00 22.58 ? 15  SER A OG  1 
ATOM   122  N N   . SER A 1 16  ? 1.267   11.922  -5.234  1.00 15.48 ? 16  SER A N   1 
ATOM   123  C CA  . SER A 1 16  ? 1.170   12.735  -6.442  1.00 17.54 ? 16  SER A CA  1 
ATOM   124  C C   . SER A 1 16  ? -0.183  12.760  -7.133  1.00 17.09 ? 16  SER A C   1 
ATOM   125  O O   . SER A 1 16  ? -0.366  13.504  -8.101  1.00 19.90 ? 16  SER A O   1 
ATOM   126  C CB  . SER A 1 16  ? 2.246   12.318  -7.440  1.00 18.42 ? 16  SER A CB  1 
ATOM   127  O OG  . SER A 1 16  ? 1.766   11.254  -8.252  1.00 24.57 ? 16  SER A OG  1 
ATOM   128  N N   . THR A 1 17  ? -1.119  11.943  -6.671  1.00 17.03 ? 17  THR A N   1 
ATOM   129  C CA  . THR A 1 17  ? -2.449  11.909  -7.246  1.00 17.77 ? 17  THR A CA  1 
ATOM   130  C C   . THR A 1 17  ? -3.419  11.768  -6.081  1.00 16.63 ? 17  THR A C   1 
ATOM   131  O O   . THR A 1 17  ? -3.052  11.251  -5.034  1.00 16.52 ? 17  THR A O   1 
ATOM   132  C CB  . THR A 1 17  ? -2.623  10.735  -8.283  1.00 21.11 ? 17  THR A CB  1 
ATOM   133  O OG1 . THR A 1 17  ? -2.528  9.450   -7.630  1.00 22.32 ? 17  THR A OG1 1 
ATOM   134  C CG2 . THR A 1 17  ? -1.522  10.812  -9.346  1.00 23.09 ? 17  THR A CG2 1 
ATOM   135  N N   . SER A 1 18  ? -4.638  12.260  -6.249  1.00 15.18 ? 18  SER A N   1 
ATOM   136  C CA  . SER A 1 18  ? -5.654  12.175  -5.211  1.00 17.02 ? 18  SER A CA  1 
ATOM   137  C C   . SER A 1 18  ? -6.409  10.856  -5.248  1.00 15.38 ? 18  SER A C   1 
ATOM   138  O O   . SER A 1 18  ? -7.039  10.489  -4.266  1.00 13.36 ? 18  SER A O   1 
ATOM   139  C CB  . SER A 1 18  ? -6.662  13.330  -5.334  1.00 21.75 ? 18  SER A CB  1 
ATOM   140  O OG  . SER A 1 18  ? -6.015  14.596  -5.269  1.00 31.22 ? 18  SER A OG  1 
ATOM   141  N N   . ALA A 1 19  ? -6.393  10.201  -6.413  1.00 16.22 ? 19  ALA A N   1 
ATOM   142  C CA  . ALA A 1 19  ? -7.060  8.917   -6.661  1.00 15.93 ? 19  ALA A CA  1 
ATOM   143  C C   . ALA A 1 19  ? -6.592  8.404   -8.030  1.00 16.03 ? 19  ALA A C   1 
ATOM   144  O O   . ALA A 1 19  ? -5.884  9.104   -8.775  1.00 15.10 ? 19  ALA A O   1 
ATOM   145  C CB  . ALA A 1 19  ? -8.582  9.067   -6.666  1.00 15.37 ? 19  ALA A CB  1 
ATOM   146  N N   . ALA A 1 20  ? -6.929  7.154   -8.315  1.00 14.61 ? 20  ALA A N   1 
ATOM   147  C CA  . ALA A 1 20  ? -6.579  6.518   -9.579  1.00 15.89 ? 20  ALA A CA  1 
ATOM   148  C C   . ALA A 1 20  ? -7.434  7.222   -10.668 1.00 17.11 ? 20  ALA A C   1 
ATOM   149  O O   . ALA A 1 20  ? -8.638  7.325   -10.534 1.00 17.07 ? 20  ALA A O   1 
ATOM   150  C CB  . ALA A 1 20  ? -6.924  5.053   -9.491  1.00 14.94 ? 20  ALA A CB  1 
ATOM   151  N N   . SER A 1 21  ? -6.830  7.637   -11.766 1.00 20.02 ? 21  SER A N   1 
ATOM   152  C CA  . SER A 1 21  ? -7.591  8.362   -12.783 1.00 23.30 ? 21  SER A CA  1 
ATOM   153  C C   . SER A 1 21  ? -8.125  7.557   -13.975 1.00 23.24 ? 21  SER A C   1 
ATOM   154  O O   . SER A 1 21  ? -8.920  8.078   -14.770 1.00 20.38 ? 21  SER A O   1 
ATOM   155  C CB  . SER A 1 21  ? -6.745  9.512   -13.275 1.00 23.72 ? 21  SER A CB  1 
ATOM   156  O OG  . SER A 1 21  ? -5.502  9.001   -13.716 1.00 29.24 ? 21  SER A OG  1 
ATOM   157  N N   . SER A 1 22  ? -7.682  6.308   -14.115 1.00 19.73 ? 22  SER A N   1 
ATOM   158  C CA  . SER A 1 22  ? -8.140  5.452   -15.204 1.00 17.93 ? 22  SER A CA  1 
ATOM   159  C C   . SER A 1 22  ? -7.964  4.008   -14.778 1.00 18.84 ? 22  SER A C   1 
ATOM   160  O O   . SER A 1 22  ? -7.325  3.719   -13.749 1.00 16.58 ? 22  SER A O   1 
ATOM   161  C CB  . SER A 1 22  ? -7.357  5.713   -16.494 1.00 16.56 ? 22  SER A CB  1 
ATOM   162  O OG  . SER A 1 22  ? -6.111  5.034   -16.533 1.00 16.90 ? 22  SER A OG  1 
ATOM   163  N N   . SER A 1 23  ? -8.508  3.103   -15.588 1.00 18.56 ? 23  SER A N   1 
ATOM   164  C CA  . SER A 1 23  ? -8.430  1.665   -15.330 1.00 18.50 ? 23  SER A CA  1 
ATOM   165  C C   . SER A 1 23  ? -6.993  1.123   -15.457 1.00 17.52 ? 23  SER A C   1 
ATOM   166  O O   . SER A 1 23  ? -6.720  0.012   -15.005 1.00 19.88 ? 23  SER A O   1 
ATOM   167  C CB  . SER A 1 23  ? -9.343  0.904   -16.299 1.00 19.07 ? 23  SER A CB  1 
ATOM   168  O OG  . SER A 1 23  ? -8.820  0.985   -17.604 1.00 22.33 ? 23  SER A OG  1 
ATOM   169  N N   . ASN A 1 24  ? -6.098  1.886   -16.075 1.00 15.93 ? 24  ASN A N   1 
ATOM   170  C CA  . ASN A 1 24  ? -4.720  1.460   -16.248 1.00 16.73 ? 24  ASN A CA  1 
ATOM   171  C C   . ASN A 1 24  ? -3.782  1.890   -15.148 1.00 13.36 ? 24  ASN A C   1 
ATOM   172  O O   . ASN A 1 24  ? -2.605  1.610   -15.225 1.00 13.83 ? 24  ASN A O   1 
ATOM   173  C CB  . ASN A 1 24  ? -4.166  1.937   -17.583 1.00 19.91 ? 24  ASN A CB  1 
ATOM   174  C CG  . ASN A 1 24  ? -4.566  1.022   -18.716 1.00 25.51 ? 24  ASN A CG  1 
ATOM   175  O OD1 . ASN A 1 24  ? -4.397  -0.204  -18.629 1.00 28.67 ? 24  ASN A OD1 1 
ATOM   176  N ND2 . ASN A 1 24  ? -5.159  1.590   -19.755 1.00 27.21 ? 24  ASN A ND2 1 
ATOM   177  N N   . TYR A 1 25  ? -4.297  2.554   -14.129 1.00 12.05 ? 25  TYR A N   1 
ATOM   178  C CA  . TYR A 1 25  ? -3.453  3.043   -13.047 1.00 12.08 ? 25  TYR A CA  1 
ATOM   179  C C   . TYR A 1 25  ? -2.593  1.929   -12.426 1.00 11.88 ? 25  TYR A C   1 
ATOM   180  O O   . TYR A 1 25  ? -1.366  2.030   -12.371 1.00 11.28 ? 25  TYR A O   1 
ATOM   181  C CB  . TYR A 1 25  ? -4.329  3.716   -11.988 1.00 11.85 ? 25  TYR A CB  1 
ATOM   182  C CG  . TYR A 1 25  ? -3.555  4.173   -10.777 1.00 14.85 ? 25  TYR A CG  1 
ATOM   183  C CD1 . TYR A 1 25  ? -2.938  5.434   -10.735 1.00 14.43 ? 25  TYR A CD1 1 
ATOM   184  C CD2 . TYR A 1 25  ? -3.411  3.328   -9.671  1.00 14.78 ? 25  TYR A CD2 1 
ATOM   185  C CE1 . TYR A 1 25  ? -2.196  5.831   -9.611  1.00 14.64 ? 25  TYR A CE1 1 
ATOM   186  C CE2 . TYR A 1 25  ? -2.673  3.713   -8.554  1.00 13.99 ? 25  TYR A CE2 1 
ATOM   187  C CZ  . TYR A 1 25  ? -2.070  4.955   -8.527  1.00 15.09 ? 25  TYR A CZ  1 
ATOM   188  O OH  . TYR A 1 25  ? -1.319  5.289   -7.416  1.00 16.66 ? 25  TYR A OH  1 
ATOM   189  N N   . CYS A 1 26  ? -3.241  0.849   -11.997 1.00 12.54 ? 26  CYS A N   1 
ATOM   190  C CA  . CYS A 1 26  ? -2.506  -0.268  -11.384 1.00 12.07 ? 26  CYS A CA  1 
ATOM   191  C C   . CYS A 1 26  ? -1.486  -0.879  -12.334 1.00 11.60 ? 26  CYS A C   1 
ATOM   192  O O   . CYS A 1 26  ? -0.324  -1.066  -11.979 1.00 12.45 ? 26  CYS A O   1 
ATOM   193  C CB  . CYS A 1 26  ? -3.465  -1.327  -10.891 1.00 9.72  ? 26  CYS A CB  1 
ATOM   194  S SG  . CYS A 1 26  ? -4.409  -0.829  -9.445  1.00 11.42 ? 26  CYS A SG  1 
ATOM   195  N N   . ASN A 1 27  ? -1.884  -1.113  -13.578 1.00 12.58 ? 27  ASN A N   1 
ATOM   196  C CA  . ASN A 1 27  ? -0.967  -1.669  -14.526 1.00 13.19 ? 27  ASN A CA  1 
ATOM   197  C C   . ASN A 1 27  ? 0.283   -0.826  -14.635 1.00 15.90 ? 27  ASN A C   1 
ATOM   198  O O   . ASN A 1 27  ? 1.402   -1.355  -14.653 1.00 16.50 ? 27  ASN A O   1 
ATOM   199  C CB  . ASN A 1 27  ? -1.637  -1.824  -15.899 1.00 15.98 ? 27  ASN A CB  1 
ATOM   200  C CG  . ASN A 1 27  ? -2.585  -3.015  -15.948 1.00 16.70 ? 27  ASN A CG  1 
ATOM   201  O OD1 . ASN A 1 27  ? -2.539  -3.878  -15.103 1.00 16.79 ? 27  ASN A OD1 1 
ATOM   202  N ND2 . ASN A 1 27  ? -3.456  -3.044  -16.929 1.00 18.57 ? 27  ASN A ND2 1 
ATOM   203  N N   . GLN A 1 28  ? 0.120   0.488   -14.675 1.00 14.23 ? 28  GLN A N   1 
ATOM   204  C CA  . GLN A 1 28  ? 1.280   1.359   -14.795 1.00 16.38 ? 28  GLN A CA  1 
ATOM   205  C C   . GLN A 1 28  ? 2.092   1.459   -13.532 1.00 12.23 ? 28  GLN A C   1 
ATOM   206  O O   . GLN A 1 28  ? 3.313   1.437   -13.596 1.00 13.65 ? 28  GLN A O   1 
ATOM   207  C CB  . GLN A 1 28  ? 0.873   2.775   -15.149 1.00 22.23 ? 28  GLN A CB  1 
ATOM   208  C CG  . GLN A 1 28  ? 1.228   3.158   -16.536 1.00 34.19 ? 28  GLN A CG  1 
ATOM   209  C CD  . GLN A 1 28  ? -0.016  3.286   -17.366 1.00 39.35 ? 28  GLN A CD  1 
ATOM   210  O OE1 . GLN A 1 28  ? -0.850  4.186   -17.116 1.00 42.77 ? 28  GLN A OE1 1 
ATOM   211  N NE2 . GLN A 1 28  ? -0.202  2.353   -18.322 1.00 42.33 ? 28  GLN A NE2 1 
ATOM   212  N N   . MET A 1 29  ? 1.409   1.633   -12.405 1.00 11.77 ? 29  MET A N   1 
ATOM   213  C CA  . MET A 1 29  ? 2.071   1.799   -11.111 1.00 11.94 ? 29  MET A CA  1 
ATOM   214  C C   . MET A 1 29  ? 2.806   0.544   -10.632 1.00 12.44 ? 29  MET A C   1 
ATOM   215  O O   . MET A 1 29  ? 3.926   0.624   -10.085 1.00 13.13 ? 29  MET A O   1 
ATOM   216  C CB  . MET A 1 29  ? 1.057   2.248   -10.072 1.00 13.17 ? 29  MET A CB  1 
ATOM   217  C CG  . MET A 1 29  ? 0.627   3.693   -10.217 1.00 18.18 ? 29  MET A CG  1 
ATOM   218  S SD  . MET A 1 29  ? 1.992   4.897   -10.207 1.00 21.90 ? 29  MET A SD  1 
ATOM   219  C CE  . MET A 1 29  ? 2.451   4.748   -8.545  1.00 20.15 ? 29  MET A CE  1 
ATOM   220  N N   . MET A 1 30  ? 2.191   -0.612  -10.854 1.00 10.02 ? 30  MET A N   1 
ATOM   221  C CA  . MET A 1 30  ? 2.813   -1.867  -10.455 1.00 10.97 ? 30  MET A CA  1 
ATOM   222  C C   . MET A 1 30  ? 4.104   -2.063  -11.213 1.00 12.55 ? 30  MET A C   1 
ATOM   223  O O   . MET A 1 30  ? 5.106   -2.523  -10.652 1.00 14.93 ? 30  MET A O   1 
ATOM   224  C CB  . MET A 1 30  ? 1.872   -3.048  -10.684 1.00 8.39  ? 30  MET A CB  1 
ATOM   225  C CG  . MET A 1 30  ? 0.645   -3.055  -9.759  1.00 9.17  ? 30  MET A CG  1 
ATOM   226  S SD  . MET A 1 30  ? 0.986   -3.196  -7.965  1.00 12.64 ? 30  MET A SD  1 
ATOM   227  C CE  . MET A 1 30  ? 1.307   -4.985  -7.770  1.00 10.05 ? 30  MET A CE  1 
ATOM   228  N N   . LYS A 1 31  ? 4.107   -1.730  -12.492 1.00 11.61 ? 31  LYS A N   1 
ATOM   229  C CA  . LYS A 1 31  ? 5.321   -1.899  -13.262 1.00 12.34 ? 31  LYS A CA  1 
ATOM   230  C C   . LYS A 1 31  ? 6.404   -0.886  -12.890 1.00 14.50 ? 31  LYS A C   1 
ATOM   231  O O   . LYS A 1 31  ? 7.571   -1.245  -12.677 1.00 15.51 ? 31  LYS A O   1 
ATOM   232  C CB  . LYS A 1 31  ? 5.003   -1.766  -14.737 1.00 17.16 ? 31  LYS A CB  1 
ATOM   233  C CG  . LYS A 1 31  ? 6.225   -1.809  -15.607 1.00 23.02 ? 31  LYS A CG  1 
ATOM   234  C CD  . LYS A 1 31  ? 6.750   -3.227  -15.639 1.00 32.82 ? 31  LYS A CD  1 
ATOM   235  C CE  . LYS A 1 31  ? 8.142   -3.353  -16.278 1.00 38.05 ? 31  LYS A CE  1 
ATOM   236  N NZ  . LYS A 1 31  ? 8.121   -3.011  -17.737 1.00 42.92 ? 31  LYS A NZ  1 
ATOM   237  N N   . SER A 1 32  ? 6.027   0.389   -12.801 1.00 15.19 ? 32  SER A N   1 
ATOM   238  C CA  . SER A 1 32  ? 7.001   1.451   -12.520 1.00 15.69 ? 32  SER A CA  1 
ATOM   239  C C   . SER A 1 32  ? 7.602   1.423   -11.115 1.00 14.84 ? 32  SER A C   1 
ATOM   240  O O   . SER A 1 32  ? 8.741   1.850   -10.910 1.00 17.34 ? 32  SER A O   1 
ATOM   241  C CB  . SER A 1 32  ? 6.452   2.860   -12.899 1.00 17.38 ? 32  SER A CB  1 
ATOM   242  O OG  . SER A 1 32  ? 5.436   3.317   -12.025 1.00 20.20 ? 32  SER A OG  1 
ATOM   243  N N   . ARG A 1 33  ? 6.832   0.958   -10.147 1.00 13.98 ? 33  ARG A N   1 
ATOM   244  C CA  . ARG A 1 33  ? 7.337   0.858   -8.791  1.00 14.21 ? 33  ARG A CA  1 
ATOM   245  C C   . ARG A 1 33  ? 8.137   -0.445  -8.619  1.00 15.01 ? 33  ARG A C   1 
ATOM   246  O O   . ARG A 1 33  ? 8.591   -0.770  -7.526  1.00 13.73 ? 33  ARG A O   1 
ATOM   247  C CB  . ARG A 1 33  ? 6.185   0.967   -7.821  1.00 12.67 ? 33  ARG A CB  1 
ATOM   248  C CG  . ARG A 1 33  ? 5.573   2.344   -7.841  1.00 12.22 ? 33  ARG A CG  1 
ATOM   249  C CD  . ARG A 1 33  ? 6.612   3.367   -7.392  1.00 11.61 ? 33  ARG A CD  1 
ATOM   250  N NE  . ARG A 1 33  ? 6.068   4.727   -7.256  1.00 13.99 ? 33  ARG A NE  1 
ATOM   251  C CZ  . ARG A 1 33  ? 5.371   5.185   -6.208  1.00 13.39 ? 33  ARG A CZ  1 
ATOM   252  N NH1 . ARG A 1 33  ? 5.121   4.420   -5.177  1.00 11.46 ? 33  ARG A NH1 1 
ATOM   253  N NH2 . ARG A 1 33  ? 4.884   6.424   -6.198  1.00 13.28 ? 33  ARG A NH2 1 
ATOM   254  N N   . ASN A 1 34  ? 8.316   -1.173  -9.720  1.00 15.87 ? 34  ASN A N   1 
ATOM   255  C CA  . ASN A 1 34  ? 9.094   -2.405  -9.725  1.00 19.86 ? 34  ASN A CA  1 
ATOM   256  C C   . ASN A 1 34  ? 8.487   -3.539  -8.940  1.00 17.89 ? 34  ASN A C   1 
ATOM   257  O O   . ASN A 1 34  ? 9.226   -4.379  -8.420  1.00 18.98 ? 34  ASN A O   1 
ATOM   258  C CB  . ASN A 1 34  ? 10.473  -2.146  -9.145  1.00 25.56 ? 34  ASN A CB  1 
ATOM   259  C CG  . ASN A 1 34  ? 11.510  -2.079  -10.177 1.00 33.26 ? 34  ASN A CG  1 
ATOM   260  O OD1 . ASN A 1 34  ? 11.774  -1.003  -10.734 1.00 37.40 ? 34  ASN A OD1 1 
ATOM   261  N ND2 . ASN A 1 34  ? 12.152  -3.221  -10.449 1.00 35.60 ? 34  ASN A ND2 1 
ATOM   262  N N   . LEU A 1 35  ? 7.166   -3.570  -8.833  1.00 15.57 ? 35  LEU A N   1 
ATOM   263  C CA  . LEU A 1 35  ? 6.489   -4.628  -8.089  1.00 16.16 ? 35  LEU A CA  1 
ATOM   264  C C   . LEU A 1 35  ? 6.205   -5.892  -8.935  1.00 17.68 ? 35  LEU A C   1 
ATOM   265  O O   . LEU A 1 35  ? 5.584   -6.843  -8.455  1.00 17.78 ? 35  LEU A O   1 
ATOM   266  C CB  . LEU A 1 35  ? 5.188   -4.089  -7.493  1.00 15.36 ? 35  LEU A CB  1 
ATOM   267  C CG  . LEU A 1 35  ? 5.386   -2.781  -6.725  1.00 16.84 ? 35  LEU A CG  1 
ATOM   268  C CD1 . LEU A 1 35  ? 4.076   -2.368  -6.096  1.00 17.90 ? 35  LEU A CD1 1 
ATOM   269  C CD2 . LEU A 1 35  ? 6.452   -2.959  -5.674  1.00 17.36 ? 35  LEU A CD2 1 
ATOM   270  N N   . THR A 1 36  ? 6.650   -5.905  -10.186 1.00 15.75 ? 36  THR A N   1 
ATOM   271  C CA  . THR A 1 36  ? 6.396   -7.054  -11.040 1.00 17.50 ? 36  THR A CA  1 
ATOM   272  C C   . THR A 1 36  ? 7.709   -7.575  -11.610 1.00 20.12 ? 36  THR A C   1 
ATOM   273  O O   . THR A 1 36  ? 7.717   -8.344  -12.558 1.00 23.07 ? 36  THR A O   1 
ATOM   274  C CB  . THR A 1 36  ? 5.447   -6.656  -12.182 1.00 16.03 ? 36  THR A CB  1 
ATOM   275  O OG1 . THR A 1 36  ? 6.059   -5.639  -12.974 1.00 17.50 ? 36  THR A OG1 1 
ATOM   276  C CG2 . THR A 1 36  ? 4.142   -6.114  -11.628 1.00 15.38 ? 36  THR A CG2 1 
ATOM   277  N N   . LYS A 1 37  ? 8.815   -7.226  -10.959 1.00 23.81 ? 37  LYS A N   1 
ATOM   278  C CA  . LYS A 1 37  ? 10.145  -7.601  -11.441 1.00 28.15 ? 37  LYS A CA  1 
ATOM   279  C C   . LYS A 1 37  ? 10.509  -9.090  -11.448 1.00 24.64 ? 37  LYS A C   1 
ATOM   280  O O   . LYS A 1 37  ? 11.129  -9.574  -12.404 1.00 27.87 ? 37  LYS A O   1 
ATOM   281  C CB  . LYS A 1 37  ? 11.248  -6.782  -10.729 1.00 31.59 ? 37  LYS A CB  1 
ATOM   282  C CG  . LYS A 1 37  ? 12.614  -6.796  -11.462 1.00 37.16 ? 37  LYS A CG  1 
ATOM   283  C CD  . LYS A 1 37  ? 13.722  -6.074  -10.695 1.00 40.42 ? 37  LYS A CD  1 
ATOM   284  C CE  . LYS A 1 37  ? 14.028  -6.733  -9.340  1.00 42.76 ? 37  LYS A CE  1 
ATOM   285  N NZ  . LYS A 1 37  ? 14.706  -8.072  -9.453  1.00 46.16 ? 37  LYS A NZ  1 
ATOM   286  N N   . ASP A 1 38  ? 10.197  -9.802  -10.379 1.00 23.09 ? 38  ASP A N   1 
ATOM   287  C CA  . ASP A 1 38  ? 10.527  -11.219 -10.339 1.00 21.66 ? 38  ASP A CA  1 
ATOM   288  C C   . ASP A 1 38  ? 9.304   -12.090 -10.549 1.00 18.34 ? 38  ASP A C   1 
ATOM   289  O O   . ASP A 1 38  ? 9.413   -13.242 -10.960 1.00 17.44 ? 38  ASP A O   1 
ATOM   290  C CB  . ASP A 1 38  ? 11.191  -11.553 -9.020  1.00 26.67 ? 38  ASP A CB  1 
ATOM   291  C CG  . ASP A 1 38  ? 12.490  -10.826 -8.852  1.00 32.81 ? 38  ASP A CG  1 
ATOM   292  O OD1 . ASP A 1 38  ? 12.574  -10.015 -7.907  1.00 36.94 ? 38  ASP A OD1 1 
ATOM   293  O OD2 . ASP A 1 38  ? 13.411  -11.020 -9.688  1.00 34.89 ? 38  ASP A OD2 1 
ATOM   294  N N   . ARG A 1 39  ? 8.142   -11.532 -10.238 1.00 14.70 ? 39  ARG A N   1 
ATOM   295  C CA  . ARG A 1 39  ? 6.887   -12.224 -10.367 1.00 14.36 ? 39  ARG A CA  1 
ATOM   296  C C   . ARG A 1 39  ? 5.788   -11.166 -10.219 1.00 12.67 ? 39  ARG A C   1 
ATOM   297  O O   . ARG A 1 39  ? 6.044   -10.031 -9.845  1.00 13.43 ? 39  ARG A O   1 
ATOM   298  C CB  . ARG A 1 39  ? 6.755   -13.258 -9.231  1.00 18.04 ? 39  ARG A CB  1 
ATOM   299  C CG  . ARG A 1 39  ? 6.653   -12.621 -7.834  1.00 22.84 ? 39  ARG A CG  1 
ATOM   300  C CD  . ARG A 1 39  ? 6.828   -13.621 -6.730  1.00 28.43 ? 39  ARG A CD  1 
ATOM   301  N NE  . ARG A 1 39  ? 6.429   -13.046 -5.455  1.00 34.40 ? 39  ARG A NE  1 
ATOM   302  C CZ  . ARG A 1 39  ? 5.164   -12.968 -5.044  1.00 37.23 ? 39  ARG A CZ  1 
ATOM   303  N NH1 . ARG A 1 39  ? 4.171   -13.436 -5.802  1.00 39.53 ? 39  ARG A NH1 1 
ATOM   304  N NH2 . ARG A 1 39  ? 4.884   -12.420 -3.875  1.00 39.33 ? 39  ARG A NH2 1 
ATOM   305  N N   . CYS A 1 40  ? 4.559   -11.545 -10.489 1.00 12.35 ? 40  CYS A N   1 
ATOM   306  C CA  . CYS A 1 40  ? 3.494   -10.602 -10.337 1.00 11.96 ? 40  CYS A CA  1 
ATOM   307  C C   . CYS A 1 40  ? 3.020   -10.605 -8.901  1.00 13.00 ? 40  CYS A C   1 
ATOM   308  O O   . CYS A 1 40  ? 2.477   -11.603 -8.443  1.00 13.75 ? 40  CYS A O   1 
ATOM   309  C CB  . CYS A 1 40  ? 2.308   -10.955 -11.261 1.00 13.22 ? 40  CYS A CB  1 
ATOM   310  S SG  . CYS A 1 40  ? 2.664   -11.209 -13.032 1.00 13.83 ? 40  CYS A SG  1 
ATOM   311  N N   . LYS A 1 41  ? 3.236   -9.502  -8.176  1.00 13.13 ? 41  LYS A N   1 
ATOM   312  C CA  . LYS A 1 41  ? 2.708   -9.370  -6.812  1.00 13.67 ? 41  LYS A CA  1 
ATOM   313  C C   . LYS A 1 41  ? 1.192   -9.424  -7.028  1.00 17.13 ? 41  LYS A C   1 
ATOM   314  O O   . LYS A 1 41  ? 0.631   -8.598  -7.753  1.00 19.34 ? 41  LYS A O   1 
ATOM   315  C CB  . LYS A 1 41  ? 3.119   -8.032  -6.178  1.00 14.47 ? 41  LYS A CB  1 
ATOM   316  C CG  . LYS A 1 41  ? 2.580   -7.877  -4.771  1.00 16.08 ? 41  LYS A CG  1 
ATOM   317  C CD  . LYS A 1 41  ? 3.248   -6.766  -3.970  1.00 14.68 ? 41  LYS A CD  1 
ATOM   318  C CE  . LYS A 1 41  ? 2.546   -6.616  -2.605  1.00 15.16 ? 41  LYS A CE  1 
ATOM   319  N NZ  . LYS A 1 41  ? 3.137   -5.473  -1.844  1.00 14.55 ? 41  LYS A NZ  1 
ATOM   320  N N   . PRO A 1 42  ? 0.495   -10.357 -6.369  1.00 16.94 ? 42  PRO A N   1 
ATOM   321  C CA  . PRO A 1 42  ? -0.951  -10.482 -6.557  1.00 16.57 ? 42  PRO A CA  1 
ATOM   322  C C   . PRO A 1 42  ? -1.887  -9.373  -6.130  1.00 16.11 ? 42  PRO A C   1 
ATOM   323  O O   . PRO A 1 42  ? -2.926  -9.189  -6.765  1.00 16.14 ? 42  PRO A O   1 
ATOM   324  C CB  . PRO A 1 42  ? -1.266  -11.801 -5.863  1.00 18.19 ? 42  PRO A CB  1 
ATOM   325  C CG  . PRO A 1 42  ? -0.259  -11.848 -4.769  1.00 18.78 ? 42  PRO A CG  1 
ATOM   326  C CD  . PRO A 1 42  ? 0.996   -11.382 -5.436  1.00 18.00 ? 42  PRO A CD  1 
ATOM   327  N N   . VAL A 1 43  ? -1.594  -8.733  -5.003  1.00 17.48 ? 43  VAL A N   1 
ATOM   328  C CA  . VAL A 1 43  ? -2.406  -7.620  -4.485  1.00 17.18 ? 43  VAL A CA  1 
ATOM   329  C C   . VAL A 1 43  ? -1.489  -6.573  -3.913  1.00 15.14 ? 43  VAL A C   1 
ATOM   330  O O   . VAL A 1 43  ? -0.466  -6.894  -3.296  1.00 14.53 ? 43  VAL A O   1 
ATOM   331  C CB  . VAL A 1 43  ? -3.414  -8.005  -3.368  1.00 18.89 ? 43  VAL A CB  1 
ATOM   332  C CG1 . VAL A 1 43  ? -4.328  -9.098  -3.861  1.00 23.96 ? 43  VAL A CG1 1 
ATOM   333  C CG2 . VAL A 1 43  ? -2.690  -8.453  -2.128  1.00 21.44 ? 43  VAL A CG2 1 
ATOM   334  N N   . ASN A 1 44  ? -1.845  -5.314  -4.134  1.00 12.77 ? 44  ASN A N   1 
ATOM   335  C CA  . ASN A 1 44  ? -1.062  -4.211  -3.627  1.00 10.44 ? 44  ASN A CA  1 
ATOM   336  C C   . ASN A 1 44  ? -1.954  -2.980  -3.517  1.00 12.27 ? 44  ASN A C   1 
ATOM   337  O O   . ASN A 1 44  ? -2.791  -2.744  -4.383  1.00 13.52 ? 44  ASN A O   1 
ATOM   338  C CB  . ASN A 1 44  ? 0.130   -3.910  -4.535  1.00 9.22  ? 44  ASN A CB  1 
ATOM   339  C CG  . ASN A 1 44  ? 1.099   -2.913  -3.888  1.00 14.57 ? 44  ASN A CG  1 
ATOM   340  O OD1 . ASN A 1 44  ? 1.783   -3.242  -2.924  1.00 14.05 ? 44  ASN A OD1 1 
ATOM   341  N ND2 . ASN A 1 44  ? 1.109   -1.686  -4.369  1.00 11.23 ? 44  ASN A ND2 1 
ATOM   342  N N   . THR A 1 45  ? -1.825  -2.245  -2.420  1.00 11.58 ? 45  THR A N   1 
ATOM   343  C CA  . THR A 1 45  ? -2.605  -1.045  -2.223  1.00 12.58 ? 45  THR A CA  1 
ATOM   344  C C   . THR A 1 45  ? -1.708  0.195   -2.237  1.00 14.40 ? 45  THR A C   1 
ATOM   345  O O   . THR A 1 45  ? -0.600  0.182   -1.686  1.00 12.14 ? 45  THR A O   1 
ATOM   346  C CB  . THR A 1 45  ? -3.354  -1.089  -0.898  1.00 12.57 ? 45  THR A CB  1 
ATOM   347  O OG1 . THR A 1 45  ? -4.182  -2.253  -0.866  1.00 11.97 ? 45  THR A OG1 1 
ATOM   348  C CG2 . THR A 1 45  ? -4.215  0.151   -0.699  1.00 11.04 ? 45  THR A CG2 1 
ATOM   349  N N   . PHE A 1 46  ? -2.184  1.239   -2.922  1.00 11.62 ? 46  PHE A N   1 
ATOM   350  C CA  . PHE A 1 46  ? -1.505  2.525   -2.976  1.00 9.90  ? 46  PHE A CA  1 
ATOM   351  C C   . PHE A 1 46  ? -2.315  3.494   -2.131  1.00 10.13 ? 46  PHE A C   1 
ATOM   352  O O   . PHE A 1 46  ? -3.558  3.433   -2.113  1.00 9.50  ? 46  PHE A O   1 
ATOM   353  C CB  . PHE A 1 46  ? -1.421  3.022   -4.417  1.00 9.19  ? 46  PHE A CB  1 
ATOM   354  C CG  . PHE A 1 46  ? -0.429  2.283   -5.223  1.00 9.25  ? 46  PHE A CG  1 
ATOM   355  C CD1 . PHE A 1 46  ? 0.927   2.598   -5.117  1.00 10.87 ? 46  PHE A CD1 1 
ATOM   356  C CD2 . PHE A 1 46  ? -0.837  1.235   -6.053  1.00 9.17  ? 46  PHE A CD2 1 
ATOM   357  C CE1 . PHE A 1 46  ? 1.899   1.877   -5.827  1.00 11.66 ? 46  PHE A CE1 1 
ATOM   358  C CE2 . PHE A 1 46  ? 0.099   0.505   -6.773  1.00 9.98  ? 46  PHE A CE2 1 
ATOM   359  C CZ  . PHE A 1 46  ? 1.475   0.813   -6.667  1.00 11.99 ? 46  PHE A CZ  1 
ATOM   360  N N   . VAL A 1 47  ? -1.619  4.377   -1.417  1.00 10.81 ? 47  VAL A N   1 
ATOM   361  C CA  . VAL A 1 47  ? -2.278  5.362   -0.569  1.00 10.62 ? 47  VAL A CA  1 
ATOM   362  C C   . VAL A 1 47  ? -2.016  6.769   -1.145  1.00 10.41 ? 47  VAL A C   1 
ATOM   363  O O   . VAL A 1 47  ? -0.876  7.125   -1.443  1.00 9.48  ? 47  VAL A O   1 
ATOM   364  C CB  . VAL A 1 47  ? -1.789  5.247   0.894   1.00 11.43 ? 47  VAL A CB  1 
ATOM   365  C CG1 . VAL A 1 47  ? -2.605  6.170   1.782   1.00 11.33 ? 47  VAL A CG1 1 
ATOM   366  C CG2 . VAL A 1 47  ? -1.936  3.798   1.382   1.00 9.17  ? 47  VAL A CG2 1 
ATOM   367  N N   . HIS A 1 48  ? -3.105  7.520   -1.355  1.00 11.92 ? 48  HIS A N   1 
ATOM   368  C CA  . HIS A 1 48  ? -3.061  8.865   -1.957  1.00 13.47 ? 48  HIS A CA  1 
ATOM   369  C C   . HIS A 1 48  ? -3.182  9.953   -0.906  1.00 13.41 ? 48  HIS A C   1 
ATOM   370  O O   . HIS A 1 48  ? -4.156  10.689  -0.877  1.00 14.33 ? 48  HIS A O   1 
ATOM   371  C CB  . HIS A 1 48  ? -4.209  9.015   -2.985  1.00 11.31 ? 48  HIS A CB  1 
ATOM   372  C CG  . HIS A 1 48  ? -4.202  7.967   -4.052  1.00 10.82 ? 48  HIS A CG  1 
ATOM   373  N ND1 . HIS A 1 48  ? -3.253  7.929   -5.044  1.00 12.75 ? 48  HIS A ND1 1 
ATOM   374  C CD2 . HIS A 1 48  ? -5.004  6.892   -4.253  1.00 10.30 ? 48  HIS A CD2 1 
ATOM   375  C CE1 . HIS A 1 48  ? -3.460  6.871   -5.809  1.00 11.46 ? 48  HIS A CE1 1 
ATOM   376  N NE2 . HIS A 1 48  ? -4.517  6.227   -5.353  1.00 9.96  ? 48  HIS A NE2 1 
ATOM   377  N N   . GLU A 1 49  ? -2.185  10.029  -0.044  1.00 12.53 ? 49  GLU A N   1 
ATOM   378  C CA  . GLU A 1 49  ? -2.163  10.973  1.045   1.00 12.47 ? 49  GLU A CA  1 
ATOM   379  C C   . GLU A 1 49  ? -0.725  11.423  1.242   1.00 10.14 ? 49  GLU A C   1 
ATOM   380  O O   . GLU A 1 49  ? 0.187   10.886  0.615   1.00 11.33 ? 49  GLU A O   1 
ATOM   381  C CB  . GLU A 1 49  ? -2.672  10.296  2.338   1.00 14.49 ? 49  GLU A CB  1 
ATOM   382  C CG  . GLU A 1 49  ? -4.093  9.671   2.284   1.00 15.68 ? 49  GLU A CG  1 
ATOM   383  C CD  . GLU A 1 49  ? -5.216  10.708  2.261   1.00 19.05 ? 49  GLU A CD  1 
ATOM   384  O OE1 . GLU A 1 49  ? -6.369  10.354  1.946   1.00 17.69 ? 49  GLU A OE1 1 
ATOM   385  O OE2 . GLU A 1 49  ? -4.952  11.892  2.549   1.00 21.57 ? 49  GLU A OE2 1 
ATOM   386  N N   . SER A 1 50  ? -0.497  12.437  2.080   1.00 12.88 ? 50  SER A N   1 
ATOM   387  C CA  . SER A 1 50  ? 0.898   12.843  2.313   1.00 13.64 ? 50  SER A CA  1 
ATOM   388  C C   . SER A 1 50  ? 1.608   11.765  3.158   1.00 12.27 ? 50  SER A C   1 
ATOM   389  O O   . SER A 1 50  ? 0.988   11.073  3.974   1.00 11.41 ? 50  SER A O   1 
ATOM   390  C CB  . SER A 1 50  ? 1.020   14.204  3.021   1.00 12.01 ? 50  SER A CB  1 
ATOM   391  O OG  . SER A 1 50  ? 0.362   14.155  4.244   1.00 15.51 ? 50  SER A OG  1 
ATOM   392  N N   . LEU A 1 51  ? 2.897   11.625  2.924   1.00 12.10 ? 51  LEU A N   1 
ATOM   393  C CA  . LEU A 1 51  ? 3.688   10.672  3.661   1.00 13.59 ? 51  LEU A CA  1 
ATOM   394  C C   . LEU A 1 51  ? 3.578   10.988  5.149   1.00 15.21 ? 51  LEU A C   1 
ATOM   395  O O   . LEU A 1 51  ? 3.440   10.087  5.955   1.00 14.90 ? 51  LEU A O   1 
ATOM   396  C CB  . LEU A 1 51  ? 5.134   10.718  3.200   1.00 15.79 ? 51  LEU A CB  1 
ATOM   397  C CG  . LEU A 1 51  ? 6.092   9.754   3.919   1.00 16.68 ? 51  LEU A CG  1 
ATOM   398  C CD1 . LEU A 1 51  ? 5.707   8.259   3.727   1.00 17.27 ? 51  LEU A CD1 1 
ATOM   399  C CD2 . LEU A 1 51  ? 7.471   10.044  3.416   1.00 17.20 ? 51  LEU A CD2 1 
ATOM   400  N N   . ALA A 1 52  ? 3.633   12.259  5.532   1.00 13.63 ? 52  ALA A N   1 
ATOM   401  C CA  . ALA A 1 52  ? 3.499   12.583  6.933   1.00 13.64 ? 52  ALA A CA  1 
ATOM   402  C C   . ALA A 1 52  ? 2.195   12.060  7.539   1.00 14.54 ? 52  ALA A C   1 
ATOM   403  O O   . ALA A 1 52  ? 2.176   11.620  8.682   1.00 14.45 ? 52  ALA A O   1 
ATOM   404  C CB  . ALA A 1 52  ? 3.598   14.087  7.138   1.00 14.21 ? 52  ALA A CB  1 
ATOM   405  N N   . ASP A 1 53  ? 1.100   12.072  6.787   1.00 13.34 ? 53  ASP A N   1 
ATOM   406  C CA  . ASP A 1 53  ? -0.183  11.607  7.319   1.00 13.80 ? 53  ASP A CA  1 
ATOM   407  C C   . ASP A 1 53  ? -0.201  10.105  7.489   1.00 10.69 ? 53  ASP A C   1 
ATOM   408  O O   . ASP A 1 53  ? -0.879  9.590   8.378   1.00 11.68 ? 53  ASP A O   1 
ATOM   409  C CB  . ASP A 1 53  ? -1.366  12.004  6.407   1.00 15.49 ? 53  ASP A CB  1 
ATOM   410  C CG  . ASP A 1 53  ? -1.830  13.443  6.618   1.00 19.06 ? 53  ASP A CG  1 
ATOM   411  O OD1 . ASP A 1 53  ? -1.363  14.112  7.556   1.00 19.54 ? 53  ASP A OD1 1 
ATOM   412  O OD2 . ASP A 1 53  ? -2.684  13.913  5.843   1.00 22.07 ? 53  ASP A OD2 1 
ATOM   413  N N   . VAL A 1 54  ? 0.519   9.420   6.624   1.00 10.56 ? 54  VAL A N   1 
ATOM   414  C CA  . VAL A 1 54  ? 0.576   7.967   6.697   1.00 10.79 ? 54  VAL A CA  1 
ATOM   415  C C   . VAL A 1 54  ? 1.532   7.548   7.826   1.00 10.19 ? 54  VAL A C   1 
ATOM   416  O O   . VAL A 1 54  ? 1.227   6.638   8.590   1.00 11.15 ? 54  VAL A O   1 
ATOM   417  C CB  . VAL A 1 54  ? 0.936   7.340   5.348   1.00 10.63 ? 54  VAL A CB  1 
ATOM   418  C CG1 . VAL A 1 54  ? 1.265   5.850   5.529   1.00 11.72 ? 54  VAL A CG1 1 
ATOM   419  C CG2 . VAL A 1 54  ? -0.245  7.507   4.363   1.00 11.21 ? 54  VAL A CG2 1 
ATOM   420  N N   . GLN A 1 55  ? 2.672   8.216   7.938   1.00 10.00 ? 55  GLN A N   1 
ATOM   421  C CA  . GLN A 1 55  ? 3.622   7.945   9.042   1.00 12.23 ? 55  GLN A CA  1 
ATOM   422  C C   . GLN A 1 55  ? 2.961   8.190   10.405  1.00 13.30 ? 55  GLN A C   1 
ATOM   423  O O   . GLN A 1 55  ? 3.234   7.494   11.364  1.00 15.34 ? 55  GLN A O   1 
ATOM   424  C CB  . GLN A 1 55  ? 4.872   8.803   8.904   1.00 10.90 ? 55  GLN A CB  1 
ATOM   425  C CG  . GLN A 1 55  ? 5.816   8.372   7.782   1.00 13.61 ? 55  GLN A CG  1 
ATOM   426  C CD  . GLN A 1 55  ? 6.927   9.387   7.539   1.00 13.61 ? 55  GLN A CD  1 
ATOM   427  O OE1 . GLN A 1 55  ? 6.813   10.572  7.903   1.00 19.97 ? 55  GLN A OE1 1 
ATOM   428  N NE2 . GLN A 1 55  ? 8.006   8.941   6.937   1.00 14.64 ? 55  GLN A NE2 1 
ATOM   429  N N   . ALA A 1 56  ? 2.026   9.137   10.473  1.00 14.01 ? 56  ALA A N   1 
ATOM   430  C CA  . ALA A 1 56  ? 1.319   9.456   11.707  1.00 13.21 ? 56  ALA A CA  1 
ATOM   431  C C   . ALA A 1 56  ? 0.458   8.296   12.197  1.00 14.18 ? 56  ALA A C   1 
ATOM   432  O O   . ALA A 1 56  ? 0.074   8.270   13.362  1.00 14.73 ? 56  ALA A O   1 
ATOM   433  C CB  . ALA A 1 56  ? 0.453   10.688  11.533  1.00 10.83 ? 56  ALA A CB  1 
ATOM   434  N N   . VAL A 1 57  ? 0.104   7.366   11.314  1.00 13.03 ? 57  VAL A N   1 
ATOM   435  C CA  . VAL A 1 57  ? -0.742  6.247   11.715  1.00 12.18 ? 57  VAL A CA  1 
ATOM   436  C C   . VAL A 1 57  ? -0.054  5.427   12.802  1.00 11.34 ? 57  VAL A C   1 
ATOM   437  O O   . VAL A 1 57  ? -0.736  4.901   13.679  1.00 12.99 ? 57  VAL A O   1 
ATOM   438  C CB  . VAL A 1 57  ? -1.182  5.368   10.494  1.00 11.01 ? 57  VAL A CB  1 
ATOM   439  C CG1 . VAL A 1 57  ? -1.960  4.152   10.941  1.00 12.34 ? 57  VAL A CG1 1 
ATOM   440  C CG2 . VAL A 1 57  ? -2.094  6.164   9.585   1.00 11.73 ? 57  VAL A CG2 1 
ATOM   441  N N   . CYS A 1 58  ? 1.279   5.415   12.813  1.00 11.65 ? 58  CYS A N   1 
ATOM   442  C CA  . CYS A 1 58  ? 2.023   4.661   13.831  1.00 14.91 ? 58  CYS A CA  1 
ATOM   443  C C   . CYS A 1 58  ? 1.812   5.168   15.266  1.00 16.91 ? 58  CYS A C   1 
ATOM   444  O O   . CYS A 1 58  ? 2.356   4.601   16.210  1.00 16.80 ? 58  CYS A O   1 
ATOM   445  C CB  . CYS A 1 58  ? 3.500   4.634   13.525  1.00 12.64 ? 58  CYS A CB  1 
ATOM   446  S SG  . CYS A 1 58  ? 3.921   3.748   12.007  1.00 14.39 ? 58  CYS A SG  1 
ATOM   447  N N   . SER A 1 59  ? 1.085   6.274   15.423  1.00 17.96 ? 59  SER A N   1 
ATOM   448  C CA  . SER A 1 59  ? 0.779   6.809   16.742  1.00 19.92 ? 59  SER A CA  1 
ATOM   449  C C   . SER A 1 59  ? -0.726  6.885   16.909  1.00 19.91 ? 59  SER A C   1 
ATOM   450  O O   . SER A 1 59  ? -1.239  7.617   17.757  1.00 21.11 ? 59  SER A O   1 
ATOM   451  C CB  . SER A 1 59  ? 1.421   8.181   16.968  1.00 20.51 ? 59  SER A CB  1 
ATOM   452  O OG  . SER A 1 59  ? 0.834   9.162   16.139  1.00 26.82 ? 59  SER A OG  1 
ATOM   453  N N   . GLN A 1 60  ? -1.444  6.108   16.107  1.00 18.54 ? 60  GLN A N   1 
ATOM   454  C CA  . GLN A 1 60  ? -2.891  6.116   16.197  1.00 16.85 ? 60  GLN A CA  1 
ATOM   455  C C   . GLN A 1 60  ? -3.418  4.859   16.899  1.00 18.81 ? 60  GLN A C   1 
ATOM   456  O O   . GLN A 1 60  ? -2.810  4.418   17.872  1.00 19.86 ? 60  GLN A O   1 
ATOM   457  C CB  . GLN A 1 60  ? -3.516  6.418   14.828  1.00 16.16 ? 60  GLN A CB  1 
ATOM   458  C CG  . GLN A 1 60  ? -3.131  7.848   14.418  1.00 17.50 ? 60  GLN A CG  1 
ATOM   459  C CD  . GLN A 1 60  ? -3.611  8.291   13.050  1.00 18.64 ? 60  GLN A CD  1 
ATOM   460  O OE1 . GLN A 1 60  ? -4.541  7.725   12.485  1.00 18.44 ? 60  GLN A OE1 1 
ATOM   461  N NE2 . GLN A 1 60  ? -2.959  9.319   12.505  1.00 20.75 ? 60  GLN A NE2 1 
ATOM   462  N N   . LYS A 1 61  ? -4.492  4.258   16.420  1.00 18.03 ? 61  LYS A N   1 
ATOM   463  C CA  . LYS A 1 61  ? -5.054  3.122   17.127  1.00 20.46 ? 61  LYS A CA  1 
ATOM   464  C C   . LYS A 1 61  ? -4.260  1.846   16.984  1.00 18.44 ? 61  LYS A C   1 
ATOM   465  O O   . LYS A 1 61  ? -4.129  1.322   15.882  1.00 18.64 ? 61  LYS A O   1 
ATOM   466  C CB  . LYS A 1 61  ? -6.496  2.881   16.705  1.00 21.94 ? 61  LYS A CB  1 
ATOM   467  C CG  . LYS A 1 61  ? -7.162  1.948   17.658  1.00 27.80 ? 61  LYS A CG  1 
ATOM   468  C CD  . LYS A 1 61  ? -8.485  1.507   17.150  1.00 34.61 ? 61  LYS A CD  1 
ATOM   469  C CE  . LYS A 1 61  ? -9.170  0.613   18.179  1.00 39.65 ? 61  LYS A CE  1 
ATOM   470  N NZ  . LYS A 1 61  ? -10.398 -0.010  17.565  1.00 45.20 ? 61  LYS A NZ  1 
ATOM   471  N N   . ASN A 1 62  ? -3.752  1.332   18.100  1.00 17.56 ? 62  ASN A N   1 
ATOM   472  C CA  . ASN A 1 62  ? -2.967  0.081   18.087  1.00 18.58 ? 62  ASN A CA  1 
ATOM   473  C C   . ASN A 1 62  ? -3.918  -1.104  17.973  1.00 17.69 ? 62  ASN A C   1 
ATOM   474  O O   . ASN A 1 62  ? -4.914  -1.182  18.690  1.00 18.97 ? 62  ASN A O   1 
ATOM   475  C CB  . ASN A 1 62  ? -2.106  -0.026  19.357  1.00 21.54 ? 62  ASN A CB  1 
ATOM   476  C CG  . ASN A 1 62  ? -1.189  -1.251  19.373  1.00 24.07 ? 62  ASN A CG  1 
ATOM   477  O OD1 . ASN A 1 62  ? -0.925  -1.783  20.434  1.00 28.92 ? 62  ASN A OD1 1 
ATOM   478  N ND2 . ASN A 1 62  ? -0.679  -1.668  18.229  1.00 23.08 ? 62  ASN A ND2 1 
ATOM   479  N N   . VAL A 1 63  ? -3.670  -1.962  16.995  1.00 16.06 ? 63  VAL A N   1 
ATOM   480  C CA  . VAL A 1 63  ? -4.509  -3.132  16.764  1.00 15.76 ? 63  VAL A CA  1 
ATOM   481  C C   . VAL A 1 63  ? -3.641  -4.329  16.384  1.00 14.35 ? 63  VAL A C   1 
ATOM   482  O O   . VAL A 1 63  ? -2.458  -4.182  16.010  1.00 15.08 ? 63  VAL A O   1 
ATOM   483  C CB  . VAL A 1 63  ? -5.559  -2.898  15.614  1.00 16.92 ? 63  VAL A CB  1 
ATOM   484  C CG1 . VAL A 1 63  ? -6.558  -1.854  16.018  1.00 17.36 ? 63  VAL A CG1 1 
ATOM   485  C CG2 . VAL A 1 63  ? -4.867  -2.528  14.298  1.00 17.47 ? 63  VAL A CG2 1 
ATOM   486  N N   . ALA A 1 64  ? -4.212  -5.520  16.512  1.00 13.88 ? 64  ALA A N   1 
ATOM   487  C CA  . ALA A 1 64  ? -3.467  -6.721  16.121  1.00 13.57 ? 64  ALA A CA  1 
ATOM   488  C C   . ALA A 1 64  ? -3.442  -6.830  14.602  1.00 12.92 ? 64  ALA A C   1 
ATOM   489  O O   . ALA A 1 64  ? -4.449  -6.552  13.930  1.00 13.93 ? 64  ALA A O   1 
ATOM   490  C CB  . ALA A 1 64  ? -4.113  -7.985  16.724  1.00 12.33 ? 64  ALA A CB  1 
ATOM   491  N N   . CYS A 1 65  ? -2.290  -7.205  14.064  1.00 11.45 ? 65  CYS A N   1 
ATOM   492  C CA  . CYS A 1 65  ? -2.142  -7.429  12.649  1.00 12.39 ? 65  CYS A CA  1 
ATOM   493  C C   . CYS A 1 65  ? -2.952  -8.688  12.323  1.00 13.78 ? 65  CYS A C   1 
ATOM   494  O O   . CYS A 1 65  ? -3.341  -9.439  13.218  1.00 11.98 ? 65  CYS A O   1 
ATOM   495  C CB  . CYS A 1 65  ? -0.673  -7.669  12.311  1.00 13.27 ? 65  CYS A CB  1 
ATOM   496  S SG  . CYS A 1 65  ? 0.456   -6.365  12.878  1.00 14.81 ? 65  CYS A SG  1 
ATOM   497  N N   . LYS A 1 66  ? -3.191  -8.931  11.042  1.00 14.94 ? 66  LYS A N   1 
ATOM   498  C CA  . LYS A 1 66  ? -3.972  -10.086 10.636  1.00 21.10 ? 66  LYS A CA  1 
ATOM   499  C C   . LYS A 1 66  ? -3.291  -11.369 11.127  1.00 22.62 ? 66  LYS A C   1 
ATOM   500  O O   . LYS A 1 66  ? -3.976  -12.325 11.520  1.00 21.16 ? 66  LYS A O   1 
ATOM   501  C CB  . LYS A 1 66  ? -4.128  -10.137 9.118   1.00 25.65 ? 66  LYS A CB  1 
ATOM   502  C CG  . LYS A 1 66  ? -5.392  -9.483  8.620   1.00 33.58 ? 66  LYS A CG  1 
ATOM   503  C CD  . LYS A 1 66  ? -5.672  -9.894  7.168   1.00 40.70 ? 66  LYS A CD  1 
ATOM   504  C CE  . LYS A 1 66  ? -7.187  -9.806  6.836   1.00 44.11 ? 66  LYS A CE  1 
ATOM   505  N NZ  . LYS A 1 66  ? -7.574  -10.552 5.578   1.00 46.94 ? 66  LYS A NZ  1 
ATOM   506  N N   . ASN A 1 67  ? -1.952  -11.357 11.118  1.00 19.24 ? 67  ASN A N   1 
ATOM   507  C CA  . ASN A 1 67  ? -1.136  -12.495 11.548  1.00 18.01 ? 67  ASN A CA  1 
ATOM   508  C C   . ASN A 1 67  ? -0.945  -12.630 13.071  1.00 17.82 ? 67  ASN A C   1 
ATOM   509  O O   . ASN A 1 67  ? -0.210  -13.518 13.494  1.00 18.30 ? 67  ASN A O   1 
ATOM   510  C CB  . ASN A 1 67  ? 0.229   -12.464 10.848  1.00 18.03 ? 67  ASN A CB  1 
ATOM   511  C CG  . ASN A 1 67  ? 1.243   -11.498 11.520  1.00 19.25 ? 67  ASN A CG  1 
ATOM   512  O OD1 . ASN A 1 67  ? 0.912   -10.679 12.373  1.00 19.53 ? 67  ASN A OD1 1 
ATOM   513  N ND2 . ASN A 1 67  ? 2.491   -11.643 11.150  1.00 23.44 ? 67  ASN A ND2 1 
ATOM   514  N N   . GLY A 1 68  ? -1.526  -11.735 13.882  1.00 14.75 ? 68  GLY A N   1 
ATOM   515  C CA  . GLY A 1 68  ? -1.396  -11.860 15.330  1.00 13.21 ? 68  GLY A CA  1 
ATOM   516  C C   . GLY A 1 68  ? -0.454  -10.879 15.989  1.00 12.51 ? 68  GLY A C   1 
ATOM   517  O O   . GLY A 1 68  ? -0.595  -10.586 17.176  1.00 13.95 ? 68  GLY A O   1 
ATOM   518  N N   . GLN A 1 69  ? 0.505   -10.362 15.224  1.00 14.22 ? 69  GLN A N   1 
ATOM   519  C CA  . GLN A 1 69  ? 1.469   -9.396  15.732  1.00 13.53 ? 69  GLN A CA  1 
ATOM   520  C C   . GLN A 1 69  ? 0.763   -8.215  16.322  1.00 15.48 ? 69  GLN A C   1 
ATOM   521  O O   . GLN A 1 69  ? -0.332  -7.853  15.887  1.00 16.35 ? 69  GLN A O   1 
ATOM   522  C CB  . GLN A 1 69  ? 2.374   -8.934  14.619  1.00 14.97 ? 69  GLN A CB  1 
ATOM   523  C CG  . GLN A 1 69  ? 3.334   -9.987  14.226  1.00 19.72 ? 69  GLN A CG  1 
ATOM   524  C CD  . GLN A 1 69  ? 4.206   -9.577  13.067  1.00 24.29 ? 69  GLN A CD  1 
ATOM   525  O OE1 . GLN A 1 69  ? 4.613   -10.429 12.295  1.00 27.03 ? 69  GLN A OE1 1 
ATOM   526  N NE2 . GLN A 1 69  ? 4.502   -8.269  12.928  1.00 24.53 ? 69  GLN A NE2 1 
ATOM   527  N N   . THR A 1 70  ? 1.382   -7.575  17.299  1.00 14.43 ? 70  THR A N   1 
ATOM   528  C CA  . THR A 1 70  ? 0.718   -6.466  17.928  1.00 13.86 ? 70  THR A CA  1 
ATOM   529  C C   . THR A 1 70  ? 1.340   -5.098  17.667  1.00 14.11 ? 70  THR A C   1 
ATOM   530  O O   . THR A 1 70  ? 1.036   -4.143  18.380  1.00 16.58 ? 70  THR A O   1 
ATOM   531  C CB  . THR A 1 70  ? 0.492   -6.715  19.414  1.00 15.48 ? 70  THR A CB  1 
ATOM   532  O OG1 . THR A 1 70  ? 1.728   -7.064  20.025  1.00 15.90 ? 70  THR A OG1 1 
ATOM   533  C CG2 . THR A 1 70  ? -0.482  -7.824  19.608  1.00 15.57 ? 70  THR A CG2 1 
ATOM   534  N N   . ASN A 1 71  ? 2.190   -5.002  16.639  1.00 13.89 ? 71  ASN A N   1 
ATOM   535  C CA  . ASN A 1 71  ? 2.774   -3.701  16.238  1.00 14.42 ? 71  ASN A CA  1 
ATOM   536  C C   . ASN A 1 71  ? 1.971   -3.068  15.036  1.00 13.27 ? 71  ASN A C   1 
ATOM   537  O O   . ASN A 1 71  ? 2.541   -2.391  14.188  1.00 11.77 ? 71  ASN A O   1 
ATOM   538  C CB  . ASN A 1 71  ? 4.276   -3.836  15.920  1.00 13.40 ? 71  ASN A CB  1 
ATOM   539  C CG  . ASN A 1 71  ? 4.543   -4.690  14.725  1.00 12.56 ? 71  ASN A CG  1 
ATOM   540  O OD1 . ASN A 1 71  ? 3.878   -5.686  14.512  1.00 17.22 ? 71  ASN A OD1 1 
ATOM   541  N ND2 . ASN A 1 71  ? 5.530   -4.324  13.940  1.00 13.30 ? 71  ASN A ND2 1 
ATOM   542  N N   . CYS A 1 72  ? 0.664   -3.325  14.970  1.00 12.08 ? 72  CYS A N   1 
ATOM   543  C CA  . CYS A 1 72  ? -0.168  -2.773  13.911  1.00 13.05 ? 72  CYS A CA  1 
ATOM   544  C C   . CYS A 1 72  ? -0.988  -1.596  14.413  1.00 12.45 ? 72  CYS A C   1 
ATOM   545  O O   . CYS A 1 72  ? -1.368  -1.515  15.598  1.00 13.14 ? 72  CYS A O   1 
ATOM   546  C CB  . CYS A 1 72  ? -1.071  -3.847  13.259  1.00 12.57 ? 72  CYS A CB  1 
ATOM   547  S SG  . CYS A 1 72  ? -0.232  -4.746  11.916  1.00 15.63 ? 72  CYS A SG  1 
ATOM   548  N N   . TYR A 1 73  ? -1.303  -0.696  13.494  1.00 11.92 ? 73  TYR A N   1 
ATOM   549  C CA  . TYR A 1 73  ? -2.061  0.488   13.848  1.00 13.22 ? 73  TYR A CA  1 
ATOM   550  C C   . TYR A 1 73  ? -3.070  0.791   12.773  1.00 14.03 ? 73  TYR A C   1 
ATOM   551  O O   . TYR A 1 73  ? -2.801  0.605   11.582  1.00 14.76 ? 73  TYR A O   1 
ATOM   552  C CB  . TYR A 1 73  ? -1.125  1.694   13.999  1.00 13.92 ? 73  TYR A CB  1 
ATOM   553  C CG  . TYR A 1 73  ? -0.152  1.531   15.121  1.00 13.69 ? 73  TYR A CG  1 
ATOM   554  C CD1 . TYR A 1 73  ? -0.437  2.024   16.393  1.00 14.97 ? 73  TYR A CD1 1 
ATOM   555  C CD2 . TYR A 1 73  ? 1.021   0.806   14.930  1.00 13.39 ? 73  TYR A CD2 1 
ATOM   556  C CE1 . TYR A 1 73  ? 0.437   1.782   17.460  1.00 16.60 ? 73  TYR A CE1 1 
ATOM   557  C CE2 . TYR A 1 73  ? 1.885   0.552   15.975  1.00 15.96 ? 73  TYR A CE2 1 
ATOM   558  C CZ  . TYR A 1 73  ? 1.590   1.038   17.227  1.00 16.89 ? 73  TYR A CZ  1 
ATOM   559  O OH  . TYR A 1 73  ? 2.461   0.748   18.245  1.00 23.48 ? 73  TYR A OH  1 
ATOM   560  N N   . GLN A 1 74  ? -4.230  1.250   13.201  1.00 13.38 ? 74  GLN A N   1 
ATOM   561  C CA  . GLN A 1 74  ? -5.275  1.626   12.265  1.00 17.09 ? 74  GLN A CA  1 
ATOM   562  C C   . GLN A 1 74  ? -5.513  3.156   12.287  1.00 16.35 ? 74  GLN A C   1 
ATOM   563  O O   . GLN A 1 74  ? -5.556  3.799   13.359  1.00 15.25 ? 74  GLN A O   1 
ATOM   564  C CB  . GLN A 1 74  ? -6.556  0.895   12.598  1.00 17.86 ? 74  GLN A CB  1 
ATOM   565  C CG  . GLN A 1 74  ? -7.685  1.274   11.697  1.00 22.35 ? 74  GLN A CG  1 
ATOM   566  C CD  . GLN A 1 74  ? -8.976  1.223   12.427  1.00 27.65 ? 74  GLN A CD  1 
ATOM   567  O OE1 . GLN A 1 74  ? -9.497  0.151   12.686  1.00 29.35 ? 74  GLN A OE1 1 
ATOM   568  N NE2 . GLN A 1 74  ? -9.486  2.388   12.830  1.00 32.32 ? 74  GLN A NE2 1 
ATOM   569  N N   . SER A 1 75  ? -5.684  3.734   11.109  1.00 15.24 ? 75  SER A N   1 
ATOM   570  C CA  . SER A 1 75  ? -5.900  5.171   11.018  1.00 15.21 ? 75  SER A CA  1 
ATOM   571  C C   . SER A 1 75  ? -7.254  5.581   11.610  1.00 14.21 ? 75  SER A C   1 
ATOM   572  O O   . SER A 1 75  ? -8.270  4.881   11.447  1.00 17.31 ? 75  SER A O   1 
ATOM   573  C CB  . SER A 1 75  ? -5.781  5.638   9.553   1.00 15.58 ? 75  SER A CB  1 
ATOM   574  O OG  . SER A 1 75  ? -6.727  4.976   8.710   1.00 14.83 ? 75  SER A OG  1 
ATOM   575  N N   . TYR A 1 76  ? -7.278  6.695   12.333  1.00 16.59 ? 76  TYR A N   1 
ATOM   576  C CA  . TYR A 1 76  ? -8.541  7.185   12.887  1.00 18.10 ? 76  TYR A CA  1 
ATOM   577  C C   . TYR A 1 76  ? -9.446  7.664   11.773  1.00 19.74 ? 76  TYR A C   1 
ATOM   578  O O   . TYR A 1 76  ? -10.654 7.646   11.931  1.00 22.58 ? 76  TYR A O   1 
ATOM   579  C CB  . TYR A 1 76  ? -8.317  8.372   13.794  1.00 20.80 ? 76  TYR A CB  1 
ATOM   580  C CG  . TYR A 1 76  ? -7.584  8.033   15.032  1.00 24.13 ? 76  TYR A CG  1 
ATOM   581  C CD1 . TYR A 1 76  ? -8.037  7.020   15.870  1.00 25.67 ? 76  TYR A CD1 1 
ATOM   582  C CD2 . TYR A 1 76  ? -6.461  8.749   15.399  1.00 27.45 ? 76  TYR A CD2 1 
ATOM   583  C CE1 . TYR A 1 76  ? -7.380  6.725   17.063  1.00 28.62 ? 76  TYR A CE1 1 
ATOM   584  C CE2 . TYR A 1 76  ? -5.791  8.476   16.592  1.00 31.20 ? 76  TYR A CE2 1 
ATOM   585  C CZ  . TYR A 1 76  ? -6.256  7.460   17.423  1.00 30.46 ? 76  TYR A CZ  1 
ATOM   586  O OH  . TYR A 1 76  ? -5.602  7.204   18.617  1.00 33.65 ? 76  TYR A OH  1 
ATOM   587  N N   . SER A 1 77  ? -8.851  8.091   10.660  1.00 20.78 ? 77  SER A N   1 
ATOM   588  C CA  . SER A 1 77  ? -9.580  8.618   9.500   1.00 22.25 ? 77  SER A CA  1 
ATOM   589  C C   . SER A 1 77  ? -9.490  7.721   8.283   1.00 19.43 ? 77  SER A C   1 
ATOM   590  O O   . SER A 1 77  ? -8.566  6.926   8.179   1.00 18.18 ? 77  SER A O   1 
ATOM   591  C CB  . SER A 1 77  ? -8.994  9.975   9.091   1.00 25.27 ? 77  SER A CB  1 
ATOM   592  O OG  . SER A 1 77  ? -9.165  10.932  10.123  1.00 32.56 ? 77  SER A OG  1 
ATOM   593  N N   . THR A 1 78  ? -10.452 7.860   7.368   1.00 18.46 ? 78  THR A N   1 
ATOM   594  C CA  . THR A 1 78  ? -10.422 7.098   6.118   1.00 17.49 ? 78  THR A CA  1 
ATOM   595  C C   . THR A 1 78  ? -9.437  7.840   5.232   1.00 15.56 ? 78  THR A C   1 
ATOM   596  O O   . THR A 1 78  ? -9.142  9.013   5.456   1.00 15.33 ? 78  THR A O   1 
ATOM   597  C CB  . THR A 1 78  ? -11.787 7.004   5.410   1.00 17.58 ? 78  THR A CB  1 
ATOM   598  O OG1 . THR A 1 78  ? -12.272 8.307   5.126   1.00 19.39 ? 78  THR A OG1 1 
ATOM   599  C CG2 . THR A 1 78  ? -12.800 6.293   6.260   1.00 17.75 ? 78  THR A CG2 1 
ATOM   600  N N   . MET A 1 79  ? -8.862  7.119   4.286   1.00 15.78 ? 79  MET A N   1 
ATOM   601  C CA  . MET A 1 79  ? -7.882  7.665   3.370   1.00 14.16 ? 79  MET A CA  1 
ATOM   602  C C   . MET A 1 79  ? -8.210  7.252   1.963   1.00 13.72 ? 79  MET A C   1 
ATOM   603  O O   . MET A 1 79  ? -8.877  6.257   1.742   1.00 15.62 ? 79  MET A O   1 
ATOM   604  C CB  . MET A 1 79  ? -6.489  7.159   3.726   1.00 14.04 ? 79  MET A CB  1 
ATOM   605  C CG  . MET A 1 79  ? -6.011  7.646   5.113   1.00 15.44 ? 79  MET A CG  1 
ATOM   606  S SD  . MET A 1 79  ? -4.278  7.299   5.367   1.00 18.23 ? 79  MET A SD  1 
ATOM   607  C CE  . MET A 1 79  ? -3.892  8.458   6.648   1.00 19.01 ? 79  MET A CE  1 
ATOM   608  N N   . SER A 1 80  ? -7.783  8.039   1.005   1.00 12.70 ? 80  SER A N   1 
ATOM   609  C CA  . SER A 1 80  ? -8.028  7.698   -0.373  1.00 13.05 ? 80  SER A CA  1 
ATOM   610  C C   . SER A 1 80  ? -7.002  6.616   -0.774  1.00 12.90 ? 80  SER A C   1 
ATOM   611  O O   . SER A 1 80  ? -5.781  6.816   -0.662  1.00 13.28 ? 80  SER A O   1 
ATOM   612  C CB  . SER A 1 80  ? -7.850  8.932   -1.221  1.00 13.43 ? 80  SER A CB  1 
ATOM   613  O OG  . SER A 1 80  ? -7.788  8.544   -2.569  1.00 16.16 ? 80  SER A OG  1 
ATOM   614  N N   . ILE A 1 81  ? -7.494  5.466   -1.226  1.00 12.53 ? 81  ILE A N   1 
ATOM   615  C CA  . ILE A 1 81  ? -6.604  4.368   -1.613  1.00 12.27 ? 81  ILE A CA  1 
ATOM   616  C C   . ILE A 1 81  ? -7.026  3.704   -2.933  1.00 11.91 ? 81  ILE A C   1 
ATOM   617  O O   . ILE A 1 81  ? -8.177  3.809   -3.361  1.00 13.57 ? 81  ILE A O   1 
ATOM   618  C CB  . ILE A 1 81  ? -6.592  3.231   -0.525  1.00 12.12 ? 81  ILE A CB  1 
ATOM   619  C CG1 . ILE A 1 81  ? -8.005  2.687   -0.345  1.00 13.37 ? 81  ILE A CG1 1 
ATOM   620  C CG2 . ILE A 1 81  ? -6.045  3.746   0.813   1.00 11.46 ? 81  ILE A CG2 1 
ATOM   621  C CD1 . ILE A 1 81  ? -8.074  1.362   0.357   1.00 18.04 ? 81  ILE A CD1 1 
ATOM   622  N N   . THR A 1 82  ? -6.067  3.055   -3.588  1.00 11.63 ? 82  THR A N   1 
ATOM   623  C CA  . THR A 1 82  ? -6.325  2.305   -4.796  1.00 12.32 ? 82  THR A CA  1 
ATOM   624  C C   . THR A 1 82  ? -5.895  0.865   -4.510  1.00 13.57 ? 82  THR A C   1 
ATOM   625  O O   . THR A 1 82  ? -4.768  0.607   -4.031  1.00 12.30 ? 82  THR A O   1 
ATOM   626  C CB  . THR A 1 82  ? -5.552  2.832   -6.033  1.00 11.36 ? 82  THR A CB  1 
ATOM   627  O OG1 . THR A 1 82  ? -5.994  4.160   -6.354  1.00 12.57 ? 82  THR A OG1 1 
ATOM   628  C CG2 . THR A 1 82  ? -5.826  1.961   -7.226  1.00 9.88  ? 82  THR A CG2 1 
ATOM   629  N N   . ASP A 1 83  ? -6.848  -0.035  -4.705  1.00 12.35 ? 83  ASP A N   1 
ATOM   630  C CA  . ASP A 1 83  ? -6.618  -1.456  -4.554  1.00 13.42 ? 83  ASP A CA  1 
ATOM   631  C C   . ASP A 1 83  ? -6.313  -2.034  -5.935  1.00 11.71 ? 83  ASP A C   1 
ATOM   632  O O   . ASP A 1 83  ? -7.026  -1.772  -6.902  1.00 12.09 ? 83  ASP A O   1 
ATOM   633  C CB  . ASP A 1 83  ? -7.862  -2.071  -3.955  1.00 18.66 ? 83  ASP A CB  1 
ATOM   634  C CG  . ASP A 1 83  ? -7.747  -3.551  -3.808  1.00 24.35 ? 83  ASP A CG  1 
ATOM   635  O OD1 . ASP A 1 83  ? -7.420  -4.007  -2.677  1.00 26.97 ? 83  ASP A OD1 1 
ATOM   636  O OD2 . ASP A 1 83  ? -7.971  -4.247  -4.838  1.00 27.06 ? 83  ASP A OD2 1 
ATOM   637  N N   . CYS A 1 84  ? -5.170  -2.695  -6.044  1.00 10.46 ? 84  CYS A N   1 
ATOM   638  C CA  . CYS A 1 84  ? -4.707  -3.321  -7.272  1.00 11.86 ? 84  CYS A CA  1 
ATOM   639  C C   . CYS A 1 84  ? -4.694  -4.855  -7.098  1.00 16.51 ? 84  CYS A C   1 
ATOM   640  O O   . CYS A 1 84  ? -3.935  -5.373  -6.272  1.00 15.53 ? 84  CYS A O   1 
ATOM   641  C CB  . CYS A 1 84  ? -3.288  -2.880  -7.568  1.00 13.75 ? 84  CYS A CB  1 
ATOM   642  S SG  . CYS A 1 84  ? -3.077  -1.102  -7.920  1.00 13.69 ? 84  CYS A SG  1 
ATOM   643  N N   . ARG A 1 85  ? -5.470  -5.557  -7.919  1.00 15.52 ? 85  ARG A N   1 
ATOM   644  C CA  . ARG A 1 85  ? -5.616  -7.023  -7.874  1.00 18.19 ? 85  ARG A CA  1 
ATOM   645  C C   . ARG A 1 85  ? -5.384  -7.647  -9.247  1.00 16.46 ? 85  ARG A C   1 
ATOM   646  O O   . ARG A 1 85  ? -5.966  -7.216  -10.243 1.00 14.22 ? 85  ARG A O   1 
ATOM   647  C CB  . ARG A 1 85  ? -7.027  -7.337  -7.467  1.00 22.14 ? 85  ARG A CB  1 
ATOM   648  C CG  . ARG A 1 85  ? -7.201  -8.693  -6.984  1.00 32.98 ? 85  ARG A CG  1 
ATOM   649  C CD  . ARG A 1 85  ? -7.511  -8.587  -5.527  1.00 39.57 ? 85  ARG A CD  1 
ATOM   650  N NE  . ARG A 1 85  ? -8.699  -7.769  -5.331  1.00 42.74 ? 85  ARG A NE  1 
ATOM   651  C CZ  . ARG A 1 85  ? -9.053  -7.255  -4.163  1.00 46.37 ? 85  ARG A CZ  1 
ATOM   652  N NH1 . ARG A 1 85  ? -8.289  -7.467  -3.085  1.00 46.51 ? 85  ARG A NH1 1 
ATOM   653  N NH2 . ARG A 1 85  ? -10.202 -6.579  -4.066  1.00 48.63 ? 85  ARG A NH2 1 
ATOM   654  N N   . GLU A 1 86  ? -4.529  -8.664  -9.298  1.00 15.00 ? 86  GLU A N   1 
ATOM   655  C CA  . GLU A 1 86  ? -4.176  -9.350  -10.532 1.00 13.99 ? 86  GLU A CA  1 
ATOM   656  C C   . GLU A 1 86  ? -5.445  -9.873  -11.227 1.00 15.98 ? 86  GLU A C   1 
ATOM   657  O O   . GLU A 1 86  ? -6.387  -10.303 -10.560 1.00 17.65 ? 86  GLU A O   1 
ATOM   658  C CB  . GLU A 1 86  ? -3.273  -10.521 -10.173 1.00 14.55 ? 86  GLU A CB  1 
ATOM   659  C CG  . GLU A 1 86  ? -2.010  -10.550 -10.904 1.00 17.11 ? 86  GLU A CG  1 
ATOM   660  C CD  . GLU A 1 86  ? -1.334  -11.900 -10.837 1.00 13.93 ? 86  GLU A CD  1 
ATOM   661  O OE1 . GLU A 1 86  ? -0.645  -12.236 -11.797 1.00 12.94 ? 86  GLU A OE1 1 
ATOM   662  O OE2 . GLU A 1 86  ? -1.488  -12.604 -9.829  1.00 16.27 ? 86  GLU A OE2 1 
ATOM   663  N N   . THR A 1 87  ? -5.488  -9.828  -12.550 1.00 16.41 ? 87  THR A N   1 
ATOM   664  C CA  . THR A 1 87  ? -6.674  -10.305 -13.270 1.00 17.93 ? 87  THR A CA  1 
ATOM   665  C C   . THR A 1 87  ? -6.391  -11.680 -13.821 1.00 16.47 ? 87  THR A C   1 
ATOM   666  O O   . THR A 1 87  ? -5.227  -12.086 -13.885 1.00 13.80 ? 87  THR A O   1 
ATOM   667  C CB  . THR A 1 87  ? -7.046  -9.402  -14.473 1.00 19.48 ? 87  THR A CB  1 
ATOM   668  O OG1 . THR A 1 87  ? -6.008  -9.456  -15.472 1.00 20.40 ? 87  THR A OG1 1 
ATOM   669  C CG2 . THR A 1 87  ? -7.258  -7.968  -14.016 1.00 19.82 ? 87  THR A CG2 1 
ATOM   670  N N   . GLY A 1 88  ? -7.447  -12.322 -14.337 1.00 17.67 ? 88  GLY A N   1 
ATOM   671  C CA  . GLY A 1 88  ? -7.326  -13.653 -14.920 1.00 15.25 ? 88  GLY A CA  1 
ATOM   672  C C   . GLY A 1 88  ? -6.387  -13.684 -16.108 1.00 17.66 ? 88  GLY A C   1 
ATOM   673  O O   . GLY A 1 88  ? -5.815  -14.725 -16.427 1.00 21.17 ? 88  GLY A O   1 
ATOM   674  N N   . SER A 1 89  ? -6.242  -12.557 -16.799 1.00 15.85 ? 89  SER A N   1 
ATOM   675  C CA  . SER A 1 89  ? -5.350  -12.492 -17.939 1.00 16.75 ? 89  SER A CA  1 
ATOM   676  C C   . SER A 1 89  ? -3.924  -12.163 -17.566 1.00 16.31 ? 89  SER A C   1 
ATOM   677  O O   . SER A 1 89  ? -3.085  -12.005 -18.454 1.00 19.75 ? 89  SER A O   1 
ATOM   678  C CB  . SER A 1 89  ? -5.836  -11.452 -18.934 1.00 19.60 ? 89  SER A CB  1 
ATOM   679  O OG  . SER A 1 89  ? -7.081  -11.854 -19.439 1.00 25.58 ? 89  SER A OG  1 
ATOM   680  N N   . SER A 1 90  ? -3.634  -12.038 -16.274 1.00 16.48 ? 90  SER A N   1 
ATOM   681  C CA  . SER A 1 90  ? -2.272  -11.716 -15.840 1.00 15.28 ? 90  SER A CA  1 
ATOM   682  C C   . SER A 1 90  ? -1.333  -12.899 -16.086 1.00 15.93 ? 90  SER A C   1 
ATOM   683  O O   . SER A 1 90  ? -1.624  -14.008 -15.665 1.00 18.43 ? 90  SER A O   1 
ATOM   684  C CB  . SER A 1 90  ? -2.282  -11.338 -14.364 1.00 12.61 ? 90  SER A CB  1 
ATOM   685  O OG  . SER A 1 90  ? -1.013  -10.844 -14.006 1.00 15.62 ? 90  SER A OG  1 
ATOM   686  N N   . LYS A 1 91  ? -0.229  -12.663 -16.779 1.00 17.59 ? 91  LYS A N   1 
ATOM   687  C CA  . LYS A 1 91  ? 0.739   -13.711 -17.066 1.00 20.49 ? 91  LYS A CA  1 
ATOM   688  C C   . LYS A 1 91  ? 2.130   -13.125 -17.115 1.00 17.95 ? 91  LYS A C   1 
ATOM   689  O O   . LYS A 1 91  ? 2.476   -12.408 -18.058 1.00 16.56 ? 91  LYS A O   1 
ATOM   690  C CB  . LYS A 1 91  ? 0.444   -14.365 -18.413 1.00 26.80 ? 91  LYS A CB  1 
ATOM   691  C CG  . LYS A 1 91  ? 1.378   -15.544 -18.729 1.00 32.01 ? 91  LYS A CG  1 
ATOM   692  C CD  . LYS A 1 91  ? 1.359   -15.896 -20.205 1.00 36.78 ? 91  LYS A CD  1 
ATOM   693  C CE  . LYS A 1 91  ? 2.090   -17.216 -20.440 1.00 39.24 ? 91  LYS A CE  1 
ATOM   694  N NZ  . LYS A 1 91  ? 3.516   -17.118 -20.006 1.00 42.16 ? 91  LYS A NZ  1 
ATOM   695  N N   . TYR A 1 92  ? 2.953   -13.496 -16.137 1.00 16.99 ? 92  TYR A N   1 
ATOM   696  C CA  . TYR A 1 92  ? 4.309   -12.982 -16.051 1.00 17.22 ? 92  TYR A CA  1 
ATOM   697  C C   . TYR A 1 92  ? 5.044   -13.197 -17.390 1.00 16.75 ? 92  TYR A C   1 
ATOM   698  O O   . TYR A 1 92  ? 4.952   -14.271 -17.955 1.00 18.71 ? 92  TYR A O   1 
ATOM   699  C CB  . TYR A 1 92  ? 5.034   -13.643 -14.877 1.00 14.45 ? 92  TYR A CB  1 
ATOM   700  C CG  . TYR A 1 92  ? 6.409   -13.109 -14.663 1.00 14.01 ? 92  TYR A CG  1 
ATOM   701  C CD1 . TYR A 1 92  ? 6.626   -11.984 -13.857 1.00 12.48 ? 92  TYR A CD1 1 
ATOM   702  C CD2 . TYR A 1 92  ? 7.494   -13.676 -15.321 1.00 13.35 ? 92  TYR A CD2 1 
ATOM   703  C CE1 . TYR A 1 92  ? 7.877   -11.448 -13.722 1.00 11.83 ? 92  TYR A CE1 1 
ATOM   704  C CE2 . TYR A 1 92  ? 8.754   -13.140 -15.196 1.00 13.94 ? 92  TYR A CE2 1 
ATOM   705  C CZ  . TYR A 1 92  ? 8.944   -12.035 -14.395 1.00 13.33 ? 92  TYR A CZ  1 
ATOM   706  O OH  . TYR A 1 92  ? 10.231  -11.577 -14.257 1.00 16.02 ? 92  TYR A OH  1 
ATOM   707  N N   . PRO A 1 93  ? 5.815   -12.189 -17.890 1.00 17.49 ? 93  PRO A N   1 
ATOM   708  C CA  . PRO A 1 93  ? 6.079   -10.869 -17.315 1.00 16.15 ? 93  PRO A CA  1 
ATOM   709  C C   . PRO A 1 93  ? 5.002   -9.815  -17.521 1.00 18.52 ? 93  PRO A C   1 
ATOM   710  O O   . PRO A 1 93  ? 5.114   -8.718  -16.997 1.00 20.50 ? 93  PRO A O   1 
ATOM   711  C CB  . PRO A 1 93  ? 7.399   -10.475 -17.976 1.00 16.22 ? 93  PRO A CB  1 
ATOM   712  C CG  . PRO A 1 93  ? 7.267   -11.023 -19.330 1.00 16.86 ? 93  PRO A CG  1 
ATOM   713  C CD  . PRO A 1 93  ? 6.575   -12.351 -19.152 1.00 17.44 ? 93  PRO A CD  1 
ATOM   714  N N   . ASN A 1 94  ? 3.922   -10.163 -18.210 1.00 19.28 ? 94  ASN A N   1 
ATOM   715  C CA  . ASN A 1 94  ? 2.864   -9.180  -18.450 1.00 19.85 ? 94  ASN A CA  1 
ATOM   716  C C   . ASN A 1 94  ? 1.806   -9.297  -17.415 1.00 16.33 ? 94  ASN A C   1 
ATOM   717  O O   . ASN A 1 94  ? 0.765   -9.895  -17.618 1.00 17.38 ? 94  ASN A O   1 
ATOM   718  C CB  . ASN A 1 94  ? 2.293   -9.320  -19.854 1.00 22.39 ? 94  ASN A CB  1 
ATOM   719  C CG  . ASN A 1 94  ? 3.351   -9.112  -20.911 1.00 25.92 ? 94  ASN A CG  1 
ATOM   720  O OD1 . ASN A 1 94  ? 4.025   -8.072  -20.934 1.00 29.52 ? 94  ASN A OD1 1 
ATOM   721  N ND2 . ASN A 1 94  ? 3.584   -10.129 -21.726 1.00 28.00 ? 94  ASN A ND2 1 
ATOM   722  N N   . CYS A 1 95  ? 2.125   -8.768  -16.255 1.00 15.28 ? 95  CYS A N   1 
ATOM   723  C CA  . CYS A 1 95  ? 1.210   -8.796  -15.135 1.00 15.19 ? 95  CYS A CA  1 
ATOM   724  C C   . CYS A 1 95  ? 0.071   -7.806  -15.464 1.00 16.50 ? 95  CYS A C   1 
ATOM   725  O O   . CYS A 1 95  ? 0.327   -6.741  -16.039 1.00 20.14 ? 95  CYS A O   1 
ATOM   726  C CB  . CYS A 1 95  ? 1.991   -8.405  -13.858 1.00 14.25 ? 95  CYS A CB  1 
ATOM   727  S SG  . CYS A 1 95  ? 3.477   -9.448  -13.582 1.00 13.73 ? 95  CYS A SG  1 
ATOM   728  N N   . ALA A 1 96  ? -1.162  -8.166  -15.128 1.00 14.21 ? 96  ALA A N   1 
ATOM   729  C CA  . ALA A 1 96  ? -2.333  -7.337  -15.419 1.00 13.24 ? 96  ALA A CA  1 
ATOM   730  C C   . ALA A 1 96  ? -3.115  -7.224  -14.147 1.00 11.96 ? 96  ALA A C   1 
ATOM   731  O O   . ALA A 1 96  ? -3.272  -8.220  -13.443 1.00 13.67 ? 96  ALA A O   1 
ATOM   732  C CB  . ALA A 1 96  ? -3.198  -7.994  -16.502 1.00 14.04 ? 96  ALA A CB  1 
ATOM   733  N N   . TYR A 1 97  ? -3.646  -6.034  -13.880 1.00 11.15 ? 97  TYR A N   1 
ATOM   734  C CA  . TYR A 1 97  ? -4.371  -5.728  -12.646 1.00 10.65 ? 97  TYR A CA  1 
ATOM   735  C C   . TYR A 1 97  ? -5.668  -4.983  -12.868 1.00 12.69 ? 97  TYR A C   1 
ATOM   736  O O   . TYR A 1 97  ? -5.841  -4.276  -13.860 1.00 13.43 ? 97  TYR A O   1 
ATOM   737  C CB  . TYR A 1 97  ? -3.497  -4.838  -11.716 1.00 10.89 ? 97  TYR A CB  1 
ATOM   738  C CG  . TYR A 1 97  ? -2.216  -5.514  -11.269 1.00 9.06  ? 97  TYR A CG  1 
ATOM   739  C CD1 . TYR A 1 97  ? -2.177  -6.281  -10.098 1.00 10.86 ? 97  TYR A CD1 1 
ATOM   740  C CD2 . TYR A 1 97  ? -1.072  -5.477  -12.064 1.00 10.70 ? 97  TYR A CD2 1 
ATOM   741  C CE1 . TYR A 1 97  ? -1.039  -6.983  -9.747  1.00 8.15  ? 97  TYR A CE1 1 
ATOM   742  C CE2 . TYR A 1 97  ? 0.064   -6.185  -11.720 1.00 9.88  ? 97  TYR A CE2 1 
ATOM   743  C CZ  . TYR A 1 97  ? 0.055   -6.930  -10.552 1.00 7.75  ? 97  TYR A CZ  1 
ATOM   744  O OH  . TYR A 1 97  ? 1.187   -7.600  -10.232 1.00 10.57 ? 97  TYR A OH  1 
ATOM   745  N N   . LYS A 1 98  ? -6.576  -5.179  -11.933 1.00 13.14 ? 98  LYS A N   1 
ATOM   746  C CA  . LYS A 1 98  ? -7.870  -4.522  -11.885 1.00 14.79 ? 98  LYS A CA  1 
ATOM   747  C C   . LYS A 1 98  ? -7.644  -3.380  -10.853 1.00 16.31 ? 98  LYS A C   1 
ATOM   748  O O   . LYS A 1 98  ? -7.067  -3.603  -9.775  1.00 13.81 ? 98  LYS A O   1 
ATOM   749  C CB  . LYS A 1 98  ? -8.884  -5.521  -11.354 1.00 17.14 ? 98  LYS A CB  1 
ATOM   750  C CG  . LYS A 1 98  ? -10.121 -4.960  -10.767 1.00 22.62 ? 98  LYS A CG  1 
ATOM   751  C CD  . LYS A 1 98  ? -10.973 -4.440  -11.831 1.00 29.44 ? 98  LYS A CD  1 
ATOM   752  C CE  . LYS A 1 98  ? -12.224 -3.745  -11.254 1.00 35.66 ? 98  LYS A CE  1 
ATOM   753  N NZ  . LYS A 1 98  ? -12.768 -2.669  -12.214 1.00 39.76 ? 98  LYS A NZ  1 
ATOM   754  N N   . THR A 1 99  ? -8.059  -2.167  -11.223 1.00 14.99 ? 99  THR A N   1 
ATOM   755  C CA  . THR A 1 99  ? -7.938  -0.956  -10.412 1.00 13.97 ? 99  THR A CA  1 
ATOM   756  C C   . THR A 1 99  ? -9.265  -0.652  -9.727  1.00 15.98 ? 99  THR A C   1 
ATOM   757  O O   . THR A 1 99  ? -10.274 -0.527  -10.406 1.00 15.25 ? 99  THR A O   1 
ATOM   758  C CB  . THR A 1 99  ? -7.576  0.237   -11.326 1.00 10.58 ? 99  THR A CB  1 
ATOM   759  O OG1 . THR A 1 99  ? -6.296  0.001   -11.900 1.00 11.16 ? 99  THR A OG1 1 
ATOM   760  C CG2 . THR A 1 99  ? -7.552  1.542   -10.547 1.00 10.23 ? 99  THR A CG2 1 
ATOM   761  N N   . THR A 1 100 ? -9.246  -0.511  -8.398  1.00 16.22 ? 100 THR A N   1 
ATOM   762  C CA  . THR A 1 100 ? -10.426 -0.214  -7.585  1.00 16.40 ? 100 THR A CA  1 
ATOM   763  C C   . THR A 1 100 ? -10.117 0.946   -6.647  1.00 15.68 ? 100 THR A C   1 
ATOM   764  O O   . THR A 1 100 ? -9.162  0.892   -5.888  1.00 14.67 ? 100 THR A O   1 
ATOM   765  C CB  . THR A 1 100 ? -10.872 -1.459  -6.744  1.00 17.14 ? 100 THR A CB  1 
ATOM   766  O OG1 . THR A 1 100 ? -11.057 -2.570  -7.624  1.00 18.72 ? 100 THR A OG1 1 
ATOM   767  C CG2 . THR A 1 100 ? -12.193 -1.199  -5.976  1.00 16.30 ? 100 THR A CG2 1 
ATOM   768  N N   . GLN A 1 101 ? -10.902 2.018   -6.755  1.00 19.03 ? 101 GLN A N   1 
ATOM   769  C CA  . GLN A 1 101 ? -10.748 3.217   -5.912  1.00 19.96 ? 101 GLN A CA  1 
ATOM   770  C C   . GLN A 1 101 ? -11.578 2.985   -4.656  1.00 18.66 ? 101 GLN A C   1 
ATOM   771  O O   . GLN A 1 101 ? -12.657 2.379   -4.741  1.00 19.39 ? 101 GLN A O   1 
ATOM   772  C CB  . GLN A 1 101 ? -11.331 4.451   -6.603  1.00 23.72 ? 101 GLN A CB  1 
ATOM   773  C CG  . GLN A 1 101 ? -10.750 4.777   -7.940  1.00 31.80 ? 101 GLN A CG  1 
ATOM   774  C CD  . GLN A 1 101 ? -11.465 5.972   -8.602  1.00 37.06 ? 101 GLN A CD  1 
ATOM   775  O OE1 . GLN A 1 101 ? -12.685 6.163   -8.437  1.00 38.59 ? 101 GLN A OE1 1 
ATOM   776  N NE2 . GLN A 1 101 ? -10.704 6.785   -9.334  1.00 37.99 ? 101 GLN A NE2 1 
ATOM   777  N N   . ALA A 1 102 ? -11.115 3.478   -3.509  1.00 14.68 ? 102 ALA A N   1 
ATOM   778  C CA  . ALA A 1 102 ? -11.865 3.312   -2.279  1.00 12.70 ? 102 ALA A CA  1 
ATOM   779  C C   . ALA A 1 102 ? -11.410 4.352   -1.268  1.00 12.36 ? 102 ALA A C   1 
ATOM   780  O O   . ALA A 1 102 ? -10.410 5.000   -1.468  1.00 13.25 ? 102 ALA A O   1 
ATOM   781  C CB  . ALA A 1 102 ? -11.640 1.920   -1.743  1.00 14.77 ? 102 ALA A CB  1 
ATOM   782  N N   . ASN A 1 103 ? -12.194 4.546   -0.223  1.00 14.89 ? 103 ASN A N   1 
ATOM   783  C CA  . ASN A 1 103 ? -11.890 5.481   0.861   1.00 19.77 ? 103 ASN A CA  1 
ATOM   784  C C   . ASN A 1 103 ? -12.093 4.649   2.102   1.00 18.71 ? 103 ASN A C   1 
ATOM   785  O O   . ASN A 1 103 ? -13.238 4.391   2.498   1.00 17.33 ? 103 ASN A O   1 
ATOM   786  C CB  . ASN A 1 103 ? -12.890 6.631   0.909   1.00 26.24 ? 103 ASN A CB  1 
ATOM   787  C CG  . ASN A 1 103 ? -12.225 7.980   0.714   1.00 33.88 ? 103 ASN A CG  1 
ATOM   788  O OD1 . ASN A 1 103 ? -12.005 8.404   -0.431  1.00 38.62 ? 103 ASN A OD1 1 
ATOM   789  N ND2 . ASN A 1 103 ? -11.872 8.656   1.818   1.00 36.11 ? 103 ASN A ND2 1 
ATOM   790  N N   . LYS A 1 104 ? -10.997 4.235   2.727   1.00 16.51 ? 104 LYS A N   1 
ATOM   791  C CA  . LYS A 1 104 ? -11.100 3.358   3.881   1.00 16.35 ? 104 LYS A CA  1 
ATOM   792  C C   . LYS A 1 104 ? -10.041 3.663   4.894   1.00 13.30 ? 104 LYS A C   1 
ATOM   793  O O   . LYS A 1 104 ? -9.111  4.398   4.602   1.00 14.53 ? 104 LYS A O   1 
ATOM   794  C CB  . LYS A 1 104 ? -10.873 1.919   3.402   1.00 16.74 ? 104 LYS A CB  1 
ATOM   795  C CG  . LYS A 1 104 ? -11.980 1.385   2.518   1.00 22.21 ? 104 LYS A CG  1 
ATOM   796  C CD  . LYS A 1 104 ? -11.764 -0.071  2.172   1.00 26.87 ? 104 LYS A CD  1 
ATOM   797  C CE  . LYS A 1 104 ? -13.020 -0.678  1.538   1.00 30.92 ? 104 LYS A CE  1 
ATOM   798  N NZ  . LYS A 1 104 ? -14.310 -0.388  2.296   1.00 34.06 ? 104 LYS A NZ  1 
ATOM   799  N N   . HIS A 1 105 ? -10.173 3.058   6.071   1.00 13.32 ? 105 HIS A N   1 
ATOM   800  C CA  . HIS A 1 105 ? -9.165  3.165   7.127   1.00 12.48 ? 105 HIS A CA  1 
ATOM   801  C C   . HIS A 1 105 ? -8.071  2.185   6.728   1.00 13.75 ? 105 HIS A C   1 
ATOM   802  O O   . HIS A 1 105 ? -8.358  1.147   6.142   1.00 13.65 ? 105 HIS A O   1 
ATOM   803  C CB  . HIS A 1 105 ? -9.706  2.684   8.458   1.00 12.70 ? 105 HIS A CB  1 
ATOM   804  C CG  . HIS A 1 105 ? -10.766 3.556   9.018   1.00 15.28 ? 105 HIS A CG  1 
ATOM   805  N ND1 . HIS A 1 105 ? -10.489 4.647   9.811   1.00 17.55 ? 105 HIS A ND1 1 
ATOM   806  C CD2 . HIS A 1 105 ? -12.112 3.524   8.879   1.00 17.00 ? 105 HIS A CD2 1 
ATOM   807  C CE1 . HIS A 1 105 ? -11.616 5.254   10.141  1.00 17.76 ? 105 HIS A CE1 1 
ATOM   808  N NE2 . HIS A 1 105 ? -12.615 4.591   9.584   1.00 18.67 ? 105 HIS A NE2 1 
ATOM   809  N N   . ILE A 1 106 ? -6.820  2.533   6.979   1.00 12.68 ? 106 ILE A N   1 
ATOM   810  C CA  . ILE A 1 106 ? -5.737  1.619   6.663   1.00 11.69 ? 106 ILE A CA  1 
ATOM   811  C C   . ILE A 1 106 ? -5.107  1.059   7.962   1.00 12.34 ? 106 ILE A C   1 
ATOM   812  O O   . ILE A 1 106 ? -5.228  1.649   9.040   1.00 11.69 ? 106 ILE A O   1 
ATOM   813  C CB  . ILE A 1 106 ? -4.634  2.267   5.770   1.00 12.55 ? 106 ILE A CB  1 
ATOM   814  C CG1 . ILE A 1 106 ? -3.930  3.422   6.495   1.00 12.12 ? 106 ILE A CG1 1 
ATOM   815  C CG2 . ILE A 1 106 ? -5.228  2.721   4.446   1.00 13.33 ? 106 ILE A CG2 1 
ATOM   816  C CD1 . ILE A 1 106 ? -2.576  3.762   5.918   1.00 13.03 ? 106 ILE A CD1 1 
ATOM   817  N N   . ILE A 1 107 ? -4.514  -0.122  7.860   1.00 12.16 ? 107 ILE A N   1 
ATOM   818  C CA  . ILE A 1 107 ? -3.826  -0.747  8.992   1.00 12.27 ? 107 ILE A CA  1 
ATOM   819  C C   . ILE A 1 107 ? -2.418  -1.090  8.509   1.00 12.37 ? 107 ILE A C   1 
ATOM   820  O O   . ILE A 1 107 ? -2.222  -1.772  7.488   1.00 10.87 ? 107 ILE A O   1 
ATOM   821  C CB  . ILE A 1 107 ? -4.539  -2.013  9.473   1.00 13.49 ? 107 ILE A CB  1 
ATOM   822  C CG1 . ILE A 1 107 ? -5.909  -1.629  10.023  1.00 14.71 ? 107 ILE A CG1 1 
ATOM   823  C CG2 . ILE A 1 107 ? -3.708  -2.719  10.586  1.00 12.62 ? 107 ILE A CG2 1 
ATOM   824  C CD1 . ILE A 1 107 ? -6.807  -2.764  10.165  1.00 17.99 ? 107 ILE A CD1 1 
ATOM   825  N N   . VAL A 1 108 ? -1.426  -0.574  9.219   1.00 10.77 ? 108 VAL A N   1 
ATOM   826  C CA  . VAL A 1 108 ? -0.050  -0.807  8.842   1.00 10.34 ? 108 VAL A CA  1 
ATOM   827  C C   . VAL A 1 108 ? 0.709   -1.315  10.057  1.00 11.64 ? 108 VAL A C   1 
ATOM   828  O O   . VAL A 1 108 ? 0.233   -1.187  11.199  1.00 12.55 ? 108 VAL A O   1 
ATOM   829  C CB  . VAL A 1 108 ? 0.642   0.537   8.299   1.00 10.73 ? 108 VAL A CB  1 
ATOM   830  C CG1 . VAL A 1 108 ? -0.023  1.011   6.982   1.00 9.23  ? 108 VAL A CG1 1 
ATOM   831  C CG2 . VAL A 1 108 ? 0.564   1.664   9.346   1.00 11.59 ? 108 VAL A CG2 1 
ATOM   832  N N   . ALA A 1 109 ? 1.840   -1.961  9.793   1.00 12.70 ? 109 ALA A N   1 
ATOM   833  C CA  . ALA A 1 109 ? 2.741   -2.430  10.846  1.00 12.92 ? 109 ALA A CA  1 
ATOM   834  C C   . ALA A 1 109 ? 3.896   -1.408  10.894  1.00 12.58 ? 109 ALA A C   1 
ATOM   835  O O   . ALA A 1 109 ? 4.475   -1.024  9.858   1.00 12.52 ? 109 ALA A O   1 
ATOM   836  C CB  . ALA A 1 109 ? 3.279   -3.868  10.526  1.00 12.64 ? 109 ALA A CB  1 
ATOM   837  N N   . CYS A 1 110 ? 4.244   -0.994  12.111  1.00 14.11 ? 110 CYS A N   1 
ATOM   838  C CA  . CYS A 1 110 ? 5.307   -0.023  12.334  1.00 14.31 ? 110 CYS A CA  1 
ATOM   839  C C   . CYS A 1 110 ? 6.506   -0.596  13.049  1.00 15.89 ? 110 CYS A C   1 
ATOM   840  O O   . CYS A 1 110 ? 6.365   -1.445  13.923  1.00 13.95 ? 110 CYS A O   1 
ATOM   841  C CB  . CYS A 1 110 ? 4.754   1.112   13.163  1.00 13.86 ? 110 CYS A CB  1 
ATOM   842  S SG  . CYS A 1 110 ? 3.317   1.853   12.344  1.00 14.44 ? 110 CYS A SG  1 
ATOM   843  N N   . GLU A 1 111 ? 7.679   -0.081  12.706  1.00 17.76 ? 111 GLU A N   1 
ATOM   844  C CA  . GLU A 1 111 ? 8.926   -0.517  13.328  1.00 21.06 ? 111 GLU A CA  1 
ATOM   845  C C   . GLU A 1 111 ? 10.003  0.549   13.250  1.00 20.98 ? 111 GLU A C   1 
ATOM   846  O O   . GLU A 1 111 ? 9.925   1.429   12.421  1.00 18.79 ? 111 GLU A O   1 
ATOM   847  C CB  . GLU A 1 111 ? 9.514   -1.727  12.606  1.00 23.88 ? 111 GLU A CB  1 
ATOM   848  C CG  . GLU A 1 111 ? 8.779   -3.058  12.718  1.00 29.12 ? 111 GLU A CG  1 
ATOM   849  C CD  . GLU A 1 111 ? 9.480   -4.125  11.873  1.00 32.39 ? 111 GLU A CD  1 
ATOM   850  O OE1 . GLU A 1 111 ? 8.833   -5.122  11.470  1.00 33.60 ? 111 GLU A OE1 1 
ATOM   851  O OE2 . GLU A 1 111 ? 10.690  -3.943  11.575  1.00 34.95 ? 111 GLU A OE2 1 
ATOM   852  N N   . GLY A 1 112 ? 11.024  0.407   14.104  1.00 20.54 ? 112 GLY A N   1 
ATOM   853  C CA  . GLY A 1 112 ? 12.184  1.267   14.088  1.00 16.61 ? 112 GLY A CA  1 
ATOM   854  C C   . GLY A 1 112 ? 12.107  2.510   14.903  1.00 15.34 ? 112 GLY A C   1 
ATOM   855  O O   . GLY A 1 112 ? 11.216  2.717   15.700  1.00 14.42 ? 112 GLY A O   1 
ATOM   856  N N   . ASN A 1 113 ? 13.126  3.322   14.719  1.00 20.57 ? 113 ASN A N   1 
ATOM   857  C CA  . ASN A 1 113 ? 13.228  4.597   15.390  1.00 25.03 ? 113 ASN A CA  1 
ATOM   858  C C   . ASN A 1 113 ? 13.909  5.536   14.379  1.00 25.26 ? 113 ASN A C   1 
ATOM   859  O O   . ASN A 1 113 ? 15.063  5.308   14.022  1.00 28.29 ? 113 ASN A O   1 
ATOM   860  C CB  . ASN A 1 113 ? 14.067  4.456   16.645  1.00 30.28 ? 113 ASN A CB  1 
ATOM   861  C CG  . ASN A 1 113 ? 14.195  5.745   17.367  1.00 34.89 ? 113 ASN A CG  1 
ATOM   862  O OD1 . ASN A 1 113 ? 15.239  6.406   17.313  1.00 39.11 ? 113 ASN A OD1 1 
ATOM   863  N ND2 . ASN A 1 113 ? 13.103  6.168   17.991  1.00 37.90 ? 113 ASN A ND2 1 
ATOM   864  N N   . PRO A 1 114 ? 13.171  6.547   13.831  1.00 23.34 ? 114 PRO A N   1 
ATOM   865  C CA  . PRO A 1 114 ? 11.758  6.830   14.122  1.00 21.09 ? 114 PRO A CA  1 
ATOM   866  C C   . PRO A 1 114 ? 10.828  5.627   13.820  1.00 17.87 ? 114 PRO A C   1 
ATOM   867  O O   . PRO A 1 114 ? 11.143  4.765   13.000  1.00 18.03 ? 114 PRO A O   1 
ATOM   868  C CB  . PRO A 1 114 ? 11.468  8.070   13.246  1.00 19.61 ? 114 PRO A CB  1 
ATOM   869  C CG  . PRO A 1 114 ? 12.430  7.941   12.135  1.00 21.63 ? 114 PRO A CG  1 
ATOM   870  C CD  . PRO A 1 114 ? 13.682  7.476   12.801  1.00 21.85 ? 114 PRO A CD  1 
ATOM   871  N N   . TYR A 1 115 ? 9.728   5.550   14.546  1.00 16.83 ? 115 TYR A N   1 
ATOM   872  C CA  . TYR A 1 115 ? 8.762   4.465   14.419  1.00 15.29 ? 115 TYR A CA  1 
ATOM   873  C C   . TYR A 1 115 ? 7.907   4.749   13.179  1.00 15.63 ? 115 TYR A C   1 
ATOM   874  O O   . TYR A 1 115 ? 6.977   5.554   13.238  1.00 15.93 ? 115 TYR A O   1 
ATOM   875  C CB  . TYR A 1 115 ? 7.903   4.481   15.678  1.00 15.14 ? 115 TYR A CB  1 
ATOM   876  C CG  . TYR A 1 115 ? 7.119   3.214   15.976  1.00 14.40 ? 115 TYR A CG  1 
ATOM   877  C CD1 . TYR A 1 115 ? 7.735   1.951   15.964  1.00 13.88 ? 115 TYR A CD1 1 
ATOM   878  C CD2 . TYR A 1 115 ? 5.779   3.290   16.314  1.00 12.08 ? 115 TYR A CD2 1 
ATOM   879  C CE1 . TYR A 1 115 ? 7.020   0.808   16.286  1.00 15.07 ? 115 TYR A CE1 1 
ATOM   880  C CE2 . TYR A 1 115 ? 5.063   2.158   16.634  1.00 16.73 ? 115 TYR A CE2 1 
ATOM   881  C CZ  . TYR A 1 115 ? 5.688   0.913   16.619  1.00 16.26 ? 115 TYR A CZ  1 
ATOM   882  O OH  . TYR A 1 115 ? 4.949   -0.207  16.923  1.00 18.04 ? 115 TYR A OH  1 
ATOM   883  N N   . VAL A 1 116 ? 8.182   4.044   12.088  1.00 12.70 ? 116 VAL A N   1 
ATOM   884  C CA  . VAL A 1 116 ? 7.481   4.283   10.831  1.00 13.29 ? 116 VAL A CA  1 
ATOM   885  C C   . VAL A 1 116 ? 6.820   3.030   10.218  1.00 14.05 ? 116 VAL A C   1 
ATOM   886  O O   . VAL A 1 116 ? 7.104   1.911   10.650  1.00 12.31 ? 116 VAL A O   1 
ATOM   887  C CB  . VAL A 1 116 ? 8.501   4.899   9.800   1.00 12.52 ? 116 VAL A CB  1 
ATOM   888  C CG1 . VAL A 1 116 ? 8.997   6.236   10.297  1.00 14.19 ? 116 VAL A CG1 1 
ATOM   889  C CG2 . VAL A 1 116 ? 9.706   3.975   9.570   1.00 11.65 ? 116 VAL A CG2 1 
ATOM   890  N N   . PRO A 1 117 ? 5.866   3.204   9.263   1.00 14.39 ? 117 PRO A N   1 
ATOM   891  C CA  . PRO A 1 117 ? 5.218   2.034   8.631   1.00 13.66 ? 117 PRO A CA  1 
ATOM   892  C C   . PRO A 1 117 ? 6.231   1.223   7.799   1.00 14.78 ? 117 PRO A C   1 
ATOM   893  O O   . PRO A 1 117 ? 7.071   1.773   7.052   1.00 14.77 ? 117 PRO A O   1 
ATOM   894  C CB  . PRO A 1 117 ? 4.170   2.671   7.690   1.00 14.16 ? 117 PRO A CB  1 
ATOM   895  C CG  . PRO A 1 117 ? 3.815   3.963   8.370   1.00 14.33 ? 117 PRO A CG  1 
ATOM   896  C CD  . PRO A 1 117 ? 5.196   4.453   8.840   1.00 13.99 ? 117 PRO A CD  1 
ATOM   897  N N   . VAL A 1 118 ? 6.145   -0.095  7.905   1.00 14.16 ? 118 VAL A N   1 
ATOM   898  C CA  . VAL A 1 118 ? 7.037   -0.966  7.148   1.00 14.65 ? 118 VAL A CA  1 
ATOM   899  C C   . VAL A 1 118 ? 6.247   -2.060  6.392   1.00 13.84 ? 118 VAL A C   1 
ATOM   900  O O   . VAL A 1 118 ? 6.812   -2.797  5.596   1.00 14.27 ? 118 VAL A O   1 
ATOM   901  C CB  . VAL A 1 118 ? 8.071   -1.646  8.076   1.00 13.41 ? 118 VAL A CB  1 
ATOM   902  C CG1 . VAL A 1 118 ? 9.013   -0.601  8.675   1.00 12.07 ? 118 VAL A CG1 1 
ATOM   903  C CG2 . VAL A 1 118 ? 7.331   -2.426  9.163   1.00 12.24 ? 118 VAL A CG2 1 
ATOM   904  N N   . HIS A 1 119 ? 4.938   -2.140  6.608   1.00 12.13 ? 119 HIS A N   1 
ATOM   905  C CA  . HIS A 1 119 ? 4.131   -3.157  5.943   1.00 13.79 ? 119 HIS A CA  1 
ATOM   906  C C   . HIS A 1 119 ? 2.679   -2.690  5.899   1.00 10.29 ? 119 HIS A C   1 
ATOM   907  O O   . HIS A 1 119 ? 2.181   -2.110  6.855   1.00 11.21 ? 119 HIS A O   1 
ATOM   908  C CB  . HIS A 1 119 ? 4.299   -4.508  6.733   1.00 15.20 ? 119 HIS A CB  1 
ATOM   909  C CG  . HIS A 1 119 ? 3.137   -5.459  6.626   1.00 16.51 ? 119 HIS A CG  1 
ATOM   910  N ND1 . HIS A 1 119 ? 2.924   -6.267  5.526   1.00 18.08 ? 119 HIS A ND1 1 
ATOM   911  C CD2 . HIS A 1 119 ? 2.098   -5.697  7.469   1.00 18.53 ? 119 HIS A CD2 1 
ATOM   912  C CE1 . HIS A 1 119 ? 1.801   -6.951  5.685   1.00 18.42 ? 119 HIS A CE1 1 
ATOM   913  N NE2 . HIS A 1 119 ? 1.279   -6.624  6.858   1.00 19.20 ? 119 HIS A NE2 1 
ATOM   914  N N   . PHE A 1 120 ? 2.016   -2.923  4.779   1.00 11.43 ? 120 PHE A N   1 
ATOM   915  C CA  . PHE A 1 120 ? 0.608   -2.591  4.660   1.00 12.26 ? 120 PHE A CA  1 
ATOM   916  C C   . PHE A 1 120 ? -0.149  -3.883  5.001   1.00 12.28 ? 120 PHE A C   1 
ATOM   917  O O   . PHE A 1 120 ? 0.027   -4.903  4.334   1.00 11.31 ? 120 PHE A O   1 
ATOM   918  C CB  . PHE A 1 120 ? 0.258   -2.131  3.229   1.00 12.75 ? 120 PHE A CB  1 
ATOM   919  C CG  . PHE A 1 120 ? -1.133  -1.567  3.114   1.00 12.22 ? 120 PHE A CG  1 
ATOM   920  C CD1 . PHE A 1 120 ? -2.230  -2.416  2.932   1.00 12.03 ? 120 PHE A CD1 1 
ATOM   921  C CD2 . PHE A 1 120 ? -1.355  -0.189  3.238   1.00 11.65 ? 120 PHE A CD2 1 
ATOM   922  C CE1 . PHE A 1 120 ? -3.522  -1.903  2.882   1.00 12.41 ? 120 PHE A CE1 1 
ATOM   923  C CE2 . PHE A 1 120 ? -2.651  0.332   3.187   1.00 10.91 ? 120 PHE A CE2 1 
ATOM   924  C CZ  . PHE A 1 120 ? -3.727  -0.519  3.014   1.00 10.26 ? 120 PHE A CZ  1 
ATOM   925  N N   . ASP A 1 121 ? -0.988  -3.839  6.032   1.00 13.32 ? 121 ASP A N   1 
ATOM   926  C CA  . ASP A 1 121 ? -1.713  -5.022  6.446   1.00 13.86 ? 121 ASP A CA  1 
ATOM   927  C C   . ASP A 1 121 ? -3.097  -5.165  5.834   1.00 15.20 ? 121 ASP A C   1 
ATOM   928  O O   . ASP A 1 121 ? -3.459  -6.243  5.375   1.00 17.33 ? 121 ASP A O   1 
ATOM   929  C CB  . ASP A 1 121 ? -1.799  -5.051  7.977   1.00 15.00 ? 121 ASP A CB  1 
ATOM   930  C CG  . ASP A 1 121 ? -1.939  -6.485  8.550   1.00 17.23 ? 121 ASP A CG  1 
ATOM   931  O OD1 . ASP A 1 121 ? -1.081  -7.339  8.227   1.00 17.92 ? 121 ASP A OD1 1 
ATOM   932  O OD2 . ASP A 1 121 ? -2.891  -6.748  9.317   1.00 14.58 ? 121 ASP A OD2 1 
ATOM   933  N N   . ALA A 1 122 ? -3.872  -4.087  5.794   1.00 14.96 ? 122 ALA A N   1 
ATOM   934  C CA  . ALA A 1 122 ? -5.216  -4.187  5.288   1.00 14.67 ? 122 ALA A CA  1 
ATOM   935  C C   . ALA A 1 122 ? -5.921  -2.836  5.299   1.00 15.56 ? 122 ALA A C   1 
ATOM   936  O O   . ALA A 1 122 ? -5.450  -1.877  5.893   1.00 13.33 ? 122 ALA A O   1 
ATOM   937  C CB  . ALA A 1 122 ? -5.983  -5.144  6.173   1.00 16.24 ? 122 ALA A CB  1 
ATOM   938  N N   . SER A 1 123 ? -7.062  -2.775  4.639   1.00 16.38 ? 123 SER A N   1 
ATOM   939  C CA  . SER A 1 123 ? -7.858  -1.569  4.627   1.00 18.76 ? 123 SER A CA  1 
ATOM   940  C C   . SER A 1 123 ? -9.209  -2.027  5.120   1.00 19.22 ? 123 SER A C   1 
ATOM   941  O O   . SER A 1 123 ? -9.644  -3.129  4.804   1.00 22.85 ? 123 SER A O   1 
ATOM   942  C CB  . SER A 1 123 ? -7.922  -0.960  3.212   1.00 19.36 ? 123 SER A CB  1 
ATOM   943  O OG  . SER A 1 123 ? -8.404  -1.870  2.235   1.00 24.10 ? 123 SER A OG  1 
ATOM   944  N N   . VAL A 1 124 ? -9.840  -1.241  5.968   1.00 20.03 ? 124 VAL A N   1 
ATOM   945  C CA  . VAL A 1 124 ? -11.147 -1.607  6.502   1.00 22.59 ? 124 VAL A CA  1 
ATOM   946  C C   . VAL A 1 124 ? -12.132 -0.432  6.473   1.00 25.25 ? 124 VAL A C   1 
ATOM   947  O O   . VAL A 1 124 ? -13.328 -0.666  6.709   1.00 29.02 ? 124 VAL A O   1 
ATOM   948  C CB  . VAL A 1 124 ? -11.023 -2.152  7.952   1.00 23.35 ? 124 VAL A CB  1 
ATOM   949  C CG1 . VAL A 1 124 ? -10.215 -3.455  7.948   1.00 22.12 ? 124 VAL A CG1 1 
ATOM   950  C CG2 . VAL A 1 124 ? -10.362 -1.103  8.861   1.00 23.35 ? 124 VAL A CG2 1 
ATOM   951  O OXT . VAL A 1 124 ? -11.728 0.718   6.234   1.00 24.29 ? 124 VAL A OXT 1 
HETATM 952  S S   . SO4 B 2 .   ? 3.652   -5.242  1.904   1.00 24.70 ? 125 SO4 A S   1 
HETATM 953  O O1  . SO4 B 2 .   ? 3.023   -6.123  2.844   1.00 26.77 ? 125 SO4 A O1  1 
HETATM 954  O O2  . SO4 B 2 .   ? 2.729   -5.301  0.790   1.00 24.34 ? 125 SO4 A O2  1 
HETATM 955  O O3  . SO4 B 2 .   ? 3.679   -3.943  2.617   1.00 18.66 ? 125 SO4 A O3  1 
HETATM 956  O O4  . SO4 B 2 .   ? 4.954   -5.843  1.512   1.00 22.50 ? 125 SO4 A O4  1 
HETATM 957  N N1G . U2G C 3 .   ? -0.091  -5.660  0.726   1.00 25.77 ? 130 U2G A N1G 1 
HETATM 958  C C2G . U2G C 3 .   ? -0.347  -6.868  1.308   1.00 28.90 ? 130 U2G A C2G 1 
HETATM 959  N N2G . U2G C 3 .   ? 0.715   -7.568  1.736   1.00 30.48 ? 130 U2G A N2G 1 
HETATM 960  N N3G . U2G C 3 .   ? -1.557  -7.356  1.473   1.00 29.23 ? 130 U2G A N3G 1 
HETATM 961  C C4G . U2G C 3 .   ? -2.505  -6.506  1.045   1.00 30.33 ? 130 U2G A C4G 1 
HETATM 962  C C5G . U2G C 3 .   ? -2.353  -5.262  0.489   1.00 27.01 ? 130 U2G A C5G 1 
HETATM 963  C C6G . U2G C 3 .   ? -1.056  -4.775  0.284   1.00 24.16 ? 130 U2G A C6G 1 
HETATM 964  O O6G . U2G C 3 .   ? -0.713  -3.726  -0.221  1.00 19.60 ? 130 U2G A O6G 1 
HETATM 965  N N7G . U2G C 3 .   ? -3.582  -4.689  0.230   1.00 28.39 ? 130 U2G A N7G 1 
HETATM 966  C C8G . U2G C 3 .   ? -4.448  -5.588  0.593   1.00 31.02 ? 130 U2G A C8G 1 
HETATM 967  N N9G . U2G C 3 .   ? -3.855  -6.739  1.056   1.00 34.77 ? 130 U2G A N9G 1 
HETATM 968  C C1B . U2G C 3 .   ? -4.503  -7.996  1.428   1.00 42.51 ? 130 U2G A C1B 1 
HETATM 969  C C2B . U2G C 3 .   ? -4.423  -8.329  2.912   1.00 46.61 ? 130 U2G A C2B 1 
HETATM 970  O O2B . U2G C 3 .   ? -4.378  -9.743  3.030   1.00 49.55 ? 130 U2G A O2B 1 
HETATM 971  C C3B . U2G C 3 .   ? -5.680  -7.630  3.434   1.00 48.38 ? 130 U2G A C3B 1 
HETATM 972  O O3B . U2G C 3 .   ? -6.182  -8.158  4.658   1.00 50.36 ? 130 U2G A O3B 1 
HETATM 973  C C4B . U2G C 3 .   ? -6.682  -7.814  2.299   1.00 48.72 ? 130 U2G A C4B 1 
HETATM 974  O O4B . U2G C 3 .   ? -5.883  -7.932  1.086   1.00 47.13 ? 130 U2G A O4B 1 
HETATM 975  C C5B . U2G C 3 .   ? -7.657  -6.653  2.157   1.00 50.65 ? 130 U2G A C5B 1 
HETATM 976  O O5B . U2G C 3 .   ? -6.941  -5.378  2.137   1.00 49.25 ? 130 U2G A O5B 1 
HETATM 977  O O   . HOH D 4 .   ? -4.797  -1.454  -14.146 1.00 12.80 ? 201 HOH A O   1 
HETATM 978  O O   . HOH D 4 .   ? -8.283  5.688   -6.138  1.00 14.98 ? 202 HOH A O   1 
HETATM 979  O O   . HOH D 4 .   ? -2.862  13.687  3.173   1.00 15.74 ? 204 HOH A O   1 
HETATM 980  O O   . HOH D 4 .   ? 13.397  2.905   -2.702  1.00 24.37 ? 205 HOH A O   1 
HETATM 981  O O   . HOH D 4 .   ? 7.728   4.170   5.518   1.00 15.97 ? 206 HOH A O   1 
HETATM 982  O O   . HOH D 4 .   ? -9.500  6.737   -3.984  1.00 15.93 ? 209 HOH A O   1 
HETATM 983  O O   . HOH D 4 .   ? 16.946  2.690   1.350   1.00 29.13 ? 210 HOH A O   1 
HETATM 984  O O   . HOH D 4 .   ? -8.880  -3.985  -7.602  1.00 14.54 ? 211 HOH A O   1 
HETATM 985  O O   . HOH D 4 .   ? 17.900  -3.254  -2.178  1.00 21.07 ? 212 HOH A O   1 
HETATM 986  O O   . HOH D 4 .   ? 11.376  4.499   -1.722  1.00 22.71 ? 213 HOH A O   1 
HETATM 987  O O   . HOH D 4 .   ? -0.027  -9.615  9.279   1.00 22.68 ? 214 HOH A O   1 
HETATM 988  O O   . HOH D 4 .   ? 4.868   14.656  4.128   1.00 23.07 ? 215 HOH A O   1 
HETATM 989  O O   . HOH D 4 .   ? -5.850  8.975   10.369  1.00 27.51 ? 216 HOH A O   1 
HETATM 990  O O   . HOH D 4 .   ? 4.510   9.386   -3.176  1.00 22.74 ? 217 HOH A O   1 
HETATM 991  O O   . HOH D 4 .   ? 11.943  1.103   10.248  1.00 26.59 ? 218 HOH A O   1 
HETATM 992  O O   . HOH D 4 .   ? 1.986   -4.392  -14.493 1.00 30.27 ? 219 HOH A O   1 
HETATM 993  O O   . HOH D 4 .   ? 4.441   -16.700 -17.351 1.00 24.44 ? 220 HOH A O   1 
HETATM 994  O O   . HOH D 4 .   ? 2.221   -15.140 -13.973 1.00 29.03 ? 221 HOH A O   1 
HETATM 995  O O   . HOH D 4 .   ? -8.934  12.604  -2.580  1.00 76.75 ? 222 HOH A O   1 
HETATM 996  O O   . HOH D 4 .   ? -8.820  3.666   -19.030 1.00 23.59 ? 223 HOH A O   1 
HETATM 997  O O   . HOH D 4 .   ? 8.586   -8.887  -8.036  1.00 34.84 ? 224 HOH A O   1 
HETATM 998  O O   . HOH D 4 .   ? 5.962   -2.363  2.429   1.00 19.35 ? 229 HOH A O   1 
HETATM 999  O O   . HOH D 4 .   ? -3.525  -13.749 -8.634  1.00 41.94 ? 231 HOH A O   1 
HETATM 1000 O O   . HOH D 4 .   ? 7.749   -8.019  -15.235 1.00 30.80 ? 233 HOH A O   1 
HETATM 1001 O O   . HOH D 4 .   ? 20.019  2.421   1.618   1.00 44.38 ? 238 HOH A O   1 
HETATM 1002 O O   . HOH D 4 .   ? 2.387   -8.318  10.047  1.00 34.09 ? 242 HOH A O   1 
HETATM 1003 O O   . HOH D 4 .   ? 10.339  -1.371  16.784  1.00 46.32 ? 246 HOH A O   1 
HETATM 1004 O O   . HOH D 4 .   ? -8.985  11.436  1.774   1.00 35.40 ? 247 HOH A O   1 
HETATM 1005 O O   . HOH D 4 .   ? 7.949   13.160  7.008   1.00 40.57 ? 248 HOH A O   1 
HETATM 1006 O O   . HOH D 4 .   ? 6.126   12.025  10.377  1.00 29.10 ? 252 HOH A O   1 
HETATM 1007 O O   . HOH D 4 .   ? 3.564   -13.199 -21.164 1.00 46.46 ? 253 HOH A O   1 
HETATM 1008 O O   . HOH D 4 .   ? 12.582  -2.010  10.297  1.00 41.19 ? 256 HOH A O   1 
HETATM 1009 O O   . HOH D 4 .   ? -15.886 5.336   -3.540  1.00 52.57 ? 276 HOH A O   1 
HETATM 1010 O O   . HOH D 4 .   ? -9.448  -9.252  -9.874  1.00 35.57 ? 277 HOH A O   1 
HETATM 1011 O O   . HOH D 4 .   ? -0.640  5.659   -13.889 1.00 49.72 ? 280 HOH A O   1 
HETATM 1012 O O   . HOH D 4 .   ? -3.727  6.250   -14.878 1.00 40.68 ? 284 HOH A O   1 
HETATM 1013 O O   . HOH D 4 .   ? -8.799  -1.829  -14.000 1.00 18.24 ? 293 HOH A O   1 
HETATM 1014 O O   . HOH D 4 .   ? 6.312   -5.776  11.359  1.00 29.10 ? 295 HOH A O   1 
HETATM 1015 O O   . HOH D 4 .   ? -4.216  2.966   20.645  1.00 37.50 ? 296 HOH A O   1 
HETATM 1016 O O   . HOH D 4 .   ? 6.607   6.041   -9.862  1.00 45.63 ? 297 HOH A O   1 
HETATM 1017 O O   . HOH D 4 .   ? 12.773  7.957   1.670   1.00 65.26 ? 305 HOH A O   1 
HETATM 1018 O O   . HOH D 4 .   ? 9.651   5.074   -8.438  1.00 40.05 ? 306 HOH A O   1 
HETATM 1019 O O   . HOH D 4 .   ? 10.529  -5.138  -5.756  1.00 46.69 ? 312 HOH A O   1 
HETATM 1020 O O   . HOH D 4 .   ? 4.302   13.661  0.978   1.00 25.21 ? 326 HOH A O   1 
HETATM 1021 O O   . HOH D 4 .   ? 8.230   -4.027  -12.519 1.00 23.12 ? 327 HOH A O   1 
HETATM 1022 O O   . HOH D 4 .   ? 13.292  0.756   7.994   1.00 25.38 ? 337 HOH A O   1 
HETATM 1023 O O   . HOH D 4 .   ? 7.264   7.783   -1.397  1.00 76.87 ? 344 HOH A O   1 
HETATM 1024 O O   . HOH D 4 .   ? 2.956   4.802   18.796  1.00 41.72 ? 346 HOH A O   1 
HETATM 1025 O O   . HOH D 4 .   ? 0.666   8.275   -10.053 1.00 32.61 ? 348 HOH A O   1 
HETATM 1026 O O   . HOH D 4 .   ? 0.293   -9.387  -2.186  1.00 27.20 ? 358 HOH A O   1 
HETATM 1027 O O   . HOH D 4 .   ? 4.491   8.170   -9.087  1.00 60.63 ? 361 HOH A O   1 
HETATM 1028 O O   . HOH D 4 .   ? 3.934   17.185  5.138   1.00 46.74 ? 362 HOH A O   1 
HETATM 1029 O O   . HOH D 4 .   ? -5.732  0.737   20.630  1.00 44.74 ? 363 HOH A O   1 
HETATM 1030 O O   . HOH D 4 .   ? 10.963  9.497   3.909   1.00 41.51 ? 365 HOH A O   1 
HETATM 1031 O O   . HOH D 4 .   ? -1.469  10.908  14.999  1.00 35.87 ? 366 HOH A O   1 
HETATM 1032 O O   . HOH D 4 .   ? -4.350  8.957   -10.865 1.00 36.43 ? 367 HOH A O   1 
HETATM 1033 O O   . HOH D 4 .   ? -3.687  -16.282 -15.958 1.00 53.73 ? 368 HOH A O   1 
HETATM 1034 O O   . HOH D 4 .   ? -7.204  -7.323  13.790  1.00 46.49 ? 369 HOH A O   1 
HETATM 1035 O O   . HOH D 4 .   ? -5.682  -10.825 14.773  1.00 44.92 ? 370 HOH A O   1 
HETATM 1036 O O   . HOH D 4 .   ? 6.762   -11.685 13.412  1.00 15.80 ? 371 HOH A O   1 
HETATM 1037 O O   . HOH D 4 .   ? -3.087  10.430  9.684   1.00 23.18 ? 372 HOH A O   1 
HETATM 1038 O O   . HOH D 4 .   ? 8.728   -2.868  3.850   1.00 24.72 ? 373 HOH A O   1 
HETATM 1039 O O   . HOH D 4 .   ? 16.067  3.589   -1.050  1.00 29.57 ? 374 HOH A O   1 
HETATM 1040 O O   . HOH D 4 .   ? -6.217  -4.646  -16.589 1.00 39.47 ? 375 HOH A O   1 
HETATM 1041 O O   . HOH D 4 .   ? -6.754  -2.722  0.046   1.00 36.00 ? 376 HOH A O   1 
HETATM 1042 O O   . HOH D 4 .   ? 12.840  3.717   11.126  1.00 34.25 ? 377 HOH A O   1 
HETATM 1043 O O   . HOH D 4 .   ? -5.497  -6.435  10.590  1.00 36.11 ? 378 HOH A O   1 
HETATM 1044 O O   . HOH D 4 .   ? -6.239  12.201  -2.020  1.00 29.58 ? 379 HOH A O   1 
HETATM 1045 O O   . HOH D 4 .   ? 4.208   -5.799  -15.335 1.00 35.29 ? 380 HOH A O   1 
HETATM 1046 O O   . HOH D 4 .   ? 2.554   -17.700 -15.720 1.00 43.18 ? 381 HOH A O   1 
HETATM 1047 O O   . HOH D 4 .   ? -13.807 2.454   6.154   1.00 46.15 ? 382 HOH A O   1 
HETATM 1048 O O   . HOH D 4 .   ? 0.215   -14.420 -12.610 1.00 33.45 ? 383 HOH A O   1 
# 
